data_1O7X
#
_entry.id   1O7X
#
_cell.length_a   77.340
_cell.length_b   97.860
_cell.length_c   119.330
_cell.angle_alpha   90.00
_cell.angle_beta   107.60
_cell.angle_gamma   90.00
#
_symmetry.space_group_name_H-M   'P 1 21 1'
#
_entity_poly.entity_id   1
_entity_poly.type   'polypeptide(L)'
_entity_poly.pdbx_seq_one_letter_code
;MSVVSKGLENVIIKVTNLTFIDGEKGILRYRGYNIEDLVNYGSYEETIYLMLYGKLPTKKELNDLKAKLNEEYEVPQEVL
DTIYLMPKEADAIGLLEVGTAALASIDKNFKWKENDKEKAISIIAKMATLVANVYRRKEGNKPRIPEPSDSFAKSFLLAS
FAREPTTDEINAMDKALILYTDHEVPASTTAALVAASTLSDMYSSLTAALAALKGPLHGGAAEEAFKQFIEIGDPNRVQN
WFNDKVVNQKNRLMGFGHRVYKTYDPRAKIFKKLALTLIERNADARRYFEIAQKLEELGIKQFSSKGIYPNTDFYSGIVF
YALGFPVYMFTALFALSRTLGWLAHIIEYVEEQHRLIRPRALYVGPEYQEYVSIDKR
;
_entity_poly.pdbx_strand_id   A,B,C,D
#
# COMPACT_ATOMS: atom_id res chain seq x y z
N VAL A 3 -19.17 -38.13 35.65
CA VAL A 3 -17.75 -37.87 36.06
C VAL A 3 -16.86 -37.75 34.82
N VAL A 4 -17.03 -38.64 33.84
CA VAL A 4 -16.32 -38.59 32.57
C VAL A 4 -16.92 -37.50 31.70
N SER A 5 -16.12 -36.74 30.97
CA SER A 5 -16.65 -35.75 30.02
C SER A 5 -16.64 -36.33 28.61
N LYS A 6 -17.53 -37.30 28.39
CA LYS A 6 -17.74 -37.99 27.14
C LYS A 6 -17.56 -37.04 25.97
N GLY A 7 -16.71 -37.37 25.00
CA GLY A 7 -16.45 -36.54 23.86
C GLY A 7 -15.86 -35.20 24.18
N LEU A 8 -15.61 -34.81 25.41
CA LEU A 8 -15.14 -33.52 25.83
C LEU A 8 -16.18 -32.45 25.47
N GLU A 9 -17.43 -32.82 25.29
CA GLU A 9 -18.45 -31.90 24.83
C GLU A 9 -18.60 -30.60 25.57
N ASN A 10 -18.88 -30.57 26.85
CA ASN A 10 -19.04 -29.24 27.46
C ASN A 10 -17.76 -28.68 28.00
N VAL A 11 -16.59 -29.07 27.50
CA VAL A 11 -15.32 -28.59 28.01
C VAL A 11 -14.73 -27.41 27.27
N ILE A 12 -14.37 -26.38 28.05
CA ILE A 12 -13.75 -25.24 27.36
C ILE A 12 -12.24 -25.47 27.41
N ILE A 13 -11.74 -25.84 26.23
CA ILE A 13 -10.33 -26.13 26.03
C ILE A 13 -9.51 -24.86 25.96
N LYS A 14 -10.10 -23.77 25.49
CA LYS A 14 -9.42 -22.49 25.37
C LYS A 14 -10.38 -21.33 25.15
N VAL A 15 -9.87 -20.11 25.35
CA VAL A 15 -10.68 -18.95 24.97
C VAL A 15 -10.14 -18.52 23.61
N THR A 16 -10.87 -17.71 22.83
CA THR A 16 -10.31 -17.32 21.52
C THR A 16 -10.84 -16.00 20.99
N ASN A 17 -10.00 -15.32 20.23
CA ASN A 17 -10.42 -14.08 19.58
C ASN A 17 -10.59 -14.38 18.08
N LEU A 18 -10.43 -15.64 17.70
CA LEU A 18 -10.54 -15.91 16.27
C LEU A 18 -11.95 -16.03 15.74
N THR A 19 -12.83 -16.90 16.19
CA THR A 19 -14.06 -17.08 15.40
C THR A 19 -15.28 -17.02 16.29
N PHE A 20 -16.27 -16.26 15.85
CA PHE A 20 -17.50 -16.13 16.63
C PHE A 20 -18.67 -16.62 15.80
N ILE A 21 -19.49 -17.48 16.40
CA ILE A 21 -20.63 -18.08 15.74
C ILE A 21 -21.90 -17.82 16.54
N ASP A 22 -22.98 -17.51 15.84
CA ASP A 22 -24.28 -17.31 16.48
C ASP A 22 -25.22 -18.29 15.80
N GLY A 23 -25.59 -19.41 16.41
CA GLY A 23 -26.35 -20.43 15.74
C GLY A 23 -27.85 -20.25 15.58
N GLU A 24 -28.40 -19.20 16.17
CA GLU A 24 -29.80 -18.86 16.10
C GLU A 24 -30.00 -17.86 14.95
N LYS A 25 -29.12 -16.88 14.93
CA LYS A 25 -29.12 -15.82 13.96
C LYS A 25 -28.34 -16.18 12.70
N GLY A 26 -27.54 -17.23 12.78
CA GLY A 26 -26.71 -17.61 11.64
C GLY A 26 -25.63 -16.56 11.38
N ILE A 27 -24.90 -16.11 12.40
CA ILE A 27 -23.82 -15.14 12.21
C ILE A 27 -22.44 -15.77 12.36
N LEU A 28 -21.63 -15.70 11.30
CA LEU A 28 -20.27 -16.20 11.36
C LEU A 28 -19.28 -15.07 11.21
N ARG A 29 -18.49 -14.77 12.23
CA ARG A 29 -17.51 -13.69 12.05
C ARG A 29 -16.11 -14.15 12.43
N TYR A 30 -15.12 -13.55 11.80
CA TYR A 30 -13.72 -13.83 12.06
C TYR A 30 -13.10 -12.55 12.61
N ARG A 31 -12.72 -12.56 13.89
CA ARG A 31 -12.13 -11.42 14.56
C ARG A 31 -13.08 -10.23 14.59
N GLY A 32 -14.39 -10.43 14.70
CA GLY A 32 -15.35 -9.35 14.62
C GLY A 32 -15.91 -9.05 13.24
N TYR A 33 -15.21 -9.41 12.17
CA TYR A 33 -15.63 -9.15 10.80
C TYR A 33 -16.57 -10.19 10.23
N ASN A 34 -17.71 -9.86 9.65
CA ASN A 34 -18.61 -10.86 9.09
C ASN A 34 -18.04 -11.54 7.86
N ILE A 35 -18.44 -12.79 7.63
CA ILE A 35 -17.90 -13.51 6.47
C ILE A 35 -18.22 -12.69 5.22
N GLU A 36 -19.49 -12.30 5.12
CA GLU A 36 -19.97 -11.48 4.01
C GLU A 36 -19.02 -10.34 3.68
N ASP A 37 -18.59 -9.53 4.66
CA ASP A 37 -17.67 -8.46 4.30
C ASP A 37 -16.40 -9.00 3.69
N LEU A 38 -15.78 -10.05 4.23
CA LEU A 38 -14.56 -10.60 3.63
C LEU A 38 -14.77 -11.30 2.31
N VAL A 39 -15.80 -12.12 2.12
CA VAL A 39 -15.91 -12.74 0.77
C VAL A 39 -16.27 -11.67 -0.25
N ASN A 40 -17.14 -10.73 0.11
CA ASN A 40 -17.49 -9.62 -0.74
C ASN A 40 -16.31 -8.74 -1.17
N TYR A 41 -15.50 -8.30 -0.20
CA TYR A 41 -14.45 -7.35 -0.46
C TYR A 41 -12.99 -7.71 -0.45
N GLY A 42 -12.52 -8.65 0.38
CA GLY A 42 -11.09 -8.96 0.36
C GLY A 42 -10.83 -10.32 -0.26
N SER A 43 -9.60 -10.77 -0.15
CA SER A 43 -9.13 -12.06 -0.60
C SER A 43 -8.76 -13.03 0.54
N TYR A 44 -8.32 -14.23 0.13
CA TYR A 44 -7.82 -15.20 1.09
C TYR A 44 -6.58 -14.63 1.79
N GLU A 45 -5.70 -13.96 1.07
CA GLU A 45 -4.51 -13.32 1.59
C GLU A 45 -4.82 -12.33 2.71
N GLU A 46 -5.89 -11.56 2.57
CA GLU A 46 -6.27 -10.59 3.57
C GLU A 46 -6.77 -11.32 4.81
N THR A 47 -7.42 -12.46 4.61
CA THR A 47 -7.87 -13.31 5.71
C THR A 47 -6.68 -13.96 6.39
N ILE A 48 -5.61 -14.23 5.64
CA ILE A 48 -4.42 -14.78 6.28
C ILE A 48 -3.91 -13.71 7.24
N TYR A 49 -3.61 -12.52 6.73
CA TYR A 49 -3.17 -11.40 7.54
C TYR A 49 -3.99 -11.14 8.79
N LEU A 50 -5.30 -11.04 8.68
CA LEU A 50 -6.21 -10.78 9.77
C LEU A 50 -6.20 -11.86 10.85
N MET A 51 -6.22 -13.11 10.37
CA MET A 51 -6.26 -14.24 11.30
C MET A 51 -4.95 -14.23 12.09
N LEU A 52 -3.81 -14.10 11.42
CA LEU A 52 -2.53 -14.12 12.07
C LEU A 52 -2.11 -12.86 12.81
N TYR A 53 -2.24 -11.68 12.22
CA TYR A 53 -1.78 -10.46 12.87
C TYR A 53 -2.85 -9.76 13.70
N GLY A 54 -4.10 -10.18 13.65
CA GLY A 54 -5.17 -9.60 14.42
C GLY A 54 -5.90 -8.39 13.90
N LYS A 55 -5.64 -7.95 12.67
CA LYS A 55 -6.32 -6.79 12.11
C LYS A 55 -6.20 -6.75 10.58
N LEU A 56 -6.93 -5.81 9.97
CA LEU A 56 -6.90 -5.68 8.52
C LEU A 56 -5.60 -5.04 8.03
N PRO A 57 -5.08 -5.60 6.95
CA PRO A 57 -3.85 -5.13 6.35
C PRO A 57 -3.96 -3.76 5.71
N THR A 58 -3.01 -2.88 6.02
CA THR A 58 -2.91 -1.64 5.24
C THR A 58 -2.49 -2.12 3.85
N LYS A 59 -2.78 -1.43 2.78
CA LYS A 59 -2.37 -1.84 1.45
C LYS A 59 -0.97 -2.38 1.28
N LYS A 60 0.08 -1.90 1.95
CA LYS A 60 1.43 -2.45 1.70
C LYS A 60 1.73 -3.65 2.60
N GLU A 61 1.04 -3.70 3.74
CA GLU A 61 1.18 -4.81 4.67
C GLU A 61 0.73 -6.07 3.94
N LEU A 62 -0.43 -5.93 3.28
CA LEU A 62 -0.93 -7.03 2.49
C LEU A 62 0.02 -7.37 1.35
N ASN A 63 0.72 -6.34 0.77
CA ASN A 63 1.59 -6.66 -0.38
C ASN A 63 2.84 -7.38 0.10
N ASP A 64 3.37 -7.07 1.27
CA ASP A 64 4.55 -7.78 1.75
C ASP A 64 4.14 -9.24 2.00
N LEU A 65 3.07 -9.45 2.76
CA LEU A 65 2.60 -10.82 3.00
C LEU A 65 2.57 -11.58 1.68
N LYS A 66 1.90 -11.02 0.69
CA LYS A 66 1.77 -11.58 -0.64
C LYS A 66 3.11 -12.02 -1.20
N ALA A 67 4.10 -11.15 -1.08
CA ALA A 67 5.46 -11.42 -1.52
C ALA A 67 6.01 -12.60 -0.71
N LYS A 68 5.84 -12.50 0.60
CA LYS A 68 6.28 -13.62 1.46
C LYS A 68 5.65 -14.89 0.91
N LEU A 69 4.33 -15.03 0.80
CA LEU A 69 3.77 -16.24 0.20
C LEU A 69 4.55 -16.66 -1.03
N ASN A 70 4.61 -15.84 -2.07
CA ASN A 70 5.29 -16.09 -3.33
C ASN A 70 6.71 -16.64 -3.25
N GLU A 71 7.49 -16.33 -2.22
CA GLU A 71 8.82 -16.81 -1.99
C GLU A 71 8.86 -18.21 -1.37
N GLU A 72 7.72 -18.77 -1.01
CA GLU A 72 7.66 -19.99 -0.23
C GLU A 72 6.91 -21.18 -0.78
N TYR A 73 6.64 -21.29 -2.07
CA TYR A 73 5.91 -22.44 -2.59
C TYR A 73 6.79 -23.67 -2.77
N GLU A 74 8.04 -23.45 -3.14
CA GLU A 74 8.97 -24.55 -3.38
C GLU A 74 9.05 -25.43 -2.14
N VAL A 75 8.99 -26.74 -2.37
CA VAL A 75 9.15 -27.74 -1.36
C VAL A 75 10.32 -28.64 -1.79
N PRO A 76 11.17 -29.03 -0.85
CA PRO A 76 12.28 -29.93 -1.16
C PRO A 76 11.79 -31.10 -2.00
N GLN A 77 12.59 -31.61 -2.94
CA GLN A 77 12.16 -32.71 -3.79
C GLN A 77 11.87 -34.01 -3.06
N GLU A 78 12.42 -34.21 -1.89
CA GLU A 78 12.24 -35.40 -1.07
C GLU A 78 10.78 -35.50 -0.64
N VAL A 79 10.18 -34.40 -0.24
CA VAL A 79 8.76 -34.45 0.10
C VAL A 79 7.97 -34.93 -1.12
N LEU A 80 8.21 -34.32 -2.27
CA LEU A 80 7.47 -34.75 -3.45
C LEU A 80 7.81 -36.20 -3.77
N ASP A 81 9.07 -36.64 -3.67
CA ASP A 81 9.38 -38.04 -3.96
C ASP A 81 8.63 -38.97 -3.05
N THR A 82 8.54 -38.62 -1.79
CA THR A 82 7.81 -39.36 -0.77
C THR A 82 6.36 -39.53 -1.17
N ILE A 83 5.73 -38.45 -1.63
CA ILE A 83 4.32 -38.44 -2.02
C ILE A 83 4.21 -39.33 -3.27
N TYR A 84 5.18 -39.21 -4.16
CA TYR A 84 5.13 -40.05 -5.34
C TYR A 84 5.53 -41.49 -5.03
N LEU A 85 6.10 -41.85 -3.89
CA LEU A 85 6.35 -43.24 -3.56
C LEU A 85 5.11 -43.96 -3.04
N MET A 86 4.10 -43.28 -2.52
CA MET A 86 2.89 -43.94 -2.05
C MET A 86 1.94 -44.33 -3.19
N PRO A 87 1.05 -45.29 -2.94
CA PRO A 87 0.09 -45.74 -3.91
C PRO A 87 -0.77 -44.59 -4.42
N LYS A 88 -0.99 -44.53 -5.73
CA LYS A 88 -1.87 -43.50 -6.27
C LYS A 88 -3.27 -43.62 -5.69
N GLU A 89 -3.71 -44.80 -5.31
CA GLU A 89 -5.01 -45.02 -4.71
C GLU A 89 -5.05 -44.69 -3.22
N ALA A 90 -3.99 -44.13 -2.61
CA ALA A 90 -4.08 -43.79 -1.20
C ALA A 90 -5.13 -42.67 -1.01
N ASP A 91 -5.74 -42.61 0.16
CA ASP A 91 -6.63 -41.50 0.47
C ASP A 91 -5.74 -40.25 0.43
N ALA A 92 -6.37 -39.12 0.13
CA ALA A 92 -5.67 -37.86 -0.10
C ALA A 92 -5.22 -37.23 1.20
N ILE A 93 -6.01 -37.45 2.24
CA ILE A 93 -5.61 -36.90 3.55
C ILE A 93 -4.37 -37.63 4.05
N GLY A 94 -4.28 -38.93 3.75
CA GLY A 94 -3.20 -39.82 4.08
C GLY A 94 -1.92 -39.31 3.45
N LEU A 95 -2.05 -38.99 2.15
CA LEU A 95 -0.90 -38.48 1.41
C LEU A 95 -0.50 -37.15 2.03
N LEU A 96 -1.44 -36.31 2.46
CA LEU A 96 -1.10 -35.03 3.07
C LEU A 96 -0.30 -35.29 4.34
N GLU A 97 -0.81 -36.09 5.25
CA GLU A 97 -0.12 -36.56 6.45
C GLU A 97 1.34 -36.95 6.17
N VAL A 98 1.56 -37.77 5.14
CA VAL A 98 2.93 -38.13 4.78
C VAL A 98 3.77 -36.92 4.45
N GLY A 99 3.24 -35.98 3.66
CA GLY A 99 3.92 -34.78 3.23
C GLY A 99 4.20 -33.83 4.39
N THR A 100 3.28 -33.72 5.35
CA THR A 100 3.53 -32.80 6.47
C THR A 100 4.54 -33.40 7.43
N ALA A 101 4.47 -34.73 7.61
CA ALA A 101 5.48 -35.44 8.39
C ALA A 101 6.82 -35.30 7.67
N ALA A 102 6.84 -35.47 6.34
CA ALA A 102 8.17 -35.33 5.69
C ALA A 102 8.69 -33.93 6.00
N LEU A 103 7.96 -32.86 5.75
CA LEU A 103 8.40 -31.51 6.11
C LEU A 103 8.75 -31.28 7.58
N ALA A 104 8.05 -31.91 8.52
CA ALA A 104 8.35 -31.74 9.93
C ALA A 104 9.75 -32.22 10.27
N SER A 105 10.16 -33.35 9.69
CA SER A 105 11.46 -33.90 10.01
C SER A 105 12.57 -33.26 9.21
N ILE A 106 12.33 -32.56 8.13
CA ILE A 106 13.37 -31.86 7.39
C ILE A 106 13.66 -30.50 8.02
N ASP A 107 12.69 -29.96 8.75
CA ASP A 107 12.76 -28.64 9.36
C ASP A 107 13.46 -28.55 10.70
N LYS A 108 14.66 -29.08 10.90
CA LYS A 108 15.37 -29.01 12.16
C LYS A 108 15.63 -27.65 12.81
N ASN A 109 15.26 -26.52 12.25
CA ASN A 109 15.51 -25.20 12.80
C ASN A 109 14.23 -24.48 13.24
N PHE A 110 13.46 -25.06 14.17
CA PHE A 110 12.21 -24.39 14.56
C PHE A 110 12.16 -24.08 16.04
N LYS A 111 11.62 -22.92 16.39
CA LYS A 111 11.53 -22.49 17.78
C LYS A 111 10.25 -21.73 18.07
N TRP A 112 9.31 -22.23 18.87
CA TRP A 112 8.14 -21.44 19.19
C TRP A 112 8.55 -20.05 19.67
N LYS A 113 7.64 -19.10 19.53
CA LYS A 113 7.80 -17.76 20.02
C LYS A 113 9.07 -17.07 19.54
N GLU A 114 9.37 -17.12 18.27
CA GLU A 114 10.49 -16.43 17.67
C GLU A 114 9.78 -15.67 16.53
N ASN A 115 9.28 -16.46 15.57
CA ASN A 115 8.58 -15.89 14.44
C ASN A 115 7.41 -16.72 13.94
N ASP A 116 6.47 -17.06 14.81
CA ASP A 116 5.30 -17.86 14.50
C ASP A 116 4.56 -17.43 13.25
N LYS A 117 4.13 -16.18 13.20
CA LYS A 117 3.39 -15.61 12.07
C LYS A 117 4.08 -15.78 10.73
N GLU A 118 5.37 -15.49 10.68
CA GLU A 118 6.12 -15.64 9.44
C GLU A 118 6.20 -17.11 9.05
N LYS A 119 6.40 -17.95 10.07
CA LYS A 119 6.49 -19.40 9.89
C LYS A 119 5.16 -19.91 9.41
N ALA A 120 4.04 -19.47 9.98
CA ALA A 120 2.71 -19.92 9.54
C ALA A 120 2.48 -19.53 8.09
N ILE A 121 2.89 -18.32 7.70
CA ILE A 121 2.81 -17.85 6.32
C ILE A 121 3.57 -18.82 5.40
N SER A 122 4.76 -19.23 5.83
CA SER A 122 5.54 -20.13 4.99
C SER A 122 4.90 -21.50 4.88
N ILE A 123 4.14 -21.93 5.87
CA ILE A 123 3.44 -23.20 5.88
C ILE A 123 2.22 -23.18 4.99
N ILE A 124 1.48 -22.09 4.99
CA ILE A 124 0.27 -21.96 4.16
C ILE A 124 0.62 -22.19 2.69
N ALA A 125 1.69 -21.57 2.22
CA ALA A 125 2.17 -21.69 0.86
C ALA A 125 2.64 -23.12 0.54
N LYS A 126 3.35 -23.76 1.48
CA LYS A 126 3.77 -25.14 1.18
C LYS A 126 2.56 -26.06 1.18
N MET A 127 1.51 -25.77 1.95
CA MET A 127 0.31 -26.59 1.91
C MET A 127 -0.33 -26.52 0.51
N ALA A 128 -0.39 -25.33 -0.08
CA ALA A 128 -0.88 -25.24 -1.45
C ALA A 128 -0.11 -26.18 -2.37
N THR A 129 1.20 -26.21 -2.27
CA THR A 129 2.03 -27.12 -3.09
C THR A 129 1.69 -28.59 -2.80
N LEU A 130 1.58 -28.92 -1.51
CA LEU A 130 1.23 -30.27 -1.10
C LEU A 130 -0.08 -30.68 -1.76
N VAL A 131 -1.14 -29.93 -1.46
CA VAL A 131 -2.46 -30.18 -2.02
C VAL A 131 -2.45 -30.25 -3.54
N ALA A 132 -1.76 -29.31 -4.18
CA ALA A 132 -1.71 -29.35 -5.64
C ALA A 132 -1.12 -30.69 -6.09
N ASN A 133 0.01 -31.09 -5.49
CA ASN A 133 0.70 -32.32 -5.87
C ASN A 133 0.12 -33.62 -5.41
N VAL A 134 -0.71 -33.62 -4.37
CA VAL A 134 -1.39 -34.86 -3.97
C VAL A 134 -2.39 -35.14 -5.09
N TYR A 135 -3.01 -34.06 -5.60
CA TYR A 135 -3.90 -34.19 -6.73
C TYR A 135 -3.20 -34.71 -7.97
N ARG A 136 -2.07 -34.07 -8.35
CA ARG A 136 -1.38 -34.55 -9.55
C ARG A 136 -1.02 -36.02 -9.47
N ARG A 137 -0.56 -36.48 -8.32
CA ARG A 137 -0.12 -37.86 -8.14
C ARG A 137 -1.27 -38.84 -8.18
N LYS A 138 -2.47 -38.41 -7.82
CA LYS A 138 -3.61 -39.30 -7.81
C LYS A 138 -4.24 -39.40 -9.21
N GLU A 139 -3.91 -38.50 -10.09
CA GLU A 139 -4.33 -38.46 -11.46
C GLU A 139 -3.18 -38.97 -12.36
N GLY A 140 -2.04 -39.25 -11.74
CA GLY A 140 -0.83 -39.71 -12.39
C GLY A 140 0.03 -38.69 -13.11
N ASN A 141 -0.12 -37.39 -12.92
CA ASN A 141 0.68 -36.43 -13.65
C ASN A 141 2.03 -36.16 -12.99
N LYS A 142 2.96 -35.52 -13.68
CA LYS A 142 4.22 -35.13 -13.05
C LYS A 142 3.90 -33.98 -12.08
N PRO A 143 4.75 -33.80 -11.09
CA PRO A 143 4.57 -32.78 -10.09
C PRO A 143 4.74 -31.37 -10.61
N ARG A 144 3.96 -30.44 -10.06
CA ARG A 144 4.03 -29.04 -10.44
C ARG A 144 3.96 -28.17 -9.20
N ILE A 145 4.90 -27.24 -9.12
CA ILE A 145 5.03 -26.29 -8.01
C ILE A 145 4.43 -24.94 -8.37
N PRO A 146 3.64 -24.35 -7.48
CA PRO A 146 3.04 -23.05 -7.68
C PRO A 146 4.09 -22.00 -7.94
N GLU A 147 3.86 -21.17 -8.96
CA GLU A 147 4.77 -20.05 -9.22
C GLU A 147 4.14 -18.77 -8.66
N PRO A 148 5.01 -17.81 -8.43
CA PRO A 148 4.58 -16.51 -7.95
C PRO A 148 3.55 -15.94 -8.93
N SER A 149 2.53 -15.31 -8.40
CA SER A 149 1.46 -14.69 -9.15
C SER A 149 0.80 -13.63 -8.26
N ASP A 150 -0.21 -12.99 -8.85
CA ASP A 150 -0.99 -11.93 -8.26
C ASP A 150 -1.84 -12.49 -7.12
N SER A 151 -2.18 -13.78 -7.13
CA SER A 151 -2.91 -14.32 -5.99
C SER A 151 -2.49 -15.75 -5.69
N PHE A 152 -2.94 -16.22 -4.53
CA PHE A 152 -2.71 -17.60 -4.06
C PHE A 152 -3.69 -18.52 -4.77
N ALA A 153 -4.97 -18.13 -4.90
CA ALA A 153 -5.90 -18.98 -5.67
C ALA A 153 -5.36 -19.21 -7.09
N LYS A 154 -4.96 -18.15 -7.78
CA LYS A 154 -4.40 -18.27 -9.11
C LYS A 154 -3.22 -19.24 -9.00
N SER A 155 -2.26 -18.98 -8.13
CA SER A 155 -1.13 -19.88 -7.98
C SER A 155 -1.50 -21.35 -7.87
N PHE A 156 -2.43 -21.69 -6.97
CA PHE A 156 -2.86 -23.05 -6.72
C PHE A 156 -3.53 -23.68 -7.91
N LEU A 157 -4.47 -23.00 -8.56
CA LEU A 157 -5.14 -23.59 -9.72
C LEU A 157 -4.19 -23.91 -10.86
N LEU A 158 -3.22 -23.04 -11.10
CA LEU A 158 -2.22 -23.21 -12.15
C LEU A 158 -1.38 -24.46 -11.90
N ALA A 159 -1.01 -24.64 -10.63
CA ALA A 159 -0.19 -25.77 -10.21
C ALA A 159 -1.00 -27.04 -10.42
N SER A 160 -2.26 -26.98 -10.00
CA SER A 160 -3.16 -28.12 -10.11
C SER A 160 -3.43 -28.59 -11.52
N PHE A 161 -3.97 -27.67 -12.33
CA PHE A 161 -4.35 -28.04 -13.68
C PHE A 161 -3.29 -27.73 -14.72
N ALA A 162 -2.48 -26.70 -14.52
CA ALA A 162 -1.49 -26.36 -15.56
C ALA A 162 -2.28 -25.95 -16.80
N ARG A 163 -3.21 -25.07 -16.53
CA ARG A 163 -4.21 -24.46 -17.41
C ARG A 163 -4.50 -23.11 -16.78
N GLU A 164 -4.40 -22.01 -17.49
CA GLU A 164 -4.66 -20.71 -16.86
C GLU A 164 -6.13 -20.59 -16.50
N PRO A 165 -6.41 -20.32 -15.23
CA PRO A 165 -7.76 -20.18 -14.73
C PRO A 165 -8.38 -18.87 -15.17
N THR A 166 -9.67 -18.67 -14.91
CA THR A 166 -10.37 -17.45 -15.28
C THR A 166 -10.78 -16.67 -14.02
N THR A 167 -11.08 -15.40 -14.17
CA THR A 167 -11.57 -14.61 -13.05
C THR A 167 -12.58 -15.34 -12.18
N ASP A 168 -13.65 -15.86 -12.76
CA ASP A 168 -14.67 -16.58 -12.01
C ASP A 168 -14.03 -17.70 -11.20
N GLU A 169 -13.21 -18.51 -11.84
CA GLU A 169 -12.48 -19.59 -11.21
C GLU A 169 -11.59 -19.13 -10.07
N ILE A 170 -10.68 -18.20 -10.36
CA ILE A 170 -9.79 -17.66 -9.35
C ILE A 170 -10.58 -17.14 -8.17
N ASN A 171 -11.69 -16.50 -8.46
CA ASN A 171 -12.58 -15.95 -7.46
C ASN A 171 -13.23 -17.04 -6.62
N ALA A 172 -13.69 -18.11 -7.28
CA ALA A 172 -14.39 -19.17 -6.56
C ALA A 172 -13.40 -19.90 -5.65
N MET A 173 -12.22 -20.25 -6.14
CA MET A 173 -11.22 -20.87 -5.30
C MET A 173 -10.88 -19.96 -4.11
N ASP A 174 -10.50 -18.72 -4.37
CA ASP A 174 -10.16 -17.73 -3.36
C ASP A 174 -11.24 -17.48 -2.32
N LYS A 175 -12.53 -17.51 -2.68
CA LYS A 175 -13.59 -17.28 -1.70
C LYS A 175 -13.82 -18.53 -0.83
N ALA A 176 -13.61 -19.68 -1.50
CA ALA A 176 -13.68 -20.97 -0.86
C ALA A 176 -12.74 -21.01 0.36
N LEU A 177 -11.52 -20.53 0.15
CA LEU A 177 -10.47 -20.50 1.13
C LEU A 177 -10.85 -19.67 2.35
N ILE A 178 -11.38 -18.46 2.12
CA ILE A 178 -11.87 -17.62 3.20
C ILE A 178 -13.02 -18.34 3.92
N LEU A 179 -13.94 -18.92 3.17
CA LEU A 179 -15.09 -19.54 3.81
C LEU A 179 -14.79 -20.74 4.70
N TYR A 180 -13.74 -21.53 4.50
CA TYR A 180 -13.53 -22.70 5.32
C TYR A 180 -12.43 -22.53 6.37
N THR A 181 -11.90 -21.32 6.45
CA THR A 181 -10.80 -20.98 7.33
C THR A 181 -10.94 -21.46 8.77
N ASP A 182 -12.05 -21.24 9.44
CA ASP A 182 -12.24 -21.69 10.81
C ASP A 182 -13.71 -21.93 11.13
N HIS A 183 -13.93 -22.79 12.11
CA HIS A 183 -15.27 -23.13 12.55
C HIS A 183 -15.22 -24.12 13.70
N GLU A 184 -15.52 -23.64 14.91
CA GLU A 184 -15.58 -24.48 16.10
C GLU A 184 -14.24 -25.09 16.44
N VAL A 185 -14.20 -26.10 17.29
CA VAL A 185 -12.97 -26.82 17.60
C VAL A 185 -13.24 -28.30 17.39
N PRO A 186 -13.21 -28.79 16.17
CA PRO A 186 -13.45 -30.20 15.91
C PRO A 186 -12.22 -31.02 16.25
N ALA A 187 -12.20 -32.33 15.94
CA ALA A 187 -11.13 -33.25 16.28
C ALA A 187 -9.79 -32.83 15.67
N SER A 188 -9.82 -32.28 14.45
CA SER A 188 -8.59 -31.82 13.85
C SER A 188 -7.93 -30.68 14.61
N THR A 189 -8.61 -29.64 15.05
CA THR A 189 -8.02 -28.50 15.74
C THR A 189 -7.57 -28.96 17.11
N THR A 190 -8.41 -29.77 17.76
CA THR A 190 -8.11 -30.30 19.08
C THR A 190 -6.80 -31.08 19.02
N ALA A 191 -6.68 -31.93 17.97
CA ALA A 191 -5.44 -32.70 17.89
C ALA A 191 -4.31 -31.72 17.58
N ALA A 192 -4.50 -30.72 16.78
CA ALA A 192 -3.43 -29.72 16.66
C ALA A 192 -3.10 -29.07 18.00
N LEU A 193 -4.06 -28.77 18.87
CA LEU A 193 -3.74 -28.14 20.14
C LEU A 193 -2.95 -29.03 21.08
N VAL A 194 -3.39 -30.29 21.13
CA VAL A 194 -2.70 -31.28 21.94
C VAL A 194 -1.25 -31.37 21.48
N ALA A 195 -0.95 -31.47 20.21
CA ALA A 195 0.45 -31.56 19.78
C ALA A 195 1.24 -30.32 20.18
N ALA A 196 0.75 -29.15 19.79
CA ALA A 196 1.36 -27.87 20.12
C ALA A 196 1.47 -27.70 21.62
N SER A 197 0.59 -28.21 22.47
CA SER A 197 0.77 -28.04 23.90
C SER A 197 2.10 -28.61 24.39
N THR A 198 2.75 -29.58 23.75
CA THR A 198 4.03 -30.10 24.19
C THR A 198 5.18 -29.34 23.56
N LEU A 199 4.87 -28.39 22.73
CA LEU A 199 5.72 -27.53 21.95
C LEU A 199 6.33 -28.23 20.75
N SER A 200 5.59 -29.20 20.21
CA SER A 200 6.06 -29.90 19.02
C SER A 200 6.06 -28.87 17.89
N ASP A 201 6.57 -29.21 16.70
CA ASP A 201 6.60 -28.17 15.67
C ASP A 201 5.25 -27.97 15.01
N MET A 202 5.14 -26.98 14.12
CA MET A 202 3.89 -26.62 13.47
C MET A 202 3.53 -27.67 12.44
N TYR A 203 4.54 -28.17 11.72
CA TYR A 203 4.27 -29.22 10.73
C TYR A 203 3.78 -30.48 11.43
N SER A 204 4.37 -30.77 12.60
CA SER A 204 3.86 -31.91 13.37
C SER A 204 2.43 -31.69 13.86
N SER A 205 2.07 -30.48 14.28
CA SER A 205 0.69 -30.25 14.77
C SER A 205 -0.29 -30.41 13.62
N LEU A 206 0.14 -29.94 12.44
CA LEU A 206 -0.70 -30.14 11.27
C LEU A 206 -0.86 -31.64 11.02
N THR A 207 0.20 -32.45 11.12
CA THR A 207 0.13 -33.88 10.90
C THR A 207 -0.92 -34.41 11.85
N ALA A 208 -0.88 -34.03 13.12
CA ALA A 208 -1.89 -34.45 14.08
C ALA A 208 -3.32 -34.12 13.63
N ALA A 209 -3.59 -32.89 13.20
CA ALA A 209 -4.88 -32.44 12.72
C ALA A 209 -5.34 -33.26 11.51
N LEU A 210 -4.42 -33.47 10.59
CA LEU A 210 -4.68 -34.25 9.40
C LEU A 210 -4.94 -35.73 9.71
N ALA A 211 -4.37 -36.29 10.76
CA ALA A 211 -4.64 -37.68 11.09
C ALA A 211 -6.04 -37.83 11.63
N ALA A 212 -6.48 -36.84 12.39
CA ALA A 212 -7.81 -36.89 12.99
C ALA A 212 -8.84 -36.60 11.89
N LEU A 213 -8.48 -35.76 10.92
CA LEU A 213 -9.39 -35.38 9.85
C LEU A 213 -9.80 -36.52 8.95
N LYS A 214 -8.88 -37.48 8.88
CA LYS A 214 -9.07 -38.63 8.01
C LYS A 214 -10.18 -39.50 8.54
N GLY A 215 -10.51 -39.57 9.82
CA GLY A 215 -11.61 -40.45 10.22
C GLY A 215 -12.86 -40.09 9.43
N PRO A 216 -13.69 -41.06 9.08
CA PRO A 216 -14.95 -40.82 8.40
C PRO A 216 -15.94 -39.99 9.20
N LEU A 217 -15.81 -39.81 10.50
CA LEU A 217 -16.62 -39.00 11.34
C LEU A 217 -16.12 -37.56 11.40
N HIS A 218 -15.24 -37.09 10.55
CA HIS A 218 -14.75 -35.72 10.55
C HIS A 218 -14.55 -35.36 9.09
N GLY A 219 -13.71 -36.14 8.40
CA GLY A 219 -13.52 -35.86 6.96
C GLY A 219 -14.70 -36.48 6.21
N GLY A 220 -14.73 -36.24 4.91
CA GLY A 220 -15.71 -36.78 4.00
C GLY A 220 -17.09 -36.20 3.90
N ALA A 221 -17.47 -35.20 4.64
CA ALA A 221 -18.74 -34.51 4.65
C ALA A 221 -19.17 -34.02 3.27
N ALA A 222 -18.43 -33.10 2.67
CA ALA A 222 -18.77 -32.62 1.35
C ALA A 222 -18.91 -33.78 0.38
N GLU A 223 -18.11 -34.84 0.46
CA GLU A 223 -18.20 -36.00 -0.41
C GLU A 223 -19.47 -36.82 -0.24
N GLU A 224 -20.08 -36.78 0.93
CA GLU A 224 -21.30 -37.53 1.20
C GLU A 224 -22.49 -36.75 0.64
N ALA A 225 -22.41 -35.42 0.68
CA ALA A 225 -23.51 -34.62 0.14
C ALA A 225 -23.57 -34.83 -1.37
N PHE A 226 -22.51 -34.48 -2.06
CA PHE A 226 -22.34 -34.59 -3.50
C PHE A 226 -22.63 -35.97 -4.09
N LYS A 227 -22.19 -37.01 -3.40
CA LYS A 227 -22.47 -38.39 -3.78
C LYS A 227 -23.96 -38.66 -3.94
N GLN A 228 -24.81 -38.02 -3.17
CA GLN A 228 -26.24 -38.18 -3.25
C GLN A 228 -26.73 -37.70 -4.62
N PHE A 229 -26.29 -36.52 -5.01
CA PHE A 229 -26.65 -35.96 -6.30
C PHE A 229 -26.23 -36.92 -7.42
N ILE A 230 -25.03 -37.51 -7.36
CA ILE A 230 -24.59 -38.44 -8.37
C ILE A 230 -25.49 -39.67 -8.41
N GLU A 231 -25.98 -40.13 -7.27
CA GLU A 231 -26.88 -41.25 -7.19
C GLU A 231 -28.18 -40.96 -7.95
N ILE A 232 -28.67 -39.72 -7.78
CA ILE A 232 -29.89 -39.30 -8.45
C ILE A 232 -29.64 -39.37 -9.95
N GLY A 233 -28.59 -38.69 -10.38
CA GLY A 233 -28.22 -38.68 -11.78
C GLY A 233 -28.88 -37.55 -12.52
N ASP A 234 -30.19 -37.64 -12.66
CA ASP A 234 -30.91 -36.57 -13.39
C ASP A 234 -31.99 -35.98 -12.51
N PRO A 235 -32.23 -34.68 -12.70
CA PRO A 235 -33.21 -33.89 -11.97
C PRO A 235 -34.64 -34.41 -11.97
N ASN A 236 -35.02 -35.21 -12.96
CA ASN A 236 -36.33 -35.79 -13.07
C ASN A 236 -36.58 -36.92 -12.09
N ARG A 237 -35.55 -37.38 -11.38
CA ARG A 237 -35.72 -38.43 -10.38
C ARG A 237 -35.67 -37.89 -8.96
N VAL A 238 -35.36 -36.62 -8.73
CA VAL A 238 -35.30 -36.09 -7.37
C VAL A 238 -36.51 -36.53 -6.54
N GLN A 239 -37.72 -36.14 -6.91
CA GLN A 239 -38.88 -36.51 -6.10
C GLN A 239 -38.97 -37.99 -5.79
N ASN A 240 -38.80 -38.89 -6.75
CA ASN A 240 -38.82 -40.31 -6.43
C ASN A 240 -37.74 -40.62 -5.41
N TRP A 241 -36.47 -40.29 -5.67
CA TRP A 241 -35.43 -40.57 -4.68
C TRP A 241 -35.79 -39.92 -3.36
N PHE A 242 -36.10 -38.62 -3.30
CA PHE A 242 -36.51 -37.95 -2.08
C PHE A 242 -37.61 -38.68 -1.32
N ASN A 243 -38.64 -39.06 -2.06
CA ASN A 243 -39.82 -39.77 -1.57
C ASN A 243 -39.46 -41.18 -1.11
N ASP A 244 -38.48 -41.75 -1.81
CA ASP A 244 -37.95 -43.08 -1.60
C ASP A 244 -37.09 -43.22 -0.35
N LYS A 245 -35.90 -42.64 -0.44
CA LYS A 245 -34.88 -42.67 0.58
C LYS A 245 -35.26 -41.89 1.82
N VAL A 246 -35.61 -40.62 1.68
CA VAL A 246 -35.85 -39.76 2.82
C VAL A 246 -37.24 -39.84 3.43
N VAL A 247 -38.29 -39.45 2.72
CA VAL A 247 -39.65 -39.44 3.23
C VAL A 247 -40.01 -40.64 4.10
N ASN A 248 -40.31 -41.75 3.44
CA ASN A 248 -40.80 -42.94 4.12
C ASN A 248 -39.71 -43.81 4.72
N GLN A 249 -38.55 -43.91 4.08
CA GLN A 249 -37.44 -44.71 4.58
C GLN A 249 -36.57 -43.97 5.59
N LYS A 250 -37.05 -42.83 6.06
CA LYS A 250 -36.46 -41.93 7.01
C LYS A 250 -34.94 -41.82 6.96
N ASN A 251 -34.36 -41.63 5.79
CA ASN A 251 -32.93 -41.49 5.63
C ASN A 251 -32.47 -40.09 6.06
N ARG A 252 -31.16 -40.01 6.29
CA ARG A 252 -30.55 -38.76 6.72
C ARG A 252 -30.13 -37.92 5.51
N LEU A 253 -30.81 -36.81 5.27
CA LEU A 253 -30.39 -35.94 4.18
C LEU A 253 -28.98 -35.47 4.50
N MET A 254 -28.05 -35.66 3.58
CA MET A 254 -26.67 -35.25 3.82
C MET A 254 -26.46 -33.86 3.18
N GLY A 255 -25.87 -33.01 3.99
CA GLY A 255 -25.59 -31.63 3.62
C GLY A 255 -26.54 -30.74 4.39
N PHE A 256 -27.37 -31.36 5.21
CA PHE A 256 -28.35 -30.68 6.02
C PHE A 256 -28.13 -31.05 7.49
N GLY A 257 -28.36 -30.06 8.35
CA GLY A 257 -28.21 -30.32 9.78
C GLY A 257 -26.94 -29.66 10.33
N HIS A 258 -27.03 -29.21 11.59
CA HIS A 258 -25.91 -28.59 12.23
C HIS A 258 -26.00 -28.61 13.75
N ARG A 259 -24.83 -28.75 14.35
CA ARG A 259 -24.67 -28.77 15.80
C ARG A 259 -25.02 -27.42 16.42
N VAL A 260 -24.52 -26.39 15.75
CA VAL A 260 -24.63 -25.00 16.18
C VAL A 260 -25.66 -24.21 15.40
N TYR A 261 -25.66 -24.19 14.07
CA TYR A 261 -26.64 -23.44 13.31
C TYR A 261 -28.02 -24.06 13.25
N LYS A 262 -29.07 -23.40 13.76
CA LYS A 262 -30.42 -23.96 13.65
C LYS A 262 -31.24 -23.13 12.65
N THR A 263 -30.52 -22.39 11.86
CA THR A 263 -30.95 -21.59 10.75
C THR A 263 -30.12 -22.16 9.58
N TYR A 264 -30.16 -21.53 8.43
CA TYR A 264 -29.40 -21.99 7.26
C TYR A 264 -27.97 -21.53 7.50
N ASP A 265 -27.00 -22.33 7.11
CA ASP A 265 -25.59 -21.96 7.30
C ASP A 265 -25.26 -20.76 6.44
N PRO A 266 -24.75 -19.71 7.08
CA PRO A 266 -24.28 -18.52 6.39
C PRO A 266 -23.34 -18.86 5.25
N ARG A 267 -22.34 -19.73 5.48
CA ARG A 267 -21.44 -19.99 4.35
C ARG A 267 -22.03 -20.91 3.30
N ALA A 268 -23.21 -21.49 3.50
CA ALA A 268 -23.89 -22.33 2.54
C ALA A 268 -24.53 -21.35 1.53
N LYS A 269 -25.06 -20.27 2.13
CA LYS A 269 -25.69 -19.20 1.37
C LYS A 269 -24.68 -18.69 0.39
N ILE A 270 -23.47 -18.32 0.77
CA ILE A 270 -22.43 -17.87 -0.16
C ILE A 270 -21.97 -18.99 -1.08
N PHE A 271 -21.91 -20.23 -0.59
CA PHE A 271 -21.45 -21.32 -1.44
C PHE A 271 -22.37 -21.47 -2.64
N LYS A 272 -23.68 -21.40 -2.41
CA LYS A 272 -24.59 -21.55 -3.54
C LYS A 272 -24.36 -20.51 -4.63
N LYS A 273 -24.23 -19.25 -4.21
CA LYS A 273 -23.92 -18.16 -5.12
C LYS A 273 -22.70 -18.53 -5.97
N LEU A 274 -21.55 -18.83 -5.34
CA LEU A 274 -20.37 -19.21 -6.09
C LEU A 274 -20.65 -20.29 -7.14
N ALA A 275 -21.49 -21.30 -6.87
CA ALA A 275 -21.78 -22.34 -7.83
C ALA A 275 -22.58 -21.83 -9.02
N LEU A 276 -23.49 -20.87 -8.78
CA LEU A 276 -24.25 -20.27 -9.87
C LEU A 276 -23.25 -19.64 -10.83
N THR A 277 -22.27 -18.95 -10.25
CA THR A 277 -21.22 -18.28 -10.97
C THR A 277 -20.42 -19.13 -11.94
N LEU A 278 -20.27 -20.44 -11.79
CA LEU A 278 -19.46 -21.19 -12.73
C LEU A 278 -20.13 -22.36 -13.45
N ILE A 279 -21.38 -22.69 -13.19
CA ILE A 279 -22.03 -23.81 -13.86
C ILE A 279 -22.33 -23.63 -15.33
N GLU A 280 -22.42 -22.41 -15.86
CA GLU A 280 -22.58 -22.20 -17.30
C GLU A 280 -21.57 -23.08 -18.04
N ARG A 281 -20.30 -22.84 -17.74
CA ARG A 281 -19.18 -23.57 -18.28
C ARG A 281 -19.37 -25.08 -18.18
N ASN A 282 -19.68 -25.57 -16.99
CA ASN A 282 -19.77 -27.00 -16.77
C ASN A 282 -21.17 -27.57 -16.77
N ALA A 283 -21.46 -28.24 -17.89
CA ALA A 283 -22.74 -28.89 -18.11
C ALA A 283 -22.97 -30.01 -17.10
N ASP A 284 -21.88 -30.67 -16.72
CA ASP A 284 -21.98 -31.69 -15.68
C ASP A 284 -22.26 -31.03 -14.33
N ALA A 285 -21.68 -29.87 -14.05
CA ALA A 285 -21.91 -29.14 -12.81
C ALA A 285 -23.37 -28.72 -12.64
N ARG A 286 -23.91 -28.05 -13.65
CA ARG A 286 -25.28 -27.58 -13.72
C ARG A 286 -26.27 -28.70 -13.48
N ARG A 287 -26.01 -29.86 -14.08
CA ARG A 287 -26.89 -31.03 -13.86
C ARG A 287 -26.87 -31.30 -12.37
N TYR A 288 -25.69 -31.38 -11.73
CA TYR A 288 -25.62 -31.63 -10.30
C TYR A 288 -26.18 -30.49 -9.47
N PHE A 289 -25.96 -29.25 -9.91
CA PHE A 289 -26.50 -28.07 -9.28
C PHE A 289 -28.03 -28.05 -9.35
N GLU A 290 -28.59 -28.65 -10.40
CA GLU A 290 -30.04 -28.70 -10.51
C GLU A 290 -30.61 -29.77 -9.60
N ILE A 291 -29.92 -30.87 -9.41
CA ILE A 291 -30.34 -31.90 -8.47
C ILE A 291 -30.28 -31.30 -7.06
N ALA A 292 -29.15 -30.66 -6.78
CA ALA A 292 -28.94 -30.03 -5.47
C ALA A 292 -30.05 -29.03 -5.18
N GLN A 293 -30.22 -28.00 -6.01
CA GLN A 293 -31.26 -26.99 -5.79
C GLN A 293 -32.67 -27.55 -5.61
N LYS A 294 -33.05 -28.63 -6.27
CA LYS A 294 -34.37 -29.22 -6.10
C LYS A 294 -34.41 -30.00 -4.79
N LEU A 295 -33.32 -30.69 -4.46
CA LEU A 295 -33.24 -31.45 -3.21
C LEU A 295 -33.28 -30.50 -2.02
N GLU A 296 -32.62 -29.34 -2.07
CA GLU A 296 -32.68 -28.39 -0.97
C GLU A 296 -34.11 -27.95 -0.71
N GLU A 297 -34.84 -27.72 -1.81
CA GLU A 297 -36.24 -27.30 -1.79
C GLU A 297 -37.08 -28.30 -1.01
N LEU A 298 -37.08 -29.56 -1.42
CA LEU A 298 -37.86 -30.55 -0.69
C LEU A 298 -37.36 -30.70 0.75
N GLY A 299 -36.04 -30.77 0.90
CA GLY A 299 -35.43 -30.91 2.21
C GLY A 299 -35.87 -29.80 3.15
N ILE A 300 -35.71 -28.55 2.71
CA ILE A 300 -36.11 -27.40 3.51
C ILE A 300 -37.58 -27.55 3.89
N LYS A 301 -38.41 -27.99 2.94
CA LYS A 301 -39.82 -28.20 3.21
C LYS A 301 -40.01 -29.24 4.30
N GLN A 302 -39.24 -30.31 4.23
CA GLN A 302 -39.33 -31.40 5.19
C GLN A 302 -38.78 -31.15 6.57
N PHE A 303 -37.64 -30.50 6.69
CA PHE A 303 -36.97 -30.30 7.97
C PHE A 303 -36.77 -28.90 8.51
N SER A 304 -37.30 -27.84 7.93
CA SER A 304 -37.05 -26.49 8.44
C SER A 304 -37.60 -26.31 9.84
N SER A 305 -38.75 -26.90 10.12
CA SER A 305 -39.41 -26.85 11.42
C SER A 305 -38.58 -27.49 12.52
N LYS A 306 -37.80 -28.52 12.19
CA LYS A 306 -36.89 -29.16 13.14
C LYS A 306 -35.64 -28.29 13.36
N GLY A 307 -35.48 -27.25 12.57
CA GLY A 307 -34.31 -26.38 12.66
C GLY A 307 -33.17 -27.09 11.93
N ILE A 308 -33.51 -27.70 10.81
CA ILE A 308 -32.58 -28.45 9.98
C ILE A 308 -32.60 -27.88 8.55
N TYR A 309 -31.63 -27.04 8.28
CA TYR A 309 -31.47 -26.33 7.03
C TYR A 309 -30.14 -26.68 6.38
N PRO A 310 -29.99 -26.47 5.08
CA PRO A 310 -28.77 -26.76 4.38
C PRO A 310 -27.54 -26.22 5.11
N ASN A 311 -26.49 -27.04 5.27
CA ASN A 311 -25.23 -26.60 5.83
C ASN A 311 -24.16 -26.38 4.77
N THR A 312 -23.01 -25.81 5.10
CA THR A 312 -21.97 -25.53 4.14
C THR A 312 -21.40 -26.62 3.25
N ASP A 313 -21.59 -27.89 3.56
CA ASP A 313 -21.11 -29.01 2.78
C ASP A 313 -22.02 -29.43 1.64
N PHE A 314 -23.22 -28.84 1.63
CA PHE A 314 -24.22 -29.15 0.61
C PHE A 314 -23.86 -28.51 -0.72
N TYR A 315 -23.20 -27.35 -0.71
CA TYR A 315 -22.85 -26.71 -1.97
C TYR A 315 -21.39 -26.74 -2.35
N SER A 316 -20.49 -26.67 -1.39
CA SER A 316 -19.05 -26.65 -1.64
C SER A 316 -18.56 -27.68 -2.65
N GLY A 317 -19.02 -28.92 -2.54
CA GLY A 317 -18.64 -29.95 -3.51
C GLY A 317 -18.88 -29.42 -4.92
N ILE A 318 -20.06 -28.85 -5.21
CA ILE A 318 -20.31 -28.32 -6.55
C ILE A 318 -19.30 -27.27 -6.96
N VAL A 319 -18.91 -26.33 -6.10
CA VAL A 319 -17.89 -25.36 -6.52
C VAL A 319 -16.61 -26.07 -6.91
N PHE A 320 -16.15 -26.98 -6.03
CA PHE A 320 -14.89 -27.69 -6.27
C PHE A 320 -15.01 -28.51 -7.55
N TYR A 321 -16.12 -29.22 -7.73
CA TYR A 321 -16.35 -30.01 -8.93
C TYR A 321 -16.36 -29.08 -10.15
N ALA A 322 -17.03 -27.94 -10.04
CA ALA A 322 -17.05 -26.97 -11.13
C ALA A 322 -15.66 -26.44 -11.40
N LEU A 323 -14.76 -26.28 -10.45
CA LEU A 323 -13.42 -25.78 -10.75
C LEU A 323 -12.61 -26.88 -11.45
N GLY A 324 -13.02 -28.14 -11.40
CA GLY A 324 -12.29 -29.22 -12.04
C GLY A 324 -11.75 -30.32 -11.14
N PHE A 325 -11.94 -30.26 -9.83
CA PHE A 325 -11.48 -31.24 -8.89
C PHE A 325 -12.43 -32.42 -8.73
N PRO A 326 -11.87 -33.61 -8.68
CA PRO A 326 -12.65 -34.81 -8.50
C PRO A 326 -13.14 -34.89 -7.06
N VAL A 327 -14.12 -35.75 -6.82
CA VAL A 327 -14.70 -35.90 -5.50
C VAL A 327 -13.66 -36.23 -4.42
N TYR A 328 -12.65 -37.03 -4.74
CA TYR A 328 -11.62 -37.41 -3.79
C TYR A 328 -10.80 -36.22 -3.33
N MET A 329 -10.74 -35.07 -3.95
CA MET A 329 -9.98 -33.96 -3.42
C MET A 329 -10.76 -33.14 -2.38
N PHE A 330 -12.06 -33.26 -2.24
CA PHE A 330 -12.89 -32.48 -1.37
C PHE A 330 -12.43 -32.18 0.04
N THR A 331 -12.26 -33.11 0.94
CA THR A 331 -11.66 -32.91 2.26
C THR A 331 -10.27 -32.29 2.13
N ALA A 332 -9.51 -32.60 1.09
CA ALA A 332 -8.19 -32.01 0.94
C ALA A 332 -8.30 -30.50 0.69
N LEU A 333 -9.30 -30.12 -0.10
CA LEU A 333 -9.58 -28.73 -0.43
C LEU A 333 -9.98 -28.05 0.88
N PHE A 334 -10.80 -28.74 1.69
CA PHE A 334 -11.15 -28.18 2.98
C PHE A 334 -9.89 -28.00 3.84
N ALA A 335 -9.00 -28.99 3.93
CA ALA A 335 -7.78 -28.96 4.71
C ALA A 335 -6.87 -27.79 4.29
N LEU A 336 -6.80 -27.54 2.99
CA LEU A 336 -6.05 -26.42 2.44
C LEU A 336 -6.58 -25.13 3.07
N SER A 337 -7.90 -24.99 2.98
CA SER A 337 -8.57 -23.84 3.57
C SER A 337 -8.36 -23.78 5.07
N ARG A 338 -8.80 -24.79 5.83
CA ARG A 338 -8.67 -24.85 7.29
C ARG A 338 -7.25 -24.86 7.84
N THR A 339 -6.20 -25.05 7.06
CA THR A 339 -4.83 -24.97 7.55
C THR A 339 -4.64 -23.63 8.26
N LEU A 340 -5.11 -22.52 7.72
CA LEU A 340 -5.10 -21.20 8.31
C LEU A 340 -5.62 -21.17 9.75
N GLY A 341 -6.82 -21.70 9.91
CA GLY A 341 -7.47 -21.79 11.20
C GLY A 341 -6.63 -22.59 12.19
N TRP A 342 -6.00 -23.67 11.71
CA TRP A 342 -5.16 -24.54 12.54
C TRP A 342 -3.98 -23.72 13.03
N LEU A 343 -3.19 -23.15 12.11
CA LEU A 343 -2.07 -22.29 12.55
C LEU A 343 -2.45 -21.18 13.51
N ALA A 344 -3.49 -20.39 13.24
CA ALA A 344 -3.89 -19.33 14.14
C ALA A 344 -4.29 -19.83 15.53
N HIS A 345 -4.87 -21.00 15.59
CA HIS A 345 -5.32 -21.59 16.86
C HIS A 345 -4.17 -22.07 17.72
N ILE A 346 -3.22 -22.78 17.11
CA ILE A 346 -2.08 -23.24 17.91
C ILE A 346 -1.21 -22.03 18.25
N ILE A 347 -1.10 -21.04 17.35
CA ILE A 347 -0.32 -19.88 17.68
C ILE A 347 -0.98 -19.12 18.83
N GLU A 348 -2.30 -18.93 18.76
CA GLU A 348 -2.99 -18.22 19.84
C GLU A 348 -2.77 -18.95 21.16
N TYR A 349 -2.86 -20.27 21.09
CA TYR A 349 -2.65 -21.16 22.23
C TYR A 349 -1.25 -21.08 22.82
N VAL A 350 -0.20 -21.26 22.04
CA VAL A 350 1.15 -21.18 22.58
C VAL A 350 1.50 -19.79 23.08
N GLU A 351 1.13 -18.69 22.42
CA GLU A 351 1.55 -17.37 22.85
C GLU A 351 0.80 -16.78 24.03
N GLU A 352 -0.47 -17.14 24.24
CA GLU A 352 -1.23 -16.58 25.33
C GLU A 352 -1.76 -17.53 26.38
N GLN A 353 -2.18 -18.72 25.99
CA GLN A 353 -2.79 -19.64 26.95
C GLN A 353 -2.01 -20.93 27.17
N HIS A 354 -0.70 -20.93 26.90
CA HIS A 354 0.06 -22.15 26.95
C HIS A 354 -0.13 -23.07 28.16
N ARG A 355 -0.70 -24.25 27.96
CA ARG A 355 -0.66 -25.28 28.97
C ARG A 355 -0.53 -26.64 28.25
N LEU A 356 0.25 -27.51 28.87
CA LEU A 356 0.44 -28.88 28.38
C LEU A 356 -0.83 -29.67 28.69
N ILE A 357 -1.26 -30.51 27.76
CA ILE A 357 -2.49 -31.27 27.97
C ILE A 357 -2.27 -32.63 28.55
N ARG A 358 -2.79 -32.87 29.74
CA ARG A 358 -2.75 -34.12 30.46
C ARG A 358 -4.08 -34.37 31.17
N PRO A 359 -5.03 -34.91 30.42
CA PRO A 359 -6.34 -35.24 30.98
C PRO A 359 -6.16 -36.44 31.91
N ARG A 360 -7.22 -36.89 32.54
CA ARG A 360 -7.28 -38.06 33.36
C ARG A 360 -8.04 -39.21 32.69
N ALA A 361 -7.72 -40.44 33.10
CA ALA A 361 -8.51 -41.60 32.77
C ALA A 361 -8.97 -42.04 34.14
N LEU A 362 -10.12 -42.66 34.24
CA LEU A 362 -10.64 -43.08 35.56
C LEU A 362 -10.48 -44.59 35.45
N TYR A 363 -9.74 -45.17 36.36
CA TYR A 363 -9.50 -46.60 36.33
C TYR A 363 -10.62 -47.39 36.99
N VAL A 364 -11.41 -48.08 36.22
CA VAL A 364 -12.46 -48.97 36.70
C VAL A 364 -11.79 -50.31 36.48
N GLY A 365 -12.29 -51.53 36.45
CA GLY A 365 -11.28 -52.59 36.17
C GLY A 365 -10.67 -53.18 37.43
N PRO A 366 -10.30 -54.46 37.35
CA PRO A 366 -9.80 -55.28 38.44
C PRO A 366 -8.86 -54.59 39.40
N GLU A 367 -9.17 -54.74 40.68
CA GLU A 367 -8.38 -54.09 41.73
C GLU A 367 -6.99 -54.74 41.77
N TYR A 368 -6.98 -56.05 41.80
CA TYR A 368 -5.76 -56.84 41.81
C TYR A 368 -6.07 -58.25 41.30
N GLN A 369 -5.76 -58.55 40.06
CA GLN A 369 -5.97 -59.87 39.49
C GLN A 369 -4.72 -60.66 39.89
N VAL B 3 -15.29 -20.51 31.11
CA VAL B 3 -13.96 -20.48 31.75
C VAL B 3 -13.10 -21.72 31.54
N VAL B 4 -11.99 -21.55 30.86
CA VAL B 4 -11.06 -22.59 30.50
C VAL B 4 -10.66 -23.56 31.59
N SER B 5 -10.88 -24.82 31.21
CA SER B 5 -10.32 -25.92 32.03
C SER B 5 -8.92 -26.19 31.49
N LYS B 6 -7.97 -25.46 32.05
CA LYS B 6 -6.57 -25.45 31.74
C LYS B 6 -5.86 -26.80 31.82
N GLY B 7 -5.25 -27.15 30.71
CA GLY B 7 -4.56 -28.32 30.34
C GLY B 7 -5.37 -29.60 30.36
N LEU B 8 -6.67 -29.53 30.60
CA LEU B 8 -7.52 -30.70 30.78
C LEU B 8 -7.18 -31.52 32.03
N GLU B 9 -6.52 -30.88 33.01
CA GLU B 9 -5.92 -31.50 34.15
C GLU B 9 -6.95 -32.19 35.02
N ASN B 10 -8.03 -31.43 35.22
CA ASN B 10 -9.14 -31.94 36.01
C ASN B 10 -10.26 -32.46 35.13
N VAL B 11 -10.00 -33.08 33.99
CA VAL B 11 -11.02 -33.58 33.10
C VAL B 11 -10.80 -35.04 32.82
N ILE B 12 -11.79 -35.89 32.98
CA ILE B 12 -11.60 -37.31 32.72
C ILE B 12 -12.05 -37.56 31.29
N ILE B 13 -11.11 -37.99 30.45
CA ILE B 13 -11.38 -38.25 29.05
C ILE B 13 -11.95 -39.62 28.83
N LYS B 14 -11.75 -40.57 29.73
CA LYS B 14 -12.17 -41.93 29.49
C LYS B 14 -12.06 -42.78 30.75
N VAL B 15 -12.79 -43.88 30.77
CA VAL B 15 -12.59 -44.87 31.81
C VAL B 15 -11.61 -45.88 31.19
N THR B 16 -10.84 -46.56 32.00
CA THR B 16 -9.92 -47.55 31.45
C THR B 16 -9.85 -48.74 32.41
N ASN B 17 -9.74 -49.89 31.74
CA ASN B 17 -9.57 -51.14 32.48
C ASN B 17 -8.07 -51.51 32.44
N LEU B 18 -7.28 -50.75 31.70
CA LEU B 18 -5.91 -50.97 31.42
C LEU B 18 -4.86 -50.75 32.50
N THR B 19 -4.66 -49.54 33.00
CA THR B 19 -3.56 -49.31 33.94
C THR B 19 -4.00 -48.62 35.20
N PHE B 20 -3.44 -49.06 36.31
CA PHE B 20 -3.76 -48.55 37.62
C PHE B 20 -2.44 -48.23 38.31
N ILE B 21 -2.27 -47.05 38.86
CA ILE B 21 -1.12 -46.56 39.56
C ILE B 21 -1.55 -46.12 40.96
N ASP B 22 -0.81 -46.57 41.96
CA ASP B 22 -1.03 -46.19 43.34
C ASP B 22 0.19 -45.40 43.79
N GLY B 23 0.18 -44.08 43.74
CA GLY B 23 1.33 -43.27 44.03
C GLY B 23 1.70 -43.15 45.48
N GLU B 24 0.82 -43.60 46.37
CA GLU B 24 1.08 -43.52 47.81
C GLU B 24 2.01 -44.68 48.15
N LYS B 25 1.62 -45.82 47.61
CA LYS B 25 2.28 -47.09 47.77
C LYS B 25 3.44 -47.26 46.82
N GLY B 26 3.25 -46.86 45.56
CA GLY B 26 4.30 -47.01 44.56
C GLY B 26 4.01 -48.34 43.85
N ILE B 27 2.75 -48.47 43.48
CA ILE B 27 2.31 -49.68 42.81
C ILE B 27 1.80 -49.38 41.41
N LEU B 28 2.29 -50.13 40.42
CA LEU B 28 1.81 -49.96 39.05
C LEU B 28 1.21 -51.28 38.60
N ARG B 29 -0.03 -51.29 38.15
CA ARG B 29 -0.65 -52.53 37.65
C ARG B 29 -1.21 -52.35 36.26
N TYR B 30 -1.20 -53.41 35.48
CA TYR B 30 -1.73 -53.53 34.14
C TYR B 30 -2.85 -54.55 34.15
N ARG B 31 -4.12 -54.14 34.03
CA ARG B 31 -5.26 -55.03 34.17
C ARG B 31 -5.30 -55.75 35.51
N GLY B 32 -4.78 -55.22 36.60
CA GLY B 32 -4.79 -55.91 37.88
C GLY B 32 -3.52 -56.60 38.33
N TYR B 33 -2.66 -56.98 37.39
CA TYR B 33 -1.40 -57.63 37.66
C TYR B 33 -0.32 -56.69 38.09
N ASN B 34 0.43 -56.81 39.18
CA ASN B 34 1.56 -55.93 39.41
C ASN B 34 2.65 -56.08 38.34
N ILE B 35 3.31 -54.94 38.03
CA ILE B 35 4.37 -54.99 37.04
C ILE B 35 5.47 -55.99 37.45
N GLU B 36 5.83 -56.00 38.72
CA GLU B 36 6.84 -56.90 39.25
C GLU B 36 6.53 -58.35 38.91
N ASP B 37 5.30 -58.82 38.96
CA ASP B 37 4.96 -60.17 38.55
C ASP B 37 5.21 -60.35 37.06
N LEU B 38 4.82 -59.36 36.25
CA LEU B 38 5.01 -59.41 34.80
C LEU B 38 6.50 -59.51 34.44
N VAL B 39 7.34 -58.65 35.07
CA VAL B 39 8.76 -58.69 34.78
C VAL B 39 9.41 -59.94 35.40
N ASN B 40 8.95 -60.36 36.57
CA ASN B 40 9.53 -61.52 37.23
C ASN B 40 9.21 -62.85 36.55
N TYR B 41 8.04 -63.00 35.95
CA TYR B 41 7.66 -64.28 35.36
C TYR B 41 7.39 -64.21 33.88
N GLY B 42 7.07 -63.03 33.36
CA GLY B 42 6.63 -62.94 31.98
C GLY B 42 7.65 -62.31 31.03
N SER B 43 7.15 -61.94 29.87
CA SER B 43 7.85 -61.32 28.80
C SER B 43 6.97 -60.26 28.12
N TYR B 44 7.58 -59.52 27.18
CA TYR B 44 6.82 -58.54 26.44
C TYR B 44 5.64 -59.18 25.73
N GLU B 45 5.85 -60.30 25.06
CA GLU B 45 4.79 -61.01 24.38
C GLU B 45 3.60 -61.27 25.29
N GLU B 46 3.78 -61.83 26.46
CA GLU B 46 2.64 -62.07 27.36
C GLU B 46 1.97 -60.78 27.79
N THR B 47 2.69 -59.67 27.97
CA THR B 47 2.15 -58.37 28.27
C THR B 47 1.32 -57.85 27.08
N ILE B 48 1.74 -58.08 25.85
CA ILE B 48 0.97 -57.65 24.69
C ILE B 48 -0.40 -58.34 24.73
N TYR B 49 -0.37 -59.64 24.98
CA TYR B 49 -1.57 -60.46 24.97
C TYR B 49 -2.49 -59.90 26.06
N LEU B 50 -1.95 -59.76 27.28
CA LEU B 50 -2.76 -59.22 28.37
C LEU B 50 -3.49 -57.91 28.00
N MET B 51 -2.71 -56.93 27.57
CA MET B 51 -3.20 -55.60 27.22
C MET B 51 -4.30 -55.70 26.19
N LEU B 52 -4.02 -56.29 25.03
CA LEU B 52 -5.02 -56.43 23.99
C LEU B 52 -6.22 -57.30 24.33
N TYR B 53 -6.05 -58.50 24.85
CA TYR B 53 -7.13 -59.45 25.04
C TYR B 53 -7.66 -59.52 26.45
N GLY B 54 -7.13 -58.88 27.47
CA GLY B 54 -7.69 -58.93 28.79
C GLY B 54 -7.31 -59.97 29.78
N LYS B 55 -6.87 -61.15 29.33
CA LYS B 55 -6.48 -62.20 30.27
C LYS B 55 -5.07 -62.70 29.92
N LEU B 56 -4.46 -63.36 30.89
CA LEU B 56 -3.14 -63.97 30.68
C LEU B 56 -3.36 -65.09 29.67
N PRO B 57 -2.50 -65.25 28.68
CA PRO B 57 -2.69 -66.24 27.65
C PRO B 57 -2.32 -67.65 28.04
N THR B 58 -2.93 -68.60 27.34
CA THR B 58 -2.49 -69.99 27.55
C THR B 58 -1.18 -70.10 26.79
N LYS B 59 -0.54 -71.25 26.94
CA LYS B 59 0.73 -71.57 26.30
C LYS B 59 0.55 -71.55 24.80
N LYS B 60 -0.57 -72.09 24.32
CA LYS B 60 -0.95 -72.15 22.92
C LYS B 60 -1.47 -70.81 22.42
N GLU B 61 -2.07 -70.02 23.30
CA GLU B 61 -2.51 -68.67 22.95
C GLU B 61 -1.29 -67.77 22.78
N LEU B 62 -0.30 -67.86 23.65
CA LEU B 62 0.93 -67.07 23.53
C LEU B 62 1.71 -67.46 22.29
N ASN B 63 1.85 -68.73 22.06
CA ASN B 63 2.49 -69.28 20.84
C ASN B 63 1.86 -68.63 19.62
N ASP B 64 0.50 -68.62 19.53
CA ASP B 64 -0.18 -68.01 18.41
C ASP B 64 0.17 -66.52 18.25
N LEU B 65 0.22 -65.74 19.32
CA LEU B 65 0.62 -64.34 19.19
C LEU B 65 2.02 -64.27 18.57
N LYS B 66 2.95 -65.01 19.17
CA LYS B 66 4.33 -65.09 18.71
C LYS B 66 4.43 -65.44 17.23
N ALA B 67 3.56 -66.30 16.72
CA ALA B 67 3.60 -66.63 15.29
C ALA B 67 3.09 -65.45 14.48
N LYS B 68 2.06 -64.74 14.92
CA LYS B 68 1.62 -63.54 14.18
C LYS B 68 2.75 -62.51 14.16
N LEU B 69 3.33 -62.23 15.35
CA LEU B 69 4.45 -61.29 15.36
C LEU B 69 5.53 -61.71 14.34
N ASN B 70 5.90 -63.00 14.33
CA ASN B 70 6.96 -63.43 13.41
C ASN B 70 6.59 -63.23 11.96
N GLU B 71 5.32 -63.38 11.63
CA GLU B 71 4.80 -63.17 10.29
C GLU B 71 4.66 -61.69 9.93
N GLU B 72 4.69 -60.75 10.88
CA GLU B 72 4.46 -59.35 10.57
C GLU B 72 5.58 -58.34 10.59
N TYR B 73 6.85 -58.65 10.83
CA TYR B 73 7.87 -57.60 10.83
C TYR B 73 8.04 -56.85 9.52
N GLU B 74 7.88 -57.50 8.38
CA GLU B 74 8.08 -56.88 7.09
C GLU B 74 7.22 -55.64 6.82
N VAL B 75 7.84 -54.74 6.08
CA VAL B 75 7.21 -53.51 5.68
C VAL B 75 7.46 -53.28 4.18
N PRO B 76 6.47 -52.77 3.47
CA PRO B 76 6.65 -52.43 2.09
C PRO B 76 7.94 -51.66 1.94
N GLN B 77 8.69 -51.89 0.87
CA GLN B 77 9.95 -51.24 0.59
C GLN B 77 9.81 -49.73 0.61
N GLU B 78 8.69 -49.23 0.11
CA GLU B 78 8.42 -47.80 0.04
C GLU B 78 8.48 -47.13 1.41
N VAL B 79 8.07 -47.85 2.46
CA VAL B 79 8.20 -47.30 3.80
C VAL B 79 9.68 -47.18 4.14
N LEU B 80 10.57 -48.07 3.73
CA LEU B 80 11.98 -47.89 4.09
C LEU B 80 12.60 -46.83 3.20
N ASP B 81 12.22 -46.79 1.94
CA ASP B 81 12.74 -45.77 1.04
C ASP B 81 12.45 -44.36 1.51
N THR B 82 11.27 -44.05 2.01
CA THR B 82 10.89 -42.73 2.48
C THR B 82 11.73 -42.27 3.65
N ILE B 83 12.03 -43.22 4.54
CA ILE B 83 12.80 -42.92 5.75
C ILE B 83 14.20 -42.50 5.36
N TYR B 84 14.72 -43.19 4.35
CA TYR B 84 16.04 -42.98 3.79
C TYR B 84 16.09 -41.77 2.87
N LEU B 85 14.95 -41.24 2.43
CA LEU B 85 14.96 -39.99 1.68
C LEU B 85 15.12 -38.84 2.68
N MET B 86 14.64 -38.96 3.91
CA MET B 86 14.80 -37.88 4.88
C MET B 86 16.24 -37.75 5.32
N PRO B 87 16.56 -36.56 5.80
CA PRO B 87 17.91 -36.28 6.24
C PRO B 87 18.27 -37.22 7.37
N LYS B 88 19.51 -37.65 7.34
CA LYS B 88 20.16 -38.49 8.34
C LYS B 88 20.13 -37.73 9.65
N GLU B 89 20.33 -36.42 9.60
CA GLU B 89 20.32 -35.58 10.78
C GLU B 89 18.96 -35.37 11.44
N ALA B 90 17.86 -35.76 10.85
CA ALA B 90 16.54 -35.59 11.39
C ALA B 90 16.30 -36.29 12.73
N ASP B 91 15.47 -35.67 13.55
CA ASP B 91 15.00 -36.14 14.83
C ASP B 91 14.41 -37.54 14.66
N ALA B 92 14.70 -38.43 15.60
CA ALA B 92 14.24 -39.80 15.51
C ALA B 92 12.72 -39.87 15.52
N ILE B 93 12.09 -39.12 16.40
CA ILE B 93 10.64 -39.09 16.45
C ILE B 93 10.04 -38.52 15.18
N GLY B 94 10.66 -37.51 14.57
CA GLY B 94 10.21 -37.01 13.29
C GLY B 94 10.23 -38.11 12.23
N LEU B 95 11.29 -38.92 12.16
CA LEU B 95 11.34 -40.01 11.18
C LEU B 95 10.30 -41.07 11.48
N LEU B 96 9.97 -41.29 12.74
CA LEU B 96 8.95 -42.28 13.10
C LEU B 96 7.60 -41.85 12.56
N GLU B 97 7.36 -40.54 12.64
CA GLU B 97 6.19 -39.84 12.14
C GLU B 97 5.93 -40.12 10.67
N VAL B 98 6.97 -39.86 9.88
CA VAL B 98 6.94 -40.09 8.45
C VAL B 98 6.65 -41.57 8.17
N GLY B 99 7.39 -42.43 8.87
CA GLY B 99 7.17 -43.85 8.67
C GLY B 99 5.76 -44.33 8.96
N THR B 100 5.16 -43.81 10.04
CA THR B 100 3.81 -44.22 10.42
C THR B 100 2.78 -43.58 9.50
N ALA B 101 3.03 -42.33 9.08
CA ALA B 101 2.12 -41.68 8.14
C ALA B 101 2.07 -42.41 6.81
N ALA B 102 3.23 -42.89 6.37
CA ALA B 102 3.38 -43.66 5.14
C ALA B 102 2.56 -44.94 5.23
N LEU B 103 2.71 -45.69 6.32
CA LEU B 103 1.95 -46.89 6.57
C LEU B 103 0.45 -46.63 6.50
N ALA B 104 -0.02 -45.57 7.14
CA ALA B 104 -1.41 -45.16 7.16
C ALA B 104 -2.01 -45.16 5.75
N SER B 105 -1.35 -44.40 4.91
CA SER B 105 -1.58 -44.21 3.51
C SER B 105 -1.51 -45.46 2.66
N ILE B 106 -0.80 -46.51 3.01
CA ILE B 106 -0.67 -47.73 2.21
C ILE B 106 -1.70 -48.75 2.63
N ASP B 107 -2.24 -48.58 3.82
CA ASP B 107 -3.17 -49.54 4.41
C ASP B 107 -4.63 -49.33 4.09
N LYS B 108 -4.89 -48.77 2.92
CA LYS B 108 -6.25 -48.56 2.39
C LYS B 108 -7.04 -49.83 2.67
N ASN B 109 -8.29 -49.70 3.10
CA ASN B 109 -9.17 -50.82 3.42
C ASN B 109 -8.93 -51.38 4.81
N PHE B 110 -8.98 -50.51 5.82
CA PHE B 110 -8.93 -50.89 7.22
C PHE B 110 -10.34 -50.65 7.80
N LYS B 111 -10.76 -51.51 8.72
CA LYS B 111 -12.11 -51.25 9.24
C LYS B 111 -12.21 -51.50 10.74
N TRP B 112 -12.42 -50.45 11.50
CA TRP B 112 -12.61 -50.49 12.93
C TRP B 112 -13.60 -51.59 13.26
N LYS B 113 -13.33 -52.32 14.33
CA LYS B 113 -14.08 -53.43 14.86
C LYS B 113 -14.10 -54.72 14.05
N GLU B 114 -13.43 -54.86 12.92
CA GLU B 114 -13.37 -56.11 12.19
C GLU B 114 -12.49 -57.13 12.94
N ASN B 115 -11.21 -56.79 13.08
CA ASN B 115 -10.26 -57.58 13.83
C ASN B 115 -9.16 -56.64 14.34
N ASP B 116 -9.55 -55.79 15.29
CA ASP B 116 -8.67 -54.80 15.87
C ASP B 116 -7.44 -55.34 16.55
N LYS B 117 -7.58 -56.34 17.38
CA LYS B 117 -6.47 -56.92 18.13
C LYS B 117 -5.39 -57.48 17.22
N GLU B 118 -5.78 -58.27 16.22
CA GLU B 118 -4.78 -58.80 15.30
C GLU B 118 -4.06 -57.62 14.65
N LYS B 119 -4.80 -56.66 14.13
CA LYS B 119 -4.25 -55.47 13.50
C LYS B 119 -3.16 -54.83 14.35
N ALA B 120 -3.44 -54.63 15.63
CA ALA B 120 -2.53 -54.04 16.60
C ALA B 120 -1.21 -54.81 16.75
N ILE B 121 -1.34 -56.15 16.78
CA ILE B 121 -0.25 -57.09 16.82
C ILE B 121 0.63 -56.87 15.59
N SER B 122 0.03 -56.75 14.41
CA SER B 122 0.85 -56.50 13.24
C SER B 122 1.48 -55.13 13.28
N ILE B 123 0.89 -54.16 13.98
CA ILE B 123 1.48 -52.83 14.07
C ILE B 123 2.65 -52.82 15.03
N ILE B 124 2.55 -53.56 16.11
CA ILE B 124 3.66 -53.67 17.07
C ILE B 124 4.89 -54.24 16.36
N ALA B 125 4.68 -55.34 15.60
CA ALA B 125 5.74 -55.97 14.83
C ALA B 125 6.34 -54.94 13.87
N LYS B 126 5.49 -54.21 13.14
CA LYS B 126 6.06 -53.18 12.27
C LYS B 126 6.65 -52.01 13.03
N MET B 127 6.25 -51.71 14.26
CA MET B 127 6.88 -50.62 15.00
C MET B 127 8.35 -50.94 15.27
N ALA B 128 8.63 -52.19 15.64
CA ALA B 128 9.99 -52.70 15.80
C ALA B 128 10.85 -52.46 14.57
N THR B 129 10.30 -52.78 13.40
CA THR B 129 10.99 -52.58 12.14
C THR B 129 11.31 -51.12 11.92
N LEU B 130 10.41 -50.18 12.21
CA LEU B 130 10.77 -48.79 11.92
C LEU B 130 11.83 -48.25 12.88
N VAL B 131 11.71 -48.59 14.15
CA VAL B 131 12.61 -48.08 15.19
C VAL B 131 14.03 -48.57 14.92
N ALA B 132 14.15 -49.87 14.67
CA ALA B 132 15.41 -50.47 14.24
C ALA B 132 16.01 -49.66 13.09
N ASN B 133 15.36 -49.55 11.95
CA ASN B 133 15.77 -48.79 10.80
C ASN B 133 15.87 -47.28 10.93
N VAL B 134 15.22 -46.65 11.92
CA VAL B 134 15.36 -45.22 12.17
C VAL B 134 16.79 -45.03 12.73
N TYR B 135 17.17 -45.93 13.63
CA TYR B 135 18.50 -45.97 14.18
C TYR B 135 19.55 -46.18 13.10
N ARG B 136 19.37 -47.28 12.36
CA ARG B 136 20.27 -47.63 11.28
C ARG B 136 20.44 -46.47 10.29
N ARG B 137 19.32 -45.88 9.88
CA ARG B 137 19.38 -44.79 8.92
C ARG B 137 20.17 -43.63 9.46
N LYS B 138 20.05 -43.25 10.73
CA LYS B 138 20.86 -42.15 11.27
C LYS B 138 22.33 -42.52 11.47
N GLU B 139 22.67 -43.81 11.43
CA GLU B 139 24.06 -44.24 11.61
C GLU B 139 24.68 -44.55 10.25
N GLY B 140 23.93 -44.27 9.19
CA GLY B 140 24.37 -44.49 7.84
C GLY B 140 24.27 -45.89 7.28
N ASN B 141 23.72 -46.84 8.01
CA ASN B 141 23.64 -48.22 7.56
C ASN B 141 22.45 -48.53 6.68
N LYS B 142 22.56 -49.64 5.96
CA LYS B 142 21.54 -50.13 5.06
C LYS B 142 20.46 -50.73 5.94
N PRO B 143 19.24 -50.81 5.44
CA PRO B 143 18.12 -51.33 6.21
C PRO B 143 18.41 -52.73 6.71
N ARG B 144 17.63 -53.19 7.64
CA ARG B 144 17.70 -54.58 8.11
C ARG B 144 16.33 -54.80 8.74
N ILE B 145 15.69 -55.89 8.38
CA ILE B 145 14.37 -56.24 8.86
C ILE B 145 14.42 -57.38 9.87
N PRO B 146 13.82 -57.15 11.04
CA PRO B 146 13.75 -58.16 12.05
C PRO B 146 13.35 -59.49 11.43
N GLU B 147 14.07 -60.57 11.78
CA GLU B 147 13.64 -61.90 11.37
C GLU B 147 13.11 -62.70 12.55
N PRO B 148 12.32 -63.71 12.23
CA PRO B 148 11.69 -64.57 13.22
C PRO B 148 12.71 -65.01 14.24
N SER B 149 12.27 -65.14 15.50
CA SER B 149 13.21 -65.56 16.55
C SER B 149 12.40 -66.02 17.75
N ASP B 150 13.06 -66.44 18.82
CA ASP B 150 12.38 -66.87 20.04
C ASP B 150 11.71 -65.70 20.78
N SER B 151 12.08 -64.46 20.47
CA SER B 151 11.44 -63.35 21.14
C SER B 151 11.55 -62.10 20.31
N PHE B 152 10.70 -61.18 20.70
CA PHE B 152 10.59 -59.83 20.15
C PHE B 152 11.80 -59.03 20.61
N ALA B 153 12.26 -59.04 21.84
CA ALA B 153 13.47 -58.34 22.21
C ALA B 153 14.67 -58.80 21.35
N LYS B 154 14.81 -60.12 21.14
CA LYS B 154 15.87 -60.65 20.33
C LYS B 154 15.86 -60.22 18.88
N SER B 155 14.69 -60.28 18.24
CA SER B 155 14.59 -59.88 16.84
C SER B 155 14.91 -58.40 16.65
N PHE B 156 14.41 -57.58 17.56
CA PHE B 156 14.69 -56.15 17.49
C PHE B 156 16.18 -55.89 17.66
N LEU B 157 16.81 -56.49 18.68
CA LEU B 157 18.23 -56.28 18.90
C LEU B 157 19.05 -56.83 17.73
N LEU B 158 18.62 -58.01 17.23
CA LEU B 158 19.30 -58.59 16.08
C LEU B 158 19.30 -57.62 14.90
N ALA B 159 18.12 -57.12 14.56
CA ALA B 159 17.92 -56.19 13.45
C ALA B 159 18.63 -54.86 13.65
N SER B 160 18.76 -54.39 14.88
CA SER B 160 19.40 -53.12 15.18
C SER B 160 20.91 -53.11 14.98
N PHE B 161 21.56 -53.97 15.75
CA PHE B 161 22.99 -54.12 15.84
C PHE B 161 23.63 -55.20 14.99
N ALA B 162 22.85 -56.18 14.54
CA ALA B 162 23.47 -57.23 13.73
C ALA B 162 24.58 -57.94 14.53
N ARG B 163 24.40 -58.17 15.80
CA ARG B 163 25.32 -58.89 16.64
C ARG B 163 24.42 -59.76 17.51
N GLU B 164 24.88 -60.94 17.85
CA GLU B 164 24.06 -61.86 18.65
C GLU B 164 24.05 -61.31 20.07
N PRO B 165 22.89 -60.86 20.53
CA PRO B 165 22.74 -60.33 21.86
C PRO B 165 22.89 -61.40 22.94
N THR B 166 23.39 -60.98 24.08
CA THR B 166 23.53 -61.87 25.21
C THR B 166 22.17 -61.99 25.89
N THR B 167 22.04 -63.01 26.74
CA THR B 167 20.80 -63.28 27.47
C THR B 167 20.36 -62.07 28.26
N ASP B 168 21.28 -61.52 29.04
CA ASP B 168 21.09 -60.30 29.76
C ASP B 168 20.60 -59.18 28.85
N GLU B 169 21.09 -59.10 27.62
CA GLU B 169 20.66 -58.05 26.71
C GLU B 169 19.22 -58.29 26.29
N ILE B 170 18.88 -59.53 25.92
CA ILE B 170 17.52 -59.86 25.53
C ILE B 170 16.57 -59.51 26.68
N ASN B 171 16.91 -59.90 27.89
CA ASN B 171 16.13 -59.63 29.08
C ASN B 171 15.97 -58.12 29.34
N ALA B 172 17.04 -57.35 29.24
CA ALA B 172 17.02 -55.92 29.52
C ALA B 172 16.01 -55.21 28.60
N MET B 173 16.08 -55.60 27.32
CA MET B 173 15.22 -55.03 26.30
C MET B 173 13.79 -55.50 26.46
N ASP B 174 13.54 -56.68 27.02
CA ASP B 174 12.20 -57.27 27.12
C ASP B 174 11.46 -56.65 28.30
N LYS B 175 12.15 -56.48 29.41
CA LYS B 175 11.62 -55.87 30.59
C LYS B 175 11.38 -54.37 30.30
N ALA B 176 12.34 -53.73 29.67
CA ALA B 176 12.28 -52.38 29.21
C ALA B 176 10.92 -52.14 28.51
N LEU B 177 10.65 -53.01 27.56
CA LEU B 177 9.41 -52.91 26.81
C LEU B 177 8.18 -52.97 27.70
N ILE B 178 8.13 -53.85 28.69
CA ILE B 178 7.02 -53.98 29.59
C ILE B 178 6.91 -52.79 30.54
N LEU B 179 7.98 -52.28 31.09
CA LEU B 179 8.03 -51.18 32.03
C LEU B 179 7.45 -49.86 31.52
N TYR B 180 7.60 -49.55 30.25
CA TYR B 180 7.08 -48.38 29.61
C TYR B 180 5.77 -48.64 28.87
N THR B 181 5.08 -49.76 29.09
CA THR B 181 3.97 -50.07 28.20
C THR B 181 2.83 -49.04 28.27
N ASP B 182 2.51 -48.69 29.49
CA ASP B 182 1.48 -47.71 29.75
C ASP B 182 1.71 -46.99 31.05
N HIS B 183 1.23 -45.76 31.08
CA HIS B 183 1.30 -44.94 32.29
C HIS B 183 0.51 -43.67 32.06
N GLU B 184 -0.60 -43.48 32.76
CA GLU B 184 -1.35 -42.22 32.61
C GLU B 184 -1.84 -41.96 31.21
N VAL B 185 -2.30 -40.77 30.89
CA VAL B 185 -2.77 -40.39 29.57
C VAL B 185 -2.05 -39.09 29.27
N PRO B 186 -0.78 -39.10 28.90
CA PRO B 186 -0.06 -37.88 28.53
C PRO B 186 -0.58 -37.36 27.20
N ALA B 187 0.08 -36.39 26.57
CA ALA B 187 -0.40 -35.83 25.32
C ALA B 187 -0.32 -36.80 24.15
N SER B 188 0.56 -37.80 24.24
CA SER B 188 0.65 -38.74 23.08
C SER B 188 -0.59 -39.62 23.09
N THR B 189 -1.02 -40.05 24.25
CA THR B 189 -2.24 -40.86 24.29
C THR B 189 -3.48 -40.03 23.96
N THR B 190 -3.52 -38.80 24.46
CA THR B 190 -4.65 -37.91 24.22
C THR B 190 -4.88 -37.68 22.73
N ALA B 191 -3.80 -37.32 22.06
CA ALA B 191 -3.86 -37.07 20.63
C ALA B 191 -4.17 -38.34 19.89
N ALA B 192 -3.76 -39.52 20.35
CA ALA B 192 -4.14 -40.75 19.67
C ALA B 192 -5.64 -40.97 19.81
N LEU B 193 -6.14 -40.75 21.01
CA LEU B 193 -7.55 -40.84 21.36
C LEU B 193 -8.38 -39.88 20.51
N VAL B 194 -7.81 -38.66 20.38
CA VAL B 194 -8.50 -37.68 19.53
C VAL B 194 -8.53 -38.21 18.12
N ALA B 195 -7.43 -38.70 17.54
CA ALA B 195 -7.56 -39.18 16.15
C ALA B 195 -8.61 -40.27 16.04
N ALA B 196 -8.48 -41.32 16.84
CA ALA B 196 -9.33 -42.48 16.92
C ALA B 196 -10.80 -42.14 17.15
N SER B 197 -11.18 -41.06 17.84
CA SER B 197 -12.59 -40.75 17.99
C SER B 197 -13.22 -40.34 16.66
N THR B 198 -12.53 -40.02 15.59
CA THR B 198 -13.13 -39.71 14.30
C THR B 198 -13.19 -40.94 13.39
N LEU B 199 -12.83 -42.06 13.99
CA LEU B 199 -12.66 -43.35 13.37
C LEU B 199 -11.51 -43.38 12.37
N SER B 200 -10.42 -42.67 12.67
CA SER B 200 -9.24 -42.69 11.80
C SER B 200 -8.54 -44.04 12.00
N ASP B 201 -7.70 -44.40 11.05
CA ASP B 201 -6.96 -45.67 11.11
C ASP B 201 -5.97 -45.70 12.27
N MET B 202 -5.44 -46.85 12.66
CA MET B 202 -4.52 -46.89 13.81
C MET B 202 -3.15 -46.28 13.58
N TYR B 203 -2.66 -46.24 12.35
CA TYR B 203 -1.40 -45.67 11.98
C TYR B 203 -1.42 -44.15 12.10
N SER B 204 -2.58 -43.59 11.73
CA SER B 204 -2.83 -42.15 11.82
C SER B 204 -2.91 -41.78 13.29
N SER B 205 -3.55 -42.59 14.15
CA SER B 205 -3.57 -42.23 15.56
C SER B 205 -2.14 -42.32 16.11
N LEU B 206 -1.37 -43.36 15.71
CA LEU B 206 0.00 -43.41 16.19
C LEU B 206 0.73 -42.17 15.67
N THR B 207 0.54 -41.80 14.40
CA THR B 207 1.19 -40.60 13.90
C THR B 207 0.97 -39.37 14.78
N ALA B 208 -0.32 -39.18 15.14
CA ALA B 208 -0.72 -38.05 15.96
C ALA B 208 -0.11 -38.21 17.35
N ALA B 209 -0.05 -39.43 17.87
CA ALA B 209 0.59 -39.69 19.15
C ALA B 209 2.06 -39.33 19.01
N LEU B 210 2.71 -39.77 17.94
CA LEU B 210 4.10 -39.42 17.71
C LEU B 210 4.28 -37.92 17.52
N ALA B 211 3.34 -37.23 16.89
CA ALA B 211 3.37 -35.79 16.68
C ALA B 211 3.47 -35.02 18.00
N ALA B 212 2.68 -35.44 18.96
CA ALA B 212 2.69 -34.80 20.27
C ALA B 212 3.96 -35.19 21.01
N LEU B 213 4.44 -36.44 20.86
CA LEU B 213 5.62 -36.87 21.61
C LEU B 213 6.90 -36.17 21.17
N LYS B 214 6.96 -35.69 19.94
CA LYS B 214 8.12 -34.94 19.50
C LYS B 214 8.41 -33.67 20.26
N GLY B 215 7.43 -33.01 20.85
CA GLY B 215 7.60 -31.76 21.58
C GLY B 215 8.45 -32.01 22.81
N PRO B 216 9.29 -31.06 23.17
CA PRO B 216 10.12 -31.14 24.34
C PRO B 216 9.41 -31.17 25.66
N LEU B 217 8.12 -30.92 25.82
CA LEU B 217 7.48 -31.01 27.13
C LEU B 217 6.96 -32.44 27.29
N HIS B 218 7.08 -33.26 26.25
CA HIS B 218 6.65 -34.64 26.34
C HIS B 218 7.81 -35.60 26.04
N GLY B 219 8.52 -35.47 24.92
CA GLY B 219 9.65 -36.34 24.61
C GLY B 219 10.89 -35.82 25.36
N GLY B 220 12.04 -36.49 25.28
CA GLY B 220 13.24 -36.07 25.91
C GLY B 220 13.42 -36.26 27.40
N ALA B 221 12.48 -36.81 28.16
CA ALA B 221 12.67 -37.02 29.57
C ALA B 221 13.96 -37.81 29.88
N ALA B 222 14.14 -38.97 29.23
CA ALA B 222 15.28 -39.84 29.50
C ALA B 222 16.58 -39.16 29.09
N GLU B 223 16.57 -38.50 27.96
CA GLU B 223 17.68 -37.73 27.43
C GLU B 223 18.21 -36.69 28.41
N GLU B 224 17.29 -35.85 28.89
CA GLU B 224 17.62 -34.78 29.80
C GLU B 224 18.21 -35.33 31.07
N ALA B 225 17.62 -36.36 31.65
CA ALA B 225 18.14 -37.01 32.83
C ALA B 225 19.56 -37.51 32.55
N PHE B 226 19.66 -38.30 31.47
CA PHE B 226 20.93 -38.86 31.04
C PHE B 226 21.94 -37.77 30.75
N LYS B 227 21.54 -36.63 30.18
CA LYS B 227 22.49 -35.56 29.88
C LYS B 227 23.13 -35.01 31.13
N GLN B 228 22.54 -35.09 32.30
CA GLN B 228 23.17 -34.64 33.54
C GLN B 228 24.49 -35.38 33.79
N PHE B 229 24.50 -36.69 33.57
CA PHE B 229 25.66 -37.53 33.85
C PHE B 229 26.86 -37.21 32.97
N ILE B 230 26.61 -36.93 31.71
CA ILE B 230 27.59 -36.55 30.72
C ILE B 230 28.23 -35.25 31.22
N GLU B 231 27.34 -34.32 31.59
CA GLU B 231 27.80 -33.03 32.11
C GLU B 231 28.67 -33.26 33.35
N ILE B 232 28.35 -34.16 34.25
CA ILE B 232 29.23 -34.44 35.39
C ILE B 232 30.57 -35.03 34.96
N GLY B 233 30.61 -35.95 33.98
CA GLY B 233 31.79 -36.55 33.46
C GLY B 233 32.53 -37.60 34.25
N ASP B 234 32.75 -37.39 35.52
CA ASP B 234 33.53 -38.19 36.42
C ASP B 234 32.86 -38.30 37.77
N PRO B 235 32.80 -39.52 38.30
CA PRO B 235 32.24 -39.77 39.61
C PRO B 235 32.81 -38.84 40.66
N ASN B 236 34.07 -38.46 40.65
CA ASN B 236 34.71 -37.57 41.58
C ASN B 236 34.14 -36.16 41.65
N ARG B 237 33.39 -35.69 40.67
CA ARG B 237 32.81 -34.38 40.56
C ARG B 237 31.34 -34.32 40.96
N VAL B 238 30.71 -35.39 41.41
CA VAL B 238 29.32 -35.42 41.81
C VAL B 238 28.97 -34.45 42.94
N GLN B 239 29.74 -34.52 44.01
CA GLN B 239 29.49 -33.68 45.18
C GLN B 239 29.51 -32.20 44.85
N ASN B 240 30.58 -31.73 44.19
CA ASN B 240 30.60 -30.30 43.83
C ASN B 240 29.42 -30.00 42.93
N TRP B 241 29.13 -30.82 41.92
CA TRP B 241 27.99 -30.61 41.04
C TRP B 241 26.67 -30.55 41.82
N PHE B 242 26.46 -31.50 42.74
CA PHE B 242 25.20 -31.52 43.45
C PHE B 242 25.06 -30.32 44.36
N ASN B 243 26.07 -30.03 45.15
CA ASN B 243 26.03 -28.89 46.06
C ASN B 243 25.66 -27.59 45.37
N ASP B 244 26.28 -27.28 44.24
CA ASP B 244 26.07 -26.15 43.39
C ASP B 244 24.69 -26.01 42.73
N LYS B 245 24.37 -26.93 41.84
CA LYS B 245 23.22 -26.99 40.99
C LYS B 245 21.93 -27.15 41.80
N VAL B 246 21.95 -28.24 42.58
CA VAL B 246 20.81 -28.64 43.39
C VAL B 246 20.71 -27.76 44.61
N VAL B 247 21.45 -28.12 45.64
CA VAL B 247 21.48 -27.39 46.90
C VAL B 247 21.40 -25.88 46.73
N ASN B 248 22.53 -25.20 46.54
CA ASN B 248 22.47 -23.74 46.53
C ASN B 248 22.12 -22.99 45.28
N GLN B 249 21.91 -23.54 44.09
CA GLN B 249 21.39 -22.77 42.96
C GLN B 249 19.90 -23.11 42.79
N LYS B 250 19.48 -24.07 43.61
CA LYS B 250 18.12 -24.54 43.69
C LYS B 250 17.53 -25.08 42.41
N ASN B 251 18.21 -25.91 41.64
CA ASN B 251 17.53 -26.48 40.49
C ASN B 251 16.99 -27.86 40.91
N ARG B 252 16.31 -28.41 39.94
CA ARG B 252 15.72 -29.71 39.90
C ARG B 252 16.81 -30.77 39.74
N LEU B 253 16.46 -31.97 40.14
CA LEU B 253 17.27 -33.14 39.82
C LEU B 253 16.40 -33.77 38.73
N MET B 254 16.79 -33.71 37.47
CA MET B 254 16.00 -34.30 36.39
C MET B 254 16.04 -35.83 36.62
N GLY B 255 14.90 -36.45 36.46
CA GLY B 255 14.74 -37.85 36.76
C GLY B 255 14.28 -37.99 38.20
N PHE B 256 14.08 -36.93 38.96
CA PHE B 256 13.53 -37.05 40.31
C PHE B 256 12.15 -36.40 40.32
N GLY B 257 11.31 -36.83 41.25
CA GLY B 257 9.99 -36.25 41.43
C GLY B 257 8.99 -36.92 40.51
N HIS B 258 7.73 -36.68 40.77
CA HIS B 258 6.63 -37.24 40.01
C HIS B 258 5.31 -36.68 40.53
N ARG B 259 4.42 -36.35 39.61
CA ARG B 259 3.10 -35.83 39.85
C ARG B 259 2.08 -36.85 40.31
N VAL B 260 2.44 -38.11 40.50
CA VAL B 260 1.68 -39.20 41.06
C VAL B 260 2.48 -39.95 42.12
N TYR B 261 3.75 -40.25 41.87
CA TYR B 261 4.50 -41.02 42.85
C TYR B 261 5.03 -40.18 44.00
N LYS B 262 4.76 -40.68 45.20
CA LYS B 262 5.23 -40.03 46.41
C LYS B 262 6.33 -40.90 47.04
N THR B 263 6.59 -41.98 46.33
CA THR B 263 7.58 -42.98 46.70
C THR B 263 8.35 -43.39 45.45
N TYR B 264 9.41 -44.17 45.63
CA TYR B 264 10.21 -44.65 44.51
C TYR B 264 9.30 -45.15 43.39
N ASP B 265 9.63 -44.86 42.15
CA ASP B 265 8.81 -45.33 41.03
C ASP B 265 9.15 -46.79 40.82
N PRO B 266 8.14 -47.65 40.82
CA PRO B 266 8.31 -49.08 40.69
C PRO B 266 9.16 -49.50 39.50
N ARG B 267 9.13 -48.74 38.41
CA ARG B 267 9.90 -49.13 37.24
C ARG B 267 11.29 -48.56 37.36
N ALA B 268 11.56 -47.62 38.25
CA ALA B 268 12.91 -47.09 38.39
C ALA B 268 13.68 -48.18 39.14
N LYS B 269 13.03 -48.86 40.06
CA LYS B 269 13.63 -49.94 40.79
C LYS B 269 14.07 -51.00 39.78
N ILE B 270 13.14 -51.46 38.94
CA ILE B 270 13.47 -52.49 37.96
C ILE B 270 14.50 -51.99 36.96
N PHE B 271 14.43 -50.79 36.42
CA PHE B 271 15.42 -50.31 35.47
C PHE B 271 16.81 -50.28 36.10
N LYS B 272 16.95 -49.89 37.37
CA LYS B 272 18.29 -49.81 37.94
C LYS B 272 19.03 -51.15 37.95
N LYS B 273 18.30 -52.16 38.39
CA LYS B 273 18.64 -53.55 38.44
C LYS B 273 19.06 -54.02 37.06
N LEU B 274 18.36 -53.62 36.00
CA LEU B 274 18.79 -54.06 34.68
C LEU B 274 20.09 -53.32 34.33
N ALA B 275 20.37 -52.14 34.85
CA ALA B 275 21.58 -51.42 34.51
C ALA B 275 22.81 -52.14 35.08
N LEU B 276 22.61 -52.62 36.31
CA LEU B 276 23.59 -53.45 37.00
C LEU B 276 23.90 -54.68 36.18
N THR B 277 22.93 -55.29 35.51
CA THR B 277 23.21 -56.48 34.72
C THR B 277 23.96 -56.12 33.46
N LEU B 278 23.93 -54.90 32.92
CA LEU B 278 24.68 -54.68 31.69
C LEU B 278 25.91 -53.79 31.79
N ILE B 279 26.16 -53.14 32.92
CA ILE B 279 27.31 -52.23 32.98
C ILE B 279 28.69 -52.82 32.84
N GLU B 280 28.91 -54.08 33.14
CA GLU B 280 30.14 -54.82 32.97
C GLU B 280 30.72 -54.72 31.56
N ARG B 281 29.88 -54.71 30.52
CA ARG B 281 30.27 -54.65 29.15
C ARG B 281 30.53 -53.26 28.59
N ASN B 282 29.92 -52.17 29.04
CA ASN B 282 30.21 -50.89 28.39
C ASN B 282 30.85 -50.01 29.45
N ALA B 283 32.04 -49.48 29.22
CA ALA B 283 32.77 -48.68 30.17
C ALA B 283 32.22 -47.28 30.36
N ASP B 284 31.61 -46.76 29.30
CA ASP B 284 30.92 -45.47 29.39
C ASP B 284 29.68 -45.70 30.25
N ALA B 285 28.97 -46.78 29.89
CA ALA B 285 27.76 -47.14 30.62
C ALA B 285 28.09 -47.27 32.09
N ARG B 286 29.19 -47.95 32.44
CA ARG B 286 29.57 -48.07 33.85
C ARG B 286 29.97 -46.72 34.42
N ARG B 287 30.66 -45.88 33.67
CA ARG B 287 31.01 -44.55 34.19
C ARG B 287 29.76 -43.76 34.56
N TYR B 288 28.73 -43.77 33.71
CA TYR B 288 27.50 -43.07 34.04
C TYR B 288 26.70 -43.69 35.17
N PHE B 289 26.70 -45.01 35.34
CA PHE B 289 25.99 -45.66 36.45
C PHE B 289 26.57 -45.27 37.81
N GLU B 290 27.90 -45.22 37.92
CA GLU B 290 28.53 -44.80 39.17
C GLU B 290 28.18 -43.32 39.41
N ILE B 291 28.18 -42.50 38.35
CA ILE B 291 27.83 -41.10 38.52
C ILE B 291 26.37 -41.03 38.97
N ALA B 292 25.50 -41.67 38.20
CA ALA B 292 24.06 -41.69 38.52
C ALA B 292 23.77 -42.23 39.90
N GLN B 293 24.43 -43.34 40.28
CA GLN B 293 24.26 -43.92 41.61
C GLN B 293 24.74 -43.01 42.73
N LYS B 294 25.72 -42.14 42.56
CA LYS B 294 26.18 -41.22 43.58
C LYS B 294 25.17 -40.09 43.75
N LEU B 295 24.57 -39.70 42.64
CA LEU B 295 23.58 -38.64 42.62
C LEU B 295 22.33 -39.05 43.37
N GLU B 296 21.83 -40.25 43.09
CA GLU B 296 20.65 -40.81 43.73
C GLU B 296 20.75 -40.84 45.26
N GLU B 297 21.92 -41.18 45.79
CA GLU B 297 22.08 -41.17 47.24
C GLU B 297 21.99 -39.73 47.70
N LEU B 298 22.66 -38.81 47.02
CA LEU B 298 22.59 -37.40 47.38
C LEU B 298 21.19 -36.85 47.24
N GLY B 299 20.42 -37.29 46.24
CA GLY B 299 19.05 -36.84 46.03
C GLY B 299 18.06 -37.36 47.05
N ILE B 300 18.20 -38.64 47.44
CA ILE B 300 17.30 -39.25 48.40
C ILE B 300 17.51 -38.60 49.75
N LYS B 301 18.74 -38.26 50.16
CA LYS B 301 18.98 -37.60 51.42
C LYS B 301 18.34 -36.21 51.42
N GLN B 302 18.51 -35.52 50.30
CA GLN B 302 18.00 -34.20 50.07
C GLN B 302 16.49 -34.02 49.95
N PHE B 303 15.84 -34.86 49.16
CA PHE B 303 14.45 -34.76 48.79
C PHE B 303 13.46 -35.81 49.25
N SER B 304 13.87 -36.99 49.71
CA SER B 304 12.87 -37.98 50.09
C SER B 304 11.93 -37.44 51.16
N SER B 305 12.41 -36.59 52.08
CA SER B 305 11.56 -36.02 53.12
C SER B 305 10.45 -35.15 52.53
N LYS B 306 10.56 -34.64 51.32
CA LYS B 306 9.54 -33.89 50.64
C LYS B 306 8.78 -34.77 49.66
N GLY B 307 8.96 -36.08 49.75
CA GLY B 307 8.32 -37.05 48.89
C GLY B 307 8.84 -37.11 47.47
N ILE B 308 10.06 -36.61 47.20
CA ILE B 308 10.57 -36.67 45.84
C ILE B 308 11.61 -37.78 45.68
N TYR B 309 11.25 -38.69 44.78
CA TYR B 309 12.04 -39.88 44.47
C TYR B 309 12.46 -40.04 43.02
N PRO B 310 13.44 -40.90 42.79
CA PRO B 310 13.91 -41.16 41.44
C PRO B 310 12.73 -41.74 40.65
N ASN B 311 12.50 -41.19 39.47
CA ASN B 311 11.43 -41.71 38.64
C ASN B 311 12.06 -42.58 37.55
N THR B 312 11.22 -43.19 36.73
CA THR B 312 11.63 -44.07 35.67
C THR B 312 12.66 -43.53 34.69
N ASP B 313 12.80 -42.23 34.48
CA ASP B 313 13.79 -41.75 33.55
C ASP B 313 15.17 -41.56 34.13
N PHE B 314 15.42 -41.84 35.39
CA PHE B 314 16.76 -41.65 35.95
C PHE B 314 17.73 -42.71 35.48
N TYR B 315 17.27 -43.94 35.28
CA TYR B 315 18.06 -45.08 34.89
C TYR B 315 17.72 -45.75 33.57
N SER B 316 16.64 -45.39 32.91
CA SER B 316 16.28 -46.12 31.69
C SER B 316 17.26 -45.82 30.55
N GLY B 317 17.87 -44.65 30.61
CA GLY B 317 18.83 -44.18 29.62
C GLY B 317 20.12 -44.96 29.70
N ILE B 318 20.62 -45.24 30.89
CA ILE B 318 21.80 -46.06 31.16
C ILE B 318 21.56 -47.44 30.57
N VAL B 319 20.41 -48.05 30.78
CA VAL B 319 20.05 -49.35 30.19
C VAL B 319 20.14 -49.32 28.67
N PHE B 320 19.48 -48.33 28.05
CA PHE B 320 19.45 -48.20 26.60
C PHE B 320 20.84 -47.96 26.02
N TYR B 321 21.56 -47.11 26.76
CA TYR B 321 22.92 -46.73 26.41
C TYR B 321 23.79 -47.99 26.52
N ALA B 322 23.60 -48.72 27.62
CA ALA B 322 24.33 -49.96 27.82
C ALA B 322 23.99 -50.98 26.76
N LEU B 323 22.87 -51.01 26.05
CA LEU B 323 22.71 -52.01 25.00
C LEU B 323 23.37 -51.56 23.71
N GLY B 324 23.87 -50.32 23.60
CA GLY B 324 24.41 -49.81 22.38
C GLY B 324 23.59 -48.74 21.71
N PHE B 325 22.45 -48.29 22.20
CA PHE B 325 21.70 -47.22 21.52
C PHE B 325 22.18 -45.84 21.94
N PRO B 326 22.36 -44.97 20.97
CA PRO B 326 22.83 -43.62 21.24
C PRO B 326 21.75 -42.82 21.93
N VAL B 327 22.16 -41.79 22.65
CA VAL B 327 21.25 -40.91 23.39
C VAL B 327 20.16 -40.40 22.49
N TYR B 328 20.35 -40.08 21.21
CA TYR B 328 19.25 -39.63 20.37
C TYR B 328 18.13 -40.63 20.11
N MET B 329 18.11 -41.84 20.67
CA MET B 329 17.09 -42.83 20.37
C MET B 329 16.25 -43.18 21.60
N PHE B 330 16.62 -42.56 22.73
CA PHE B 330 15.89 -42.91 23.95
C PHE B 330 14.39 -42.72 23.78
N THR B 331 13.93 -41.53 23.33
CA THR B 331 12.49 -41.33 23.16
C THR B 331 11.88 -42.32 22.19
N ALA B 332 12.55 -42.64 21.09
CA ALA B 332 12.07 -43.62 20.13
C ALA B 332 12.00 -45.02 20.74
N LEU B 333 12.83 -45.34 21.76
CA LEU B 333 12.73 -46.66 22.39
C LEU B 333 11.54 -46.63 23.33
N PHE B 334 11.28 -45.43 23.89
CA PHE B 334 10.12 -45.22 24.75
C PHE B 334 8.87 -45.46 23.87
N ALA B 335 8.85 -44.79 22.72
CA ALA B 335 7.79 -44.88 21.75
C ALA B 335 7.56 -46.33 21.29
N LEU B 336 8.64 -47.10 21.10
CA LEU B 336 8.43 -48.49 20.70
C LEU B 336 7.56 -49.21 21.74
N SER B 337 7.91 -49.00 23.00
CA SER B 337 7.27 -49.64 24.12
C SER B 337 5.88 -49.09 24.31
N ARG B 338 5.76 -47.75 24.44
CA ARG B 338 4.47 -47.08 24.60
C ARG B 338 3.50 -47.39 23.47
N THR B 339 3.94 -47.74 22.28
CA THR B 339 3.06 -48.18 21.21
C THR B 339 2.05 -49.20 21.74
N LEU B 340 2.41 -50.15 22.58
CA LEU B 340 1.41 -51.09 23.08
C LEU B 340 0.30 -50.37 23.85
N GLY B 341 0.60 -49.49 24.79
CA GLY B 341 -0.33 -48.74 25.59
C GLY B 341 -1.31 -47.93 24.76
N TRP B 342 -0.78 -47.14 23.83
CA TRP B 342 -1.53 -46.35 22.87
C TRP B 342 -2.56 -47.16 22.07
N LEU B 343 -2.17 -48.34 21.59
CA LEU B 343 -3.08 -49.14 20.79
C LEU B 343 -4.19 -49.71 21.65
N ALA B 344 -3.89 -50.00 22.90
CA ALA B 344 -4.86 -50.54 23.85
C ALA B 344 -5.88 -49.46 24.21
N HIS B 345 -5.44 -48.23 24.40
CA HIS B 345 -6.28 -47.10 24.73
C HIS B 345 -7.27 -46.80 23.60
N ILE B 346 -6.77 -46.76 22.40
CA ILE B 346 -7.50 -46.53 21.14
C ILE B 346 -8.53 -47.63 20.99
N ILE B 347 -8.16 -48.90 20.97
CA ILE B 347 -9.13 -50.00 20.81
C ILE B 347 -10.22 -49.88 21.89
N GLU B 348 -9.75 -49.86 23.15
CA GLU B 348 -10.62 -49.69 24.29
C GLU B 348 -11.56 -48.52 24.03
N TYR B 349 -11.11 -47.32 23.70
CA TYR B 349 -11.94 -46.16 23.43
C TYR B 349 -13.04 -46.42 22.40
N VAL B 350 -12.69 -46.69 21.16
CA VAL B 350 -13.56 -47.00 20.06
C VAL B 350 -14.42 -48.24 20.28
N GLU B 351 -14.01 -49.21 21.06
CA GLU B 351 -14.68 -50.50 21.10
C GLU B 351 -15.75 -50.54 22.18
N GLU B 352 -15.51 -49.85 23.28
CA GLU B 352 -16.44 -49.82 24.38
C GLU B 352 -17.03 -48.47 24.78
N GLN B 353 -16.46 -47.35 24.40
CA GLN B 353 -16.96 -46.06 24.88
C GLN B 353 -16.74 -44.94 23.88
N HIS B 354 -17.20 -45.21 22.65
CA HIS B 354 -16.95 -44.29 21.56
C HIS B 354 -17.80 -43.02 21.56
N ARG B 355 -17.15 -41.88 21.49
CA ARG B 355 -17.77 -40.60 21.34
C ARG B 355 -16.76 -39.76 20.55
N LEU B 356 -17.27 -39.08 19.53
CA LEU B 356 -16.37 -38.22 18.73
C LEU B 356 -15.89 -37.16 19.68
N ILE B 357 -14.74 -36.55 19.58
CA ILE B 357 -14.28 -35.54 20.52
C ILE B 357 -14.40 -34.15 19.95
N ARG B 358 -15.30 -33.31 20.47
CA ARG B 358 -15.44 -31.93 19.98
C ARG B 358 -15.57 -30.98 21.14
N PRO B 359 -14.43 -30.53 21.67
CA PRO B 359 -14.45 -29.61 22.80
C PRO B 359 -15.01 -28.25 22.36
N ARG B 360 -14.85 -27.27 23.24
CA ARG B 360 -15.31 -25.93 22.87
C ARG B 360 -14.33 -24.82 23.15
N ALA B 361 -14.31 -23.78 22.33
CA ALA B 361 -13.55 -22.57 22.60
C ALA B 361 -14.57 -21.48 22.97
N LEU B 362 -14.23 -20.58 23.87
CA LEU B 362 -15.08 -19.49 24.31
C LEU B 362 -14.65 -18.21 23.60
N TYR B 363 -15.51 -17.62 22.77
CA TYR B 363 -15.14 -16.39 22.08
C TYR B 363 -15.11 -15.19 23.01
N VAL B 364 -14.03 -14.45 22.97
CA VAL B 364 -13.76 -13.26 23.76
C VAL B 364 -13.31 -12.18 22.78
N GLY B 365 -13.04 -10.94 23.21
CA GLY B 365 -12.76 -9.93 22.17
C GLY B 365 -14.09 -9.51 21.52
N PRO B 366 -14.10 -8.47 20.70
CA PRO B 366 -15.33 -7.90 20.19
C PRO B 366 -16.16 -8.66 19.17
N GLU B 367 -17.48 -8.58 19.35
CA GLU B 367 -18.44 -9.24 18.50
C GLU B 367 -18.63 -8.59 17.15
N TYR B 368 -18.51 -7.27 17.07
CA TYR B 368 -18.59 -6.58 15.81
C TYR B 368 -17.68 -5.37 15.80
N VAL C 3 -2.14 46.22 9.30
CA VAL C 3 -3.40 46.16 8.44
C VAL C 3 -3.20 45.69 7.00
N VAL C 4 -3.91 44.61 6.60
CA VAL C 4 -3.81 44.13 5.23
C VAL C 4 -4.62 45.08 4.33
N SER C 5 -4.07 45.37 3.16
CA SER C 5 -4.79 46.22 2.22
C SER C 5 -5.53 45.34 1.24
N LYS C 6 -6.68 44.86 1.67
CA LYS C 6 -7.62 43.96 1.08
C LYS C 6 -7.93 44.26 -0.37
N GLY C 7 -7.46 43.36 -1.25
CA GLY C 7 -7.60 43.46 -2.67
C GLY C 7 -6.87 44.62 -3.30
N LEU C 8 -6.06 45.40 -2.59
CA LEU C 8 -5.38 46.57 -3.11
C LEU C 8 -6.36 47.58 -3.72
N GLU C 9 -7.56 47.65 -3.16
CA GLU C 9 -8.65 48.51 -3.56
C GLU C 9 -8.35 49.97 -3.33
N ASN C 10 -7.98 50.34 -2.11
CA ASN C 10 -7.66 51.72 -1.78
C ASN C 10 -6.22 52.09 -2.14
N VAL C 11 -5.50 51.33 -2.95
CA VAL C 11 -4.13 51.59 -3.32
C VAL C 11 -3.95 52.14 -4.73
N ILE C 12 -3.09 53.17 -4.80
CA ILE C 12 -2.76 53.76 -6.09
C ILE C 12 -1.45 53.12 -6.54
N ILE C 13 -1.48 52.37 -7.62
CA ILE C 13 -0.32 51.66 -8.14
C ILE C 13 0.44 52.52 -9.13
N LYS C 14 -0.28 53.47 -9.75
CA LYS C 14 0.41 54.35 -10.70
C LYS C 14 -0.42 55.58 -11.03
N VAL C 15 0.24 56.62 -11.57
CA VAL C 15 -0.60 57.74 -12.05
C VAL C 15 -0.77 57.45 -13.54
N THR C 16 -1.77 58.04 -14.20
CA THR C 16 -1.90 57.79 -15.64
C THR C 16 -2.51 58.97 -16.39
N ASN C 17 -2.11 59.07 -17.65
CA ASN C 17 -2.57 60.05 -18.60
C ASN C 17 -3.48 59.38 -19.61
N LEU C 18 -3.75 58.09 -19.41
CA LEU C 18 -4.50 57.41 -20.44
C LEU C 18 -5.98 57.43 -20.13
N THR C 19 -6.45 57.07 -18.95
CA THR C 19 -7.91 57.02 -18.84
C THR C 19 -8.48 57.78 -17.67
N PHE C 20 -9.57 58.49 -18.01
CA PHE C 20 -10.26 59.29 -17.00
C PHE C 20 -11.66 58.73 -16.93
N ILE C 21 -12.20 58.52 -15.74
CA ILE C 21 -13.52 57.96 -15.54
C ILE C 21 -14.17 58.77 -14.42
N ASP C 22 -15.42 59.14 -14.64
CA ASP C 22 -16.27 59.88 -13.73
C ASP C 22 -17.52 59.01 -13.67
N GLY C 23 -17.64 58.19 -12.65
CA GLY C 23 -18.74 57.25 -12.54
C GLY C 23 -20.01 57.81 -11.93
N GLU C 24 -20.04 59.10 -11.71
CA GLU C 24 -21.19 59.80 -11.18
C GLU C 24 -21.84 60.46 -12.40
N LYS C 25 -20.93 61.02 -13.22
CA LYS C 25 -21.35 61.68 -14.43
C LYS C 25 -21.51 60.72 -15.59
N GLY C 26 -20.77 59.60 -15.56
CA GLY C 26 -20.77 58.63 -16.66
C GLY C 26 -19.95 59.14 -17.84
N ILE C 27 -18.82 59.75 -17.54
CA ILE C 27 -17.90 60.26 -18.54
C ILE C 27 -16.76 59.22 -18.61
N LEU C 28 -16.23 59.04 -19.80
CA LEU C 28 -15.13 58.13 -20.03
C LEU C 28 -14.32 58.65 -21.21
N ARG C 29 -13.09 59.05 -20.99
CA ARG C 29 -12.22 59.58 -22.00
C ARG C 29 -10.84 58.92 -22.05
N TYR C 30 -10.30 58.98 -23.27
CA TYR C 30 -8.98 58.44 -23.54
C TYR C 30 -8.13 59.66 -23.85
N ARG C 31 -7.32 60.07 -22.89
CA ARG C 31 -6.43 61.22 -23.06
C ARG C 31 -7.18 62.53 -23.19
N GLY C 32 -8.26 62.72 -22.42
CA GLY C 32 -9.09 63.90 -22.54
C GLY C 32 -10.18 63.86 -23.62
N TYR C 33 -10.08 62.98 -24.62
CA TYR C 33 -11.08 62.88 -25.67
C TYR C 33 -12.18 61.92 -25.29
N ASN C 34 -13.43 62.34 -25.25
CA ASN C 34 -14.57 61.51 -24.95
C ASN C 34 -14.63 60.31 -25.88
N ILE C 35 -15.02 59.17 -25.29
CA ILE C 35 -15.06 57.93 -26.10
C ILE C 35 -15.94 58.09 -27.33
N GLU C 36 -17.11 58.66 -27.20
CA GLU C 36 -18.10 58.99 -28.19
C GLU C 36 -17.52 59.68 -29.41
N ASP C 37 -16.74 60.73 -29.15
CA ASP C 37 -16.06 61.44 -30.23
C ASP C 37 -15.27 60.40 -31.01
N LEU C 38 -14.45 59.67 -30.27
CA LEU C 38 -13.59 58.63 -30.84
C LEU C 38 -14.37 57.56 -31.58
N VAL C 39 -15.46 57.00 -31.06
CA VAL C 39 -16.19 56.02 -31.86
C VAL C 39 -16.92 56.69 -33.01
N ASN C 40 -17.39 57.92 -32.85
CA ASN C 40 -18.06 58.60 -33.93
C ASN C 40 -17.19 58.96 -35.12
N TYR C 41 -16.06 59.62 -34.89
CA TYR C 41 -15.22 60.10 -35.95
C TYR C 41 -13.93 59.33 -36.19
N GLY C 42 -13.59 58.43 -35.25
CA GLY C 42 -12.35 57.70 -35.36
C GLY C 42 -12.47 56.26 -35.80
N SER C 43 -11.54 55.45 -35.27
CA SER C 43 -11.41 54.04 -35.58
C SER C 43 -10.35 53.44 -34.67
N TYR C 44 -10.23 52.11 -34.62
CA TYR C 44 -9.24 51.53 -33.72
C TYR C 44 -7.85 52.05 -34.01
N GLU C 45 -7.45 52.03 -35.29
CA GLU C 45 -6.11 52.50 -35.64
C GLU C 45 -5.83 53.86 -35.01
N GLU C 46 -6.79 54.78 -35.04
CA GLU C 46 -6.64 56.11 -34.49
C GLU C 46 -6.49 56.11 -32.98
N THR C 47 -7.22 55.24 -32.30
CA THR C 47 -7.12 55.15 -30.86
C THR C 47 -5.78 54.54 -30.46
N ILE C 48 -5.25 53.67 -31.31
CA ILE C 48 -3.97 53.03 -31.11
C ILE C 48 -2.92 54.11 -30.91
N TYR C 49 -2.90 55.02 -31.90
CA TYR C 49 -1.92 56.10 -31.94
C TYR C 49 -2.14 57.07 -30.78
N LEU C 50 -3.43 57.33 -30.49
CA LEU C 50 -3.72 58.24 -29.39
C LEU C 50 -3.06 57.68 -28.13
N MET C 51 -3.43 56.47 -27.75
CA MET C 51 -2.90 55.82 -26.57
C MET C 51 -1.39 55.73 -26.51
N LEU C 52 -0.72 55.19 -27.51
CA LEU C 52 0.73 55.09 -27.55
C LEU C 52 1.47 56.42 -27.71
N TYR C 53 1.01 57.31 -28.57
CA TYR C 53 1.73 58.52 -28.92
C TYR C 53 1.33 59.74 -28.13
N GLY C 54 0.16 59.75 -27.52
CA GLY C 54 -0.29 60.88 -26.74
C GLY C 54 -0.95 61.98 -27.54
N LYS C 55 -1.24 61.85 -28.82
CA LYS C 55 -1.92 62.88 -29.59
C LYS C 55 -2.72 62.28 -30.74
N LEU C 56 -3.68 63.04 -31.29
CA LEU C 56 -4.44 62.51 -32.43
C LEU C 56 -3.51 62.53 -33.65
N PRO C 57 -3.53 61.46 -34.45
CA PRO C 57 -2.67 61.36 -35.61
C PRO C 57 -3.12 62.20 -36.78
N THR C 58 -2.14 62.71 -37.53
CA THR C 58 -2.49 63.47 -38.74
C THR C 58 -2.84 62.41 -39.76
N LYS C 59 -3.02 62.75 -41.02
CA LYS C 59 -3.36 61.73 -42.01
C LYS C 59 -2.10 60.95 -42.33
N LYS C 60 -0.97 61.66 -42.36
CA LYS C 60 0.33 61.04 -42.66
C LYS C 60 0.73 60.00 -41.59
N GLU C 61 0.71 60.50 -40.36
CA GLU C 61 1.00 59.68 -39.20
C GLU C 61 0.13 58.43 -39.22
N LEU C 62 -1.18 58.55 -39.46
CA LEU C 62 -2.06 57.39 -39.50
C LEU C 62 -1.71 56.39 -40.59
N ASN C 63 -1.24 56.80 -41.76
CA ASN C 63 -0.96 55.80 -42.78
C ASN C 63 0.31 55.10 -42.41
N ASP C 64 1.26 55.81 -41.83
CA ASP C 64 2.52 55.19 -41.42
C ASP C 64 2.19 54.09 -40.42
N LEU C 65 1.39 54.45 -39.42
CA LEU C 65 0.89 53.48 -38.48
C LEU C 65 0.24 52.34 -39.26
N LYS C 66 -0.68 52.64 -40.18
CA LYS C 66 -1.34 51.60 -40.95
C LYS C 66 -0.35 50.72 -41.70
N ALA C 67 0.67 51.31 -42.31
CA ALA C 67 1.69 50.55 -43.02
C ALA C 67 2.35 49.55 -42.08
N LYS C 68 2.71 49.98 -40.87
CA LYS C 68 3.31 49.11 -39.87
C LYS C 68 2.44 47.88 -39.62
N LEU C 69 1.24 48.07 -39.11
CA LEU C 69 0.29 47.00 -38.84
C LEU C 69 0.18 45.97 -39.95
N ASN C 70 0.06 46.37 -41.21
CA ASN C 70 -0.17 45.49 -42.34
C ASN C 70 1.03 44.60 -42.61
N GLU C 71 2.21 45.10 -42.26
CA GLU C 71 3.47 44.40 -42.37
C GLU C 71 3.73 43.49 -41.18
N GLU C 72 2.96 43.61 -40.10
CA GLU C 72 3.25 42.82 -38.90
C GLU C 72 2.27 41.73 -38.52
N TYR C 73 1.31 41.33 -39.33
CA TYR C 73 0.38 40.28 -38.92
C TYR C 73 1.02 38.90 -38.79
N GLU C 74 1.93 38.52 -39.69
CA GLU C 74 2.58 37.23 -39.61
C GLU C 74 3.17 36.90 -38.23
N VAL C 75 3.17 35.62 -37.95
CA VAL C 75 3.73 35.05 -36.73
C VAL C 75 4.56 33.88 -37.23
N PRO C 76 5.62 33.52 -36.53
CA PRO C 76 6.45 32.38 -36.92
C PRO C 76 5.61 31.12 -36.85
N GLN C 77 5.70 30.25 -37.84
CA GLN C 77 4.97 29.00 -37.94
C GLN C 77 4.92 28.18 -36.66
N GLU C 78 6.00 28.12 -35.90
CA GLU C 78 6.06 27.45 -34.62
C GLU C 78 4.99 27.85 -33.62
N VAL C 79 4.62 29.14 -33.63
CA VAL C 79 3.57 29.65 -32.75
C VAL C 79 2.26 28.98 -33.11
N LEU C 80 1.95 28.96 -34.43
CA LEU C 80 0.72 28.29 -34.84
C LEU C 80 0.87 26.78 -34.65
N ASP C 81 2.05 26.21 -34.86
CA ASP C 81 2.21 24.78 -34.55
C ASP C 81 1.79 24.53 -33.11
N THR C 82 2.36 25.25 -32.17
CA THR C 82 2.04 25.16 -30.75
C THR C 82 0.55 25.18 -30.45
N ILE C 83 -0.19 26.18 -30.96
CA ILE C 83 -1.63 26.24 -30.70
C ILE C 83 -2.40 25.06 -31.30
N TYR C 84 -1.97 24.45 -32.41
CA TYR C 84 -2.64 23.30 -33.00
C TYR C 84 -2.29 21.99 -32.31
N LEU C 85 -1.34 21.99 -31.38
CA LEU C 85 -1.02 20.87 -30.53
C LEU C 85 -1.98 20.79 -29.34
N MET C 86 -2.41 21.96 -28.88
CA MET C 86 -3.33 22.01 -27.71
C MET C 86 -4.72 21.59 -28.11
N PRO C 87 -5.48 21.02 -27.19
CA PRO C 87 -6.82 20.57 -27.48
C PRO C 87 -7.73 21.62 -28.09
N LYS C 88 -8.58 21.10 -28.97
CA LYS C 88 -9.67 21.88 -29.57
C LYS C 88 -10.49 22.50 -28.45
N GLU C 89 -10.75 21.75 -27.39
CA GLU C 89 -11.55 22.08 -26.24
C GLU C 89 -10.84 22.97 -25.24
N ALA C 90 -9.57 23.33 -25.44
CA ALA C 90 -8.90 24.18 -24.48
C ALA C 90 -9.67 25.50 -24.43
N ASP C 91 -9.58 26.22 -23.33
CA ASP C 91 -10.16 27.54 -23.19
C ASP C 91 -9.54 28.50 -24.20
N ALA C 92 -10.24 29.52 -24.67
CA ALA C 92 -9.68 30.45 -25.65
C ALA C 92 -8.54 31.30 -25.09
N ILE C 93 -8.68 31.69 -23.84
CA ILE C 93 -7.67 32.48 -23.15
C ILE C 93 -6.44 31.62 -22.90
N GLY C 94 -6.62 30.34 -22.58
CA GLY C 94 -5.47 29.45 -22.44
C GLY C 94 -4.64 29.36 -23.74
N LEU C 95 -5.28 29.23 -24.91
CA LEU C 95 -4.52 29.16 -26.14
C LEU C 95 -3.79 30.46 -26.40
N LEU C 96 -4.38 31.60 -25.98
CA LEU C 96 -3.72 32.90 -26.13
C LEU C 96 -2.52 32.94 -25.19
N GLU C 97 -2.65 32.45 -23.98
CA GLU C 97 -1.55 32.32 -23.04
C GLU C 97 -0.35 31.56 -23.64
N VAL C 98 -0.62 30.44 -24.34
CA VAL C 98 0.50 29.72 -24.95
C VAL C 98 1.07 30.48 -26.13
N GLY C 99 0.28 31.16 -26.96
CA GLY C 99 0.81 31.90 -28.10
C GLY C 99 1.73 33.05 -27.72
N THR C 100 1.47 33.72 -26.60
CA THR C 100 2.32 34.84 -26.19
C THR C 100 3.50 34.32 -25.39
N ALA C 101 3.36 33.22 -24.62
CA ALA C 101 4.59 32.65 -24.01
C ALA C 101 5.52 32.24 -25.15
N ALA C 102 4.96 31.57 -26.17
CA ALA C 102 5.76 31.20 -27.33
C ALA C 102 6.38 32.43 -27.96
N LEU C 103 5.66 33.54 -28.09
CA LEU C 103 6.22 34.73 -28.71
C LEU C 103 7.26 35.36 -27.80
N ALA C 104 7.06 35.33 -26.49
CA ALA C 104 8.08 35.82 -25.56
C ALA C 104 9.38 35.00 -25.72
N SER C 105 9.28 33.68 -25.89
CA SER C 105 10.47 32.86 -25.98
C SER C 105 11.20 32.93 -27.30
N ILE C 106 10.50 32.98 -28.42
CA ILE C 106 11.13 33.10 -29.74
C ILE C 106 11.80 34.46 -29.88
N ASP C 107 11.19 35.51 -29.35
CA ASP C 107 11.69 36.88 -29.43
C ASP C 107 12.80 37.18 -28.44
N LYS C 108 13.93 36.48 -28.55
CA LYS C 108 15.04 36.77 -27.65
C LYS C 108 15.54 38.12 -28.12
N ASN C 109 16.38 38.83 -27.36
CA ASN C 109 16.90 40.10 -27.83
C ASN C 109 15.92 41.27 -27.78
N PHE C 110 14.89 41.28 -26.92
CA PHE C 110 14.03 42.46 -26.83
C PHE C 110 14.65 43.29 -25.70
N LYS C 111 14.70 44.60 -25.87
CA LYS C 111 15.27 45.47 -24.85
C LYS C 111 14.35 46.66 -24.59
N TRP C 112 14.12 46.95 -23.32
CA TRP C 112 13.26 48.08 -23.00
C TRP C 112 13.92 49.38 -23.44
N LYS C 113 13.09 50.38 -23.74
CA LYS C 113 13.43 51.73 -24.08
C LYS C 113 14.05 52.01 -25.43
N GLU C 114 14.24 51.06 -26.32
CA GLU C 114 14.78 51.36 -27.63
C GLU C 114 13.65 52.02 -28.43
N ASN C 115 12.63 51.19 -28.68
CA ASN C 115 11.51 51.64 -29.50
C ASN C 115 10.24 50.86 -29.18
N ASP C 116 9.78 51.08 -27.97
CA ASP C 116 8.60 50.48 -27.39
C ASP C 116 7.33 50.69 -28.19
N LYS C 117 6.99 51.92 -28.54
CA LYS C 117 5.78 52.24 -29.29
C LYS C 117 5.66 51.44 -30.57
N GLU C 118 6.73 51.34 -31.33
CA GLU C 118 6.73 50.55 -32.55
C GLU C 118 6.54 49.07 -32.23
N LYS C 119 7.17 48.60 -31.14
CA LYS C 119 7.07 47.22 -30.71
C LYS C 119 5.62 46.91 -30.35
N ALA C 120 4.96 47.74 -29.58
CA ALA C 120 3.56 47.58 -29.23
C ALA C 120 2.70 47.49 -30.48
N ILE C 121 2.93 48.33 -31.49
CA ILE C 121 2.23 48.27 -32.76
C ILE C 121 2.38 46.85 -33.31
N SER C 122 3.60 46.37 -33.62
CA SER C 122 3.71 45.00 -34.10
C SER C 122 3.06 43.99 -33.16
N ILE C 123 3.07 44.18 -31.85
CA ILE C 123 2.46 43.18 -30.98
C ILE C 123 0.97 43.12 -31.28
N ILE C 124 0.29 44.23 -31.39
CA ILE C 124 -1.14 44.34 -31.65
C ILE C 124 -1.59 43.61 -32.91
N ALA C 125 -0.84 43.74 -34.00
CA ALA C 125 -1.19 43.03 -35.22
C ALA C 125 -1.09 41.54 -34.96
N LYS C 126 -0.01 41.06 -34.32
CA LYS C 126 0.08 39.64 -34.03
C LYS C 126 -1.04 39.16 -33.13
N MET C 127 -1.53 40.00 -32.20
CA MET C 127 -2.64 39.58 -31.37
C MET C 127 -3.86 39.31 -32.24
N ALA C 128 -4.07 40.06 -33.32
CA ALA C 128 -5.21 39.83 -34.21
C ALA C 128 -5.04 38.46 -34.88
N THR C 129 -3.81 38.13 -35.25
CA THR C 129 -3.46 36.87 -35.86
C THR C 129 -3.73 35.71 -34.88
N LEU C 130 -3.26 35.93 -33.65
CA LEU C 130 -3.43 34.95 -32.60
C LEU C 130 -4.91 34.72 -32.32
N VAL C 131 -5.67 35.80 -32.11
CA VAL C 131 -7.08 35.69 -31.75
C VAL C 131 -7.87 34.99 -32.85
N ALA C 132 -7.62 35.42 -34.08
CA ALA C 132 -8.31 34.82 -35.21
C ALA C 132 -8.04 33.33 -35.25
N ASN C 133 -6.75 32.96 -35.27
CA ASN C 133 -6.34 31.57 -35.33
C ASN C 133 -6.70 30.78 -34.11
N VAL C 134 -6.82 31.37 -32.92
CA VAL C 134 -7.29 30.57 -31.78
C VAL C 134 -8.70 30.09 -32.09
N TYR C 135 -9.51 30.97 -32.64
CA TYR C 135 -10.83 30.67 -33.16
C TYR C 135 -10.81 29.57 -34.22
N ARG C 136 -9.96 29.67 -35.25
CA ARG C 136 -10.01 28.62 -36.27
C ARG C 136 -9.64 27.27 -35.69
N ARG C 137 -8.60 27.20 -34.86
CA ARG C 137 -8.21 25.98 -34.16
C ARG C 137 -9.34 25.38 -33.36
N LYS C 138 -10.11 26.19 -32.64
CA LYS C 138 -11.22 25.69 -31.82
C LYS C 138 -12.34 25.16 -32.70
N GLU C 139 -12.43 25.67 -33.91
CA GLU C 139 -13.40 25.31 -34.92
C GLU C 139 -12.90 24.15 -35.77
N GLY C 140 -11.59 23.90 -35.77
CA GLY C 140 -10.96 22.85 -36.51
C GLY C 140 -10.64 23.23 -37.93
N ASN C 141 -10.29 24.47 -38.23
CA ASN C 141 -9.94 24.86 -39.59
C ASN C 141 -8.44 25.11 -39.71
N LYS C 142 -7.87 25.00 -40.90
CA LYS C 142 -6.42 25.29 -40.95
C LYS C 142 -6.30 26.79 -40.70
N PRO C 143 -5.13 27.27 -40.32
CA PRO C 143 -4.94 28.65 -39.97
C PRO C 143 -5.31 29.62 -41.09
N ARG C 144 -5.05 30.89 -40.81
CA ARG C 144 -5.16 31.94 -41.79
C ARG C 144 -4.63 33.25 -41.23
N ILE C 145 -3.52 33.68 -41.79
CA ILE C 145 -2.86 34.92 -41.39
C ILE C 145 -3.56 36.07 -42.09
N PRO C 146 -3.88 37.12 -41.33
CA PRO C 146 -4.57 38.29 -41.85
C PRO C 146 -3.80 38.97 -42.96
N GLU C 147 -4.52 39.56 -43.92
CA GLU C 147 -3.82 40.27 -45.00
C GLU C 147 -4.01 41.77 -44.96
N PRO C 148 -2.98 42.45 -45.46
CA PRO C 148 -3.02 43.91 -45.57
C PRO C 148 -4.33 44.29 -46.25
N SER C 149 -5.08 45.18 -45.59
CA SER C 149 -6.35 45.65 -46.10
C SER C 149 -6.49 47.09 -45.62
N ASP C 150 -7.69 47.65 -45.74
CA ASP C 150 -7.89 49.02 -45.35
C ASP C 150 -7.93 49.21 -43.84
N SER C 151 -8.57 48.26 -43.19
CA SER C 151 -8.77 48.41 -41.76
C SER C 151 -8.33 47.15 -41.05
N PHE C 152 -7.87 47.41 -39.82
CA PHE C 152 -7.41 46.31 -38.96
C PHE C 152 -8.64 45.47 -38.67
N ALA C 153 -9.80 46.09 -38.44
CA ALA C 153 -11.03 45.34 -38.24
C ALA C 153 -11.32 44.45 -39.44
N LYS C 154 -11.10 44.95 -40.65
CA LYS C 154 -11.34 44.18 -41.86
C LYS C 154 -10.42 42.95 -41.91
N SER C 155 -9.11 43.17 -41.75
CA SER C 155 -8.16 42.06 -41.75
C SER C 155 -8.49 41.01 -40.68
N PHE C 156 -8.86 41.44 -39.48
CA PHE C 156 -9.26 40.52 -38.44
C PHE C 156 -10.44 39.66 -38.87
N LEU C 157 -11.55 40.28 -39.27
CA LEU C 157 -12.73 39.56 -39.71
C LEU C 157 -12.47 38.65 -40.91
N LEU C 158 -11.73 39.20 -41.87
CA LEU C 158 -11.34 38.42 -43.05
C LEU C 158 -10.70 37.12 -42.57
N ALA C 159 -9.69 37.21 -41.71
CA ALA C 159 -8.97 36.07 -41.16
C ALA C 159 -9.83 35.11 -40.36
N SER C 160 -10.72 35.57 -39.50
CA SER C 160 -11.54 34.66 -38.72
C SER C 160 -12.46 33.84 -39.60
N PHE C 161 -13.27 34.55 -40.40
CA PHE C 161 -14.31 33.89 -41.17
C PHE C 161 -14.00 33.68 -42.62
N ALA C 162 -13.12 34.44 -43.25
CA ALA C 162 -12.82 34.30 -44.67
C ALA C 162 -13.90 34.80 -45.63
N ARG C 163 -15.07 35.20 -45.14
CA ARG C 163 -16.14 35.74 -45.97
C ARG C 163 -15.91 37.25 -45.93
N GLU C 164 -15.99 37.98 -47.03
CA GLU C 164 -15.80 39.44 -46.95
C GLU C 164 -16.87 40.00 -46.03
N PRO C 165 -16.48 40.83 -45.06
CA PRO C 165 -17.42 41.41 -44.11
C PRO C 165 -18.18 42.56 -44.73
N THR C 166 -19.40 42.77 -44.22
CA THR C 166 -20.21 43.88 -44.68
C THR C 166 -19.70 45.13 -43.96
N THR C 167 -19.97 46.29 -44.49
CA THR C 167 -19.50 47.54 -43.89
C THR C 167 -19.99 47.71 -42.46
N ASP C 168 -21.24 47.38 -42.14
CA ASP C 168 -21.79 47.52 -40.81
C ASP C 168 -21.01 46.62 -39.83
N GLU C 169 -20.58 45.49 -40.37
CA GLU C 169 -19.77 44.53 -39.66
C GLU C 169 -18.45 45.21 -39.33
N ILE C 170 -17.69 45.63 -40.34
CA ILE C 170 -16.42 46.29 -40.08
C ILE C 170 -16.51 47.42 -39.10
N ASN C 171 -17.57 48.21 -39.16
CA ASN C 171 -17.82 49.31 -38.26
C ASN C 171 -18.03 48.79 -36.85
N ALA C 172 -18.72 47.66 -36.73
CA ALA C 172 -19.05 47.12 -35.42
C ALA C 172 -17.80 46.60 -34.69
N MET C 173 -16.92 45.90 -35.41
CA MET C 173 -15.70 45.35 -34.87
C MET C 173 -14.74 46.44 -34.43
N ASP C 174 -14.66 47.47 -35.28
CA ASP C 174 -13.78 48.59 -34.99
C ASP C 174 -14.19 49.33 -33.74
N LYS C 175 -15.45 49.68 -33.59
CA LYS C 175 -15.88 50.46 -32.43
C LYS C 175 -15.80 49.58 -31.19
N ALA C 176 -16.10 48.30 -31.32
CA ALA C 176 -15.95 47.39 -30.18
C ALA C 176 -14.49 47.51 -29.68
N LEU C 177 -13.52 47.45 -30.59
CA LEU C 177 -12.12 47.58 -30.27
C LEU C 177 -11.77 48.86 -29.50
N ILE C 178 -12.33 49.99 -29.97
CA ILE C 178 -12.15 51.24 -29.26
C ILE C 178 -12.86 51.13 -27.92
N LEU C 179 -14.09 50.62 -27.99
CA LEU C 179 -14.92 50.52 -26.82
C LEU C 179 -14.27 49.81 -25.67
N TYR C 180 -13.46 48.79 -25.86
CA TYR C 180 -12.85 48.09 -24.72
C TYR C 180 -11.37 48.37 -24.54
N THR C 181 -10.72 49.19 -25.36
CA THR C 181 -9.32 49.51 -25.28
C THR C 181 -8.81 49.60 -23.84
N ASP C 182 -9.49 50.29 -22.93
CA ASP C 182 -8.98 50.40 -21.57
C ASP C 182 -9.97 50.94 -20.56
N HIS C 183 -9.95 50.40 -19.36
CA HIS C 183 -10.78 50.81 -18.26
C HIS C 183 -10.18 50.42 -16.93
N GLU C 184 -9.77 51.36 -16.07
CA GLU C 184 -9.32 50.99 -14.73
C GLU C 184 -8.04 50.16 -14.70
N VAL C 185 -7.71 49.53 -13.56
CA VAL C 185 -6.56 48.67 -13.46
C VAL C 185 -6.99 47.34 -12.81
N PRO C 186 -7.73 46.53 -13.55
CA PRO C 186 -8.16 45.22 -13.08
C PRO C 186 -7.01 44.23 -12.97
N ALA C 187 -7.25 43.03 -12.44
CA ALA C 187 -6.22 42.02 -12.19
C ALA C 187 -5.25 41.84 -13.35
N SER C 188 -5.84 41.79 -14.54
CA SER C 188 -5.04 41.64 -15.74
C SER C 188 -4.13 42.80 -15.97
N THR C 189 -4.45 44.04 -15.63
CA THR C 189 -3.52 45.14 -15.93
C THR C 189 -2.44 45.13 -14.85
N THR C 190 -2.93 44.80 -13.66
CA THR C 190 -2.03 44.72 -12.51
C THR C 190 -0.91 43.72 -12.76
N ALA C 191 -1.31 42.52 -13.17
CA ALA C 191 -0.36 41.47 -13.52
C ALA C 191 0.58 41.94 -14.63
N ALA C 192 0.08 42.67 -15.62
CA ALA C 192 0.99 43.16 -16.66
C ALA C 192 2.04 44.13 -16.11
N LEU C 193 1.71 44.97 -15.14
CA LEU C 193 2.61 45.94 -14.57
C LEU C 193 3.67 45.28 -13.73
N VAL C 194 3.28 44.26 -12.98
CA VAL C 194 4.19 43.50 -12.11
C VAL C 194 5.30 42.91 -12.96
N ALA C 195 4.93 42.21 -14.02
CA ALA C 195 5.95 41.65 -14.91
C ALA C 195 6.80 42.76 -15.54
N ALA C 196 6.16 43.81 -16.02
CA ALA C 196 6.86 44.92 -16.66
C ALA C 196 7.78 45.57 -15.64
N SER C 197 7.38 45.67 -14.39
CA SER C 197 8.21 46.27 -13.37
C SER C 197 9.52 45.52 -13.16
N THR C 198 9.68 44.27 -13.55
CA THR C 198 10.99 43.64 -13.46
C THR C 198 11.80 43.69 -14.77
N LEU C 199 11.29 44.40 -15.75
CA LEU C 199 11.81 44.58 -17.09
C LEU C 199 11.58 43.33 -17.95
N SER C 200 10.55 42.57 -17.61
CA SER C 200 10.24 41.39 -18.42
C SER C 200 9.83 41.88 -19.80
N ASP C 201 9.73 41.01 -20.80
CA ASP C 201 9.41 41.49 -22.16
C ASP C 201 7.92 41.74 -22.27
N MET C 202 7.50 42.37 -23.36
CA MET C 202 6.09 42.68 -23.61
C MET C 202 5.24 41.46 -23.85
N TYR C 203 5.74 40.38 -24.45
CA TYR C 203 4.91 39.18 -24.66
C TYR C 203 4.63 38.52 -23.32
N SER C 204 5.66 38.53 -22.47
CA SER C 204 5.59 37.94 -21.15
C SER C 204 4.59 38.76 -20.33
N SER C 205 4.63 40.10 -20.32
CA SER C 205 3.63 40.86 -19.54
C SER C 205 2.19 40.62 -20.00
N LEU C 206 1.99 40.42 -21.33
CA LEU C 206 0.68 40.10 -21.86
C LEU C 206 0.29 38.68 -21.45
N THR C 207 1.33 37.83 -21.38
CA THR C 207 1.05 36.48 -20.87
C THR C 207 0.53 36.60 -19.44
N ALA C 208 1.18 37.45 -18.63
CA ALA C 208 0.76 37.58 -17.24
C ALA C 208 -0.66 38.11 -17.14
N ALA C 209 -0.99 39.08 -17.97
CA ALA C 209 -2.32 39.66 -18.07
C ALA C 209 -3.29 38.60 -18.57
N LEU C 210 -2.89 37.81 -19.57
CA LEU C 210 -3.78 36.74 -20.06
C LEU C 210 -4.08 35.70 -18.99
N ALA C 211 -3.12 35.37 -18.10
CA ALA C 211 -3.33 34.43 -17.00
C ALA C 211 -4.35 34.89 -15.95
N ALA C 212 -4.35 36.18 -15.65
CA ALA C 212 -5.32 36.69 -14.66
C ALA C 212 -6.71 36.73 -15.29
N LEU C 213 -6.74 37.06 -16.58
CA LEU C 213 -7.96 37.16 -17.35
C LEU C 213 -8.58 35.77 -17.51
N LYS C 214 -7.81 34.70 -17.57
CA LYS C 214 -8.39 33.36 -17.59
C LYS C 214 -9.27 33.07 -16.39
N GLY C 215 -9.12 33.63 -15.20
CA GLY C 215 -9.97 33.37 -14.06
C GLY C 215 -11.39 33.86 -14.23
N PRO C 216 -12.37 33.15 -13.67
CA PRO C 216 -13.78 33.49 -13.81
C PRO C 216 -14.25 34.77 -13.15
N LEU C 217 -13.45 35.35 -12.25
CA LEU C 217 -13.74 36.58 -11.55
C LEU C 217 -13.30 37.78 -12.36
N HIS C 218 -12.58 37.59 -13.44
CA HIS C 218 -12.14 38.73 -14.22
C HIS C 218 -12.53 38.55 -15.68
N GLY C 219 -12.64 37.31 -16.13
CA GLY C 219 -13.01 37.00 -17.51
C GLY C 219 -14.40 36.35 -17.51
N GLY C 220 -15.01 36.22 -18.70
CA GLY C 220 -16.32 35.64 -18.78
C GLY C 220 -17.51 36.57 -18.64
N ALA C 221 -17.35 37.82 -18.27
CA ALA C 221 -18.38 38.83 -18.16
C ALA C 221 -19.33 38.94 -19.36
N ALA C 222 -18.85 39.17 -20.58
CA ALA C 222 -19.81 39.24 -21.69
C ALA C 222 -20.51 37.89 -21.82
N GLU C 223 -19.83 36.77 -21.66
CA GLU C 223 -20.41 35.45 -21.70
C GLU C 223 -21.51 35.21 -20.68
N GLU C 224 -21.28 35.68 -19.47
CA GLU C 224 -22.22 35.47 -18.36
C GLU C 224 -23.48 36.29 -18.62
N ALA C 225 -23.35 37.54 -19.03
CA ALA C 225 -24.50 38.38 -19.36
C ALA C 225 -25.31 37.81 -20.53
N PHE C 226 -24.61 37.37 -21.57
CA PHE C 226 -25.22 36.80 -22.76
C PHE C 226 -25.87 35.45 -22.55
N LYS C 227 -25.46 34.65 -21.57
CA LYS C 227 -26.06 33.33 -21.39
C LYS C 227 -27.44 33.47 -20.77
N GLN C 228 -27.71 34.59 -20.10
CA GLN C 228 -29.00 34.83 -19.49
C GLN C 228 -30.07 34.86 -20.59
N PHE C 229 -29.84 35.74 -21.56
CA PHE C 229 -30.64 35.84 -22.76
C PHE C 229 -30.78 34.43 -23.35
N ILE C 230 -29.73 33.67 -23.57
CA ILE C 230 -29.85 32.31 -24.11
C ILE C 230 -30.86 31.51 -23.30
N GLU C 231 -30.70 31.50 -21.99
CA GLU C 231 -31.56 30.80 -21.05
C GLU C 231 -33.00 31.27 -21.13
N ILE C 232 -33.25 32.57 -21.29
CA ILE C 232 -34.63 33.05 -21.40
C ILE C 232 -35.18 32.47 -22.69
N GLY C 233 -34.46 32.65 -23.78
CA GLY C 233 -34.72 32.16 -25.10
C GLY C 233 -35.84 32.72 -25.94
N ASP C 234 -36.89 33.23 -25.31
CA ASP C 234 -38.04 33.82 -25.95
C ASP C 234 -38.35 35.12 -25.22
N PRO C 235 -38.43 36.22 -25.96
CA PRO C 235 -38.76 37.51 -25.40
C PRO C 235 -40.02 37.46 -24.56
N ASN C 236 -41.03 36.69 -24.98
CA ASN C 236 -42.28 36.50 -24.26
C ASN C 236 -42.06 35.98 -22.84
N ARG C 237 -40.97 35.27 -22.58
CA ARG C 237 -40.63 34.70 -21.30
C ARG C 237 -39.84 35.61 -20.37
N VAL C 238 -39.47 36.82 -20.78
CA VAL C 238 -38.71 37.71 -19.92
C VAL C 238 -39.32 37.95 -18.55
N GLN C 239 -40.51 38.52 -18.44
CA GLN C 239 -41.11 38.80 -17.14
C GLN C 239 -41.15 37.62 -16.20
N ASN C 240 -41.59 36.44 -16.63
CA ASN C 240 -41.57 35.30 -15.70
C ASN C 240 -40.18 35.14 -15.11
N TRP C 241 -39.22 34.85 -16.00
CA TRP C 241 -37.82 34.68 -15.65
C TRP C 241 -37.33 35.85 -14.81
N PHE C 242 -37.68 37.09 -15.14
CA PHE C 242 -37.31 38.23 -14.33
C PHE C 242 -37.86 38.12 -12.91
N ASN C 243 -39.18 38.16 -12.72
CA ASN C 243 -39.75 38.09 -11.38
C ASN C 243 -39.25 36.87 -10.61
N ASP C 244 -39.20 35.69 -11.24
CA ASP C 244 -38.73 34.52 -10.53
C ASP C 244 -37.25 34.61 -10.15
N LYS C 245 -36.40 34.63 -11.15
CA LYS C 245 -34.96 34.64 -10.99
C LYS C 245 -34.41 35.78 -10.16
N VAL C 246 -34.76 37.03 -10.46
CA VAL C 246 -34.22 38.17 -9.74
C VAL C 246 -35.15 38.59 -8.61
N VAL C 247 -36.27 39.22 -8.95
CA VAL C 247 -37.21 39.69 -7.94
C VAL C 247 -37.36 38.75 -6.76
N ASN C 248 -37.99 37.58 -6.93
CA ASN C 248 -38.20 36.75 -5.76
C ASN C 248 -37.08 35.77 -5.49
N GLN C 249 -36.28 35.32 -6.46
CA GLN C 249 -35.17 34.43 -6.10
C GLN C 249 -33.91 35.19 -5.75
N LYS C 250 -33.94 36.52 -5.84
CA LYS C 250 -32.90 37.44 -5.46
C LYS C 250 -31.56 37.24 -6.15
N ASN C 251 -31.58 36.77 -7.38
CA ASN C 251 -30.35 36.57 -8.15
C ASN C 251 -29.93 37.91 -8.75
N ARG C 252 -28.62 38.13 -8.78
CA ARG C 252 -28.12 39.40 -9.32
C ARG C 252 -28.14 39.29 -10.84
N LEU C 253 -28.63 40.34 -11.45
CA LEU C 253 -28.72 40.42 -12.91
C LEU C 253 -27.33 40.69 -13.47
N MET C 254 -26.80 39.78 -14.29
CA MET C 254 -25.50 39.95 -14.92
C MET C 254 -25.56 40.98 -16.04
N GLY C 255 -24.62 41.91 -16.02
CA GLY C 255 -24.51 43.00 -16.98
C GLY C 255 -24.97 44.30 -16.33
N PHE C 256 -25.39 44.22 -15.09
CA PHE C 256 -25.88 45.37 -14.36
C PHE C 256 -24.99 45.71 -13.17
N GLY C 257 -24.65 47.00 -13.11
CA GLY C 257 -23.88 47.47 -11.97
C GLY C 257 -22.40 47.53 -12.30
N HIS C 258 -21.74 48.40 -11.55
CA HIS C 258 -20.31 48.63 -11.71
C HIS C 258 -19.81 49.20 -10.40
N ARG C 259 -18.50 49.09 -10.24
CA ARG C 259 -17.82 49.53 -9.03
C ARG C 259 -17.49 51.00 -9.08
N VAL C 260 -17.42 51.63 -10.24
CA VAL C 260 -17.16 53.05 -10.39
C VAL C 260 -18.37 53.77 -10.98
N TYR C 261 -19.03 53.17 -11.95
CA TYR C 261 -20.17 53.79 -12.60
C TYR C 261 -21.44 53.65 -11.76
N LYS C 262 -22.00 54.81 -11.43
CA LYS C 262 -23.22 54.93 -10.65
C LYS C 262 -24.38 55.40 -11.51
N THR C 263 -24.13 55.55 -12.79
CA THR C 263 -25.06 55.92 -13.84
C THR C 263 -24.86 54.93 -14.99
N TYR C 264 -25.58 55.07 -16.08
CA TYR C 264 -25.43 54.23 -17.25
C TYR C 264 -24.02 54.36 -17.80
N ASP C 265 -23.34 53.24 -17.95
CA ASP C 265 -21.96 53.20 -18.49
C ASP C 265 -21.97 53.71 -19.91
N PRO C 266 -21.10 54.67 -20.22
CA PRO C 266 -21.06 55.28 -21.53
C PRO C 266 -20.78 54.31 -22.65
N ARG C 267 -20.19 53.15 -22.37
CA ARG C 267 -19.89 52.21 -23.48
C ARG C 267 -21.06 51.26 -23.65
N ALA C 268 -21.87 50.98 -22.65
CA ALA C 268 -23.07 50.18 -22.75
C ALA C 268 -23.99 50.86 -23.77
N LYS C 269 -24.10 52.19 -23.63
CA LYS C 269 -24.81 53.09 -24.49
C LYS C 269 -24.40 52.91 -25.95
N ILE C 270 -23.13 53.07 -26.30
CA ILE C 270 -22.67 52.89 -27.67
C ILE C 270 -22.91 51.49 -28.20
N PHE C 271 -22.76 50.47 -27.34
CA PHE C 271 -22.88 49.09 -27.73
C PHE C 271 -24.29 48.85 -28.27
N LYS C 272 -25.30 49.37 -27.57
CA LYS C 272 -26.68 49.25 -28.00
C LYS C 272 -26.90 49.78 -29.42
N LYS C 273 -26.40 51.00 -29.62
CA LYS C 273 -26.41 51.60 -30.94
C LYS C 273 -25.74 50.65 -31.90
N LEU C 274 -24.54 50.08 -31.64
CA LEU C 274 -23.97 49.16 -32.62
C LEU C 274 -24.86 47.95 -32.92
N ALA C 275 -25.54 47.42 -31.91
CA ALA C 275 -26.43 46.29 -32.13
C ALA C 275 -27.45 46.58 -33.23
N LEU C 276 -28.16 47.69 -33.05
CA LEU C 276 -29.17 48.26 -33.92
C LEU C 276 -28.81 48.26 -35.39
N THR C 277 -27.54 48.40 -35.68
CA THR C 277 -26.87 48.44 -36.94
C THR C 277 -26.74 47.07 -37.56
N LEU C 278 -26.94 46.01 -36.80
CA LEU C 278 -26.75 44.64 -37.20
C LEU C 278 -27.91 43.67 -37.05
N ILE C 279 -28.90 43.90 -36.22
CA ILE C 279 -30.03 43.02 -35.98
C ILE C 279 -31.18 43.07 -36.96
N GLU C 280 -31.09 43.66 -38.13
CA GLU C 280 -32.18 43.66 -39.09
C GLU C 280 -31.88 42.50 -40.06
N ARG C 281 -30.59 42.26 -40.26
CA ARG C 281 -30.13 41.19 -41.13
C ARG C 281 -30.07 39.89 -40.36
N ASN C 282 -29.74 39.99 -39.08
CA ASN C 282 -29.60 38.86 -38.19
C ASN C 282 -30.83 38.59 -37.35
N ALA C 283 -31.61 37.59 -37.74
CA ALA C 283 -32.83 37.27 -37.01
C ALA C 283 -32.53 36.77 -35.62
N ASP C 284 -31.43 36.06 -35.44
CA ASP C 284 -31.10 35.56 -34.11
C ASP C 284 -30.41 36.63 -33.29
N ALA C 285 -29.62 37.57 -33.83
CA ALA C 285 -29.08 38.61 -32.96
C ALA C 285 -30.15 39.55 -32.42
N ARG C 286 -31.24 39.68 -33.17
CA ARG C 286 -32.38 40.51 -32.82
C ARG C 286 -33.23 39.96 -31.69
N ARG C 287 -33.46 38.67 -31.68
CA ARG C 287 -34.25 38.03 -30.62
C ARG C 287 -33.58 38.24 -29.27
N TYR C 288 -32.25 38.14 -29.29
CA TYR C 288 -31.42 38.33 -28.09
C TYR C 288 -31.47 39.79 -27.66
N PHE C 289 -31.43 40.67 -28.66
CA PHE C 289 -31.56 42.10 -28.37
C PHE C 289 -32.89 42.42 -27.68
N GLU C 290 -34.01 41.93 -28.19
CA GLU C 290 -35.29 42.20 -27.55
C GLU C 290 -35.38 41.61 -26.15
N ILE C 291 -34.70 40.48 -25.91
CA ILE C 291 -34.68 39.90 -24.57
C ILE C 291 -33.84 40.84 -23.70
N ALA C 292 -32.69 41.27 -24.19
CA ALA C 292 -31.83 42.20 -23.50
C ALA C 292 -32.62 43.45 -23.09
N GLN C 293 -33.18 44.07 -24.12
CA GLN C 293 -34.03 45.24 -24.06
C GLN C 293 -35.16 45.12 -23.05
N LYS C 294 -35.89 44.00 -22.98
CA LYS C 294 -36.94 43.88 -21.98
C LYS C 294 -36.36 43.79 -20.57
N LEU C 295 -35.22 43.11 -20.49
CA LEU C 295 -34.49 42.84 -19.26
C LEU C 295 -33.89 44.13 -18.71
N GLU C 296 -33.36 44.94 -19.63
CA GLU C 296 -32.86 46.25 -19.25
C GLU C 296 -33.98 47.05 -18.59
N GLU C 297 -35.10 47.14 -19.30
CA GLU C 297 -36.27 47.85 -18.81
C GLU C 297 -36.62 47.40 -17.39
N LEU C 298 -36.82 46.09 -17.19
CA LEU C 298 -37.20 45.70 -15.84
C LEU C 298 -36.09 46.15 -14.88
N GLY C 299 -34.84 45.93 -15.29
CA GLY C 299 -33.69 46.28 -14.50
C GLY C 299 -33.68 47.74 -14.07
N ILE C 300 -33.68 48.64 -15.04
CA ILE C 300 -33.67 50.07 -14.67
C ILE C 300 -34.79 50.46 -13.73
N LYS C 301 -36.03 49.99 -13.82
CA LYS C 301 -37.05 50.35 -12.85
C LYS C 301 -36.77 49.68 -11.50
N GLN C 302 -36.06 48.55 -11.49
CA GLN C 302 -35.82 47.83 -10.26
C GLN C 302 -34.51 48.11 -9.55
N PHE C 303 -33.57 48.78 -10.19
CA PHE C 303 -32.25 49.03 -9.63
C PHE C 303 -31.73 50.44 -9.87
N SER C 304 -32.31 51.22 -10.77
CA SER C 304 -31.75 52.52 -11.13
C SER C 304 -31.58 53.46 -9.93
N SER C 305 -32.46 53.34 -8.96
CA SER C 305 -32.57 54.07 -7.73
C SER C 305 -31.54 53.77 -6.67
N LYS C 306 -30.56 52.91 -6.95
CA LYS C 306 -29.47 52.60 -6.03
C LYS C 306 -28.17 52.68 -6.81
N GLY C 307 -28.29 53.30 -8.00
CA GLY C 307 -27.19 53.49 -8.92
C GLY C 307 -26.69 52.24 -9.62
N ILE C 308 -27.55 51.28 -9.89
CA ILE C 308 -27.21 50.04 -10.58
C ILE C 308 -27.78 50.01 -11.99
N TYR C 309 -26.97 50.31 -12.99
CA TYR C 309 -27.37 50.38 -14.38
C TYR C 309 -26.76 49.32 -15.27
N PRO C 310 -27.19 49.26 -16.53
CA PRO C 310 -26.55 48.34 -17.48
C PRO C 310 -25.06 48.69 -17.48
N ASN C 311 -24.18 47.70 -17.57
CA ASN C 311 -22.75 47.93 -17.67
C ASN C 311 -22.35 47.58 -19.11
N THR C 312 -21.09 47.61 -19.51
CA THR C 312 -20.71 47.32 -20.88
C THR C 312 -20.82 45.89 -21.35
N ASP C 313 -21.05 44.90 -20.52
CA ASP C 313 -21.13 43.51 -20.93
C ASP C 313 -22.54 42.99 -21.18
N PHE C 314 -23.54 43.84 -21.00
CA PHE C 314 -24.93 43.41 -21.22
C PHE C 314 -25.23 43.48 -22.71
N TYR C 315 -24.55 44.31 -23.48
CA TYR C 315 -24.75 44.49 -24.90
C TYR C 315 -23.56 44.16 -25.78
N SER C 316 -22.37 43.91 -25.18
CA SER C 316 -21.22 43.61 -26.03
C SER C 316 -21.39 42.24 -26.67
N GLY C 317 -21.98 41.32 -25.91
CA GLY C 317 -22.32 39.98 -26.35
C GLY C 317 -23.18 39.97 -27.60
N ILE C 318 -24.28 40.73 -27.63
CA ILE C 318 -25.14 40.77 -28.84
C ILE C 318 -24.29 41.20 -30.03
N VAL C 319 -23.47 42.23 -29.83
CA VAL C 319 -22.63 42.68 -30.94
C VAL C 319 -21.78 41.56 -31.50
N PHE C 320 -20.97 40.89 -30.72
CA PHE C 320 -20.10 39.79 -31.10
C PHE C 320 -20.85 38.62 -31.71
N TYR C 321 -21.95 38.22 -31.11
CA TYR C 321 -22.75 37.12 -31.66
C TYR C 321 -23.17 37.45 -33.07
N ALA C 322 -23.82 38.59 -33.30
CA ALA C 322 -24.23 39.02 -34.62
C ALA C 322 -23.11 39.11 -35.64
N LEU C 323 -21.85 39.30 -35.24
CA LEU C 323 -20.72 39.37 -36.14
C LEU C 323 -20.22 37.99 -36.57
N GLY C 324 -20.72 36.93 -35.92
CA GLY C 324 -20.30 35.59 -36.28
C GLY C 324 -19.76 34.81 -35.08
N PHE C 325 -19.06 35.53 -34.19
CA PHE C 325 -18.38 34.85 -33.10
C PHE C 325 -19.27 34.12 -32.11
N PRO C 326 -18.80 32.94 -31.68
CA PRO C 326 -19.46 32.13 -30.67
C PRO C 326 -19.25 32.70 -29.29
N VAL C 327 -19.99 32.17 -28.32
CA VAL C 327 -19.97 32.65 -26.94
C VAL C 327 -18.56 32.57 -26.38
N TYR C 328 -17.92 31.43 -26.57
CA TYR C 328 -16.60 31.09 -26.08
C TYR C 328 -15.48 32.01 -26.52
N MET C 329 -15.67 32.80 -27.54
CA MET C 329 -14.68 33.75 -28.01
C MET C 329 -14.84 35.14 -27.40
N PHE C 330 -15.91 35.41 -26.66
CA PHE C 330 -16.15 36.78 -26.17
C PHE C 330 -15.05 37.35 -25.30
N THR C 331 -14.54 36.60 -24.33
CA THR C 331 -13.43 37.13 -23.52
C THR C 331 -12.19 37.32 -24.38
N ALA C 332 -11.96 36.49 -25.38
CA ALA C 332 -10.80 36.65 -26.25
C ALA C 332 -10.90 37.91 -27.09
N LEU C 333 -12.14 38.25 -27.51
CA LEU C 333 -12.34 39.44 -28.33
C LEU C 333 -12.03 40.63 -27.42
N PHE C 334 -12.45 40.59 -26.15
CA PHE C 334 -12.03 41.65 -25.22
C PHE C 334 -10.51 41.66 -25.07
N ALA C 335 -9.83 40.52 -24.93
CA ALA C 335 -8.37 40.52 -24.86
C ALA C 335 -7.78 41.26 -26.06
N LEU C 336 -8.36 41.02 -27.23
CA LEU C 336 -7.90 41.67 -28.46
C LEU C 336 -7.89 43.18 -28.31
N SER C 337 -8.95 43.76 -27.73
CA SER C 337 -8.89 45.22 -27.61
C SER C 337 -8.25 45.67 -26.32
N ARG C 338 -8.33 44.92 -25.21
CA ARG C 338 -7.60 45.36 -24.02
C ARG C 338 -6.09 45.34 -24.24
N THR C 339 -5.56 44.65 -25.22
CA THR C 339 -4.13 44.61 -25.48
C THR C 339 -3.63 46.04 -25.69
N LEU C 340 -4.39 46.93 -26.33
CA LEU C 340 -3.91 48.28 -26.54
C LEU C 340 -3.68 48.99 -25.19
N GLY C 341 -4.63 48.86 -24.29
CA GLY C 341 -4.46 49.47 -22.98
C GLY C 341 -3.34 48.79 -22.18
N TRP C 342 -3.21 47.46 -22.23
CA TRP C 342 -2.19 46.77 -21.45
C TRP C 342 -0.79 47.28 -21.81
N LEU C 343 -0.53 47.35 -23.11
CA LEU C 343 0.76 47.81 -23.60
C LEU C 343 1.01 49.27 -23.26
N ALA C 344 -0.06 50.07 -23.37
CA ALA C 344 -0.03 51.49 -23.08
C ALA C 344 0.32 51.70 -21.63
N HIS C 345 -0.35 50.98 -20.76
CA HIS C 345 -0.08 51.11 -19.33
C HIS C 345 1.33 50.72 -18.95
N ILE C 346 1.84 49.62 -19.49
CA ILE C 346 3.19 49.17 -19.10
C ILE C 346 4.27 50.01 -19.76
N ILE C 347 4.02 50.52 -20.96
CA ILE C 347 4.97 51.45 -21.55
C ILE C 347 5.04 52.70 -20.69
N GLU C 348 3.89 53.21 -20.28
CA GLU C 348 3.77 54.36 -19.41
C GLU C 348 4.44 54.10 -18.06
N TYR C 349 4.36 52.88 -17.56
CA TYR C 349 5.04 52.52 -16.31
C TYR C 349 6.55 52.42 -16.41
N VAL C 350 7.10 51.78 -17.43
CA VAL C 350 8.54 51.66 -17.57
C VAL C 350 9.18 52.98 -17.89
N GLU C 351 8.50 53.78 -18.69
CA GLU C 351 8.99 55.04 -19.20
C GLU C 351 8.99 56.19 -18.19
N GLU C 352 7.90 56.35 -17.44
CA GLU C 352 7.81 57.48 -16.54
C GLU C 352 7.67 57.28 -15.06
N GLN C 353 7.39 56.10 -14.53
CA GLN C 353 7.31 55.94 -13.08
C GLN C 353 7.80 54.57 -12.65
N HIS C 354 8.74 54.01 -13.38
CA HIS C 354 9.33 52.70 -13.16
C HIS C 354 9.81 52.39 -11.75
N ARG C 355 9.07 51.48 -11.12
CA ARG C 355 9.38 51.00 -9.79
C ARG C 355 9.06 49.50 -9.72
N LEU C 356 9.98 48.79 -9.10
CA LEU C 356 9.86 47.35 -9.00
C LEU C 356 8.79 47.04 -7.98
N ILE C 357 7.82 46.20 -8.31
CA ILE C 357 6.77 45.88 -7.33
C ILE C 357 7.36 44.92 -6.32
N ARG C 358 7.12 45.20 -5.05
CA ARG C 358 7.62 44.42 -3.93
C ARG C 358 6.80 44.62 -2.66
N PRO C 359 5.57 44.12 -2.67
CA PRO C 359 4.64 44.24 -1.56
C PRO C 359 5.07 43.40 -0.38
N ARG C 360 4.36 43.53 0.74
CA ARG C 360 4.68 42.72 1.90
C ARG C 360 3.52 41.76 2.21
N ALA C 361 3.86 40.84 3.11
CA ALA C 361 2.94 39.89 3.71
C ALA C 361 3.18 40.04 5.23
N LEU C 362 2.15 39.98 6.05
CA LEU C 362 2.31 40.08 7.46
C LEU C 362 2.38 38.63 7.97
N TYR C 363 3.39 38.31 8.79
CA TYR C 363 3.52 36.98 9.33
C TYR C 363 2.64 36.87 10.58
N VAL C 364 1.87 35.79 10.68
CA VAL C 364 0.97 35.50 11.76
C VAL C 364 1.18 34.07 12.26
N GLY C 365 0.92 33.88 13.54
CA GLY C 365 1.08 32.56 14.16
C GLY C 365 2.36 32.54 14.96
N PRO C 366 2.73 31.40 15.52
CA PRO C 366 3.95 31.27 16.29
C PRO C 366 5.19 31.61 15.48
N GLU C 367 6.06 32.44 16.04
CA GLU C 367 7.27 32.79 15.29
C GLU C 367 8.33 31.71 15.48
N TYR C 368 8.21 30.86 16.48
CA TYR C 368 9.12 29.78 16.74
C TYR C 368 8.41 28.48 17.11
N GLN C 369 8.89 27.36 16.58
CA GLN C 369 8.33 26.04 16.91
C GLN C 369 9.46 25.04 17.03
N GLU C 370 9.47 24.19 18.03
CA GLU C 370 10.47 23.17 18.27
C GLU C 370 10.49 22.16 17.12
N TYR C 371 11.64 21.78 16.61
CA TYR C 371 11.67 20.80 15.53
C TYR C 371 11.58 19.42 16.17
N VAL C 372 10.67 18.53 15.76
CA VAL C 372 10.63 17.23 16.42
C VAL C 372 11.26 16.13 15.57
N VAL D 3 -1.73 60.08 -3.44
CA VAL D 3 -0.64 59.35 -2.70
C VAL D 3 -0.26 58.02 -3.34
N VAL D 4 0.47 58.07 -4.45
CA VAL D 4 0.87 56.86 -5.14
C VAL D 4 1.75 55.96 -4.26
N SER D 5 1.37 54.70 -4.19
CA SER D 5 2.18 53.69 -3.50
C SER D 5 3.30 53.27 -4.44
N LYS D 6 4.51 53.78 -4.22
CA LYS D 6 5.67 53.49 -5.04
C LYS D 6 6.22 52.08 -4.91
N GLY D 7 5.94 51.24 -5.89
CA GLY D 7 6.29 49.85 -6.01
C GLY D 7 5.49 48.91 -5.13
N LEU D 8 4.51 49.42 -4.38
CA LEU D 8 3.72 48.65 -3.44
C LEU D 8 4.51 48.31 -2.17
N GLU D 9 5.63 48.97 -2.03
CA GLU D 9 6.68 48.89 -1.06
C GLU D 9 6.22 48.63 0.36
N ASN D 10 5.36 49.46 0.94
CA ASN D 10 4.87 49.19 2.28
C ASN D 10 3.42 48.75 2.33
N VAL D 11 2.91 48.12 1.29
CA VAL D 11 1.53 47.65 1.29
C VAL D 11 1.50 46.19 1.75
N ILE D 12 0.56 45.82 2.64
CA ILE D 12 0.40 44.46 3.08
C ILE D 12 -0.62 43.80 2.13
N ILE D 13 -0.14 42.92 1.26
CA ILE D 13 -0.98 42.22 0.31
C ILE D 13 -1.75 41.08 0.94
N LYS D 14 -1.20 40.37 1.91
CA LYS D 14 -1.85 39.24 2.52
C LYS D 14 -1.25 38.93 3.88
N VAL D 15 -1.93 38.10 4.66
CA VAL D 15 -1.28 37.67 5.91
C VAL D 15 -0.73 36.27 5.60
N THR D 16 0.30 35.84 6.32
CA THR D 16 0.89 34.56 6.02
C THR D 16 1.51 33.90 7.23
N ASN D 17 1.38 32.57 7.18
CA ASN D 17 1.99 31.74 8.21
C ASN D 17 3.20 30.99 7.66
N LEU D 18 3.50 31.17 6.38
CA LEU D 18 4.55 30.50 5.67
C LEU D 18 5.97 30.85 6.06
N THR D 19 6.43 32.07 5.89
CA THR D 19 7.81 32.45 6.11
C THR D 19 7.98 33.60 7.07
N PHE D 20 8.78 33.43 8.09
CA PHE D 20 9.06 34.42 9.10
C PHE D 20 10.50 34.83 8.89
N ILE D 21 10.82 36.12 8.97
CA ILE D 21 12.18 36.58 8.73
C ILE D 21 12.55 37.64 9.78
N ASP D 22 13.76 37.54 10.26
CA ASP D 22 14.31 38.51 11.18
C ASP D 22 15.68 38.91 10.61
N GLY D 23 15.72 40.03 9.92
CA GLY D 23 16.97 40.47 9.35
C GLY D 23 18.01 41.00 10.31
N GLU D 24 17.72 41.27 11.55
CA GLU D 24 18.63 41.79 12.53
C GLU D 24 19.50 40.65 13.09
N LYS D 25 18.78 39.63 13.51
CA LYS D 25 19.34 38.44 14.13
C LYS D 25 19.62 37.33 13.13
N GLY D 26 19.38 37.57 11.85
CA GLY D 26 19.53 36.65 10.76
C GLY D 26 18.70 35.38 10.86
N ILE D 27 17.47 35.38 11.35
CA ILE D 27 16.67 34.17 11.43
C ILE D 27 15.72 33.96 10.26
N LEU D 28 15.66 32.78 9.68
CA LEU D 28 14.73 32.44 8.61
C LEU D 28 13.96 31.18 8.99
N ARG D 29 12.64 31.21 9.17
CA ARG D 29 11.86 30.05 9.57
C ARG D 29 10.67 29.78 8.65
N TYR D 30 10.36 28.52 8.41
CA TYR D 30 9.20 28.08 7.66
C TYR D 30 8.18 27.55 8.67
N ARG D 31 6.98 28.12 8.72
CA ARG D 31 5.96 27.76 9.70
C ARG D 31 6.55 27.73 11.11
N GLY D 32 7.49 28.59 11.47
CA GLY D 32 8.03 28.54 12.82
C GLY D 32 9.25 27.69 12.98
N TYR D 33 9.52 26.75 12.10
CA TYR D 33 10.71 25.90 12.14
C TYR D 33 11.92 26.58 11.57
N ASN D 34 13.05 26.63 12.29
CA ASN D 34 14.26 27.25 11.75
C ASN D 34 14.75 26.49 10.51
N ILE D 35 15.20 27.14 9.44
CA ILE D 35 15.69 26.45 8.27
C ILE D 35 16.80 25.44 8.64
N GLU D 36 17.70 25.76 9.57
CA GLU D 36 18.78 24.86 9.92
C GLU D 36 18.28 23.46 10.28
N ASP D 37 17.22 23.37 11.06
CA ASP D 37 16.63 22.13 11.48
C ASP D 37 16.04 21.32 10.34
N LEU D 38 15.54 22.00 9.34
CA LEU D 38 14.86 21.33 8.23
C LEU D 38 15.96 20.74 7.34
N VAL D 39 17.02 21.54 7.18
CA VAL D 39 18.15 21.03 6.41
C VAL D 39 18.97 20.00 7.18
N ASN D 40 19.21 20.12 8.47
CA ASN D 40 19.92 19.15 9.25
C ASN D 40 19.20 17.83 9.48
N TYR D 41 17.86 17.80 9.45
CA TYR D 41 17.13 16.57 9.69
C TYR D 41 16.12 16.25 8.60
N GLY D 42 15.70 17.13 7.71
CA GLY D 42 14.66 16.79 6.77
C GLY D 42 15.12 16.63 5.33
N SER D 43 14.26 16.82 4.37
CA SER D 43 14.37 16.75 2.95
C SER D 43 13.42 17.76 2.25
N TYR D 44 13.50 17.86 0.91
CA TYR D 44 12.59 18.76 0.24
C TYR D 44 11.18 18.22 0.52
N GLU D 45 11.00 16.91 0.39
CA GLU D 45 9.75 16.23 0.60
C GLU D 45 9.05 16.63 1.89
N GLU D 46 9.78 16.72 2.98
CA GLU D 46 9.19 17.12 4.25
C GLU D 46 8.83 18.60 4.22
N THR D 47 9.61 19.46 3.58
CA THR D 47 9.30 20.87 3.38
C THR D 47 8.04 21.07 2.56
N ILE D 48 7.81 20.28 1.51
CA ILE D 48 6.62 20.38 0.69
C ILE D 48 5.37 20.15 1.56
N TYR D 49 5.56 19.16 2.44
CA TYR D 49 4.40 18.78 3.26
C TYR D 49 4.07 19.89 4.23
N LEU D 50 5.11 20.46 4.82
CA LEU D 50 4.98 21.50 5.82
C LEU D 50 4.36 22.77 5.22
N MET D 51 4.85 23.09 4.02
CA MET D 51 4.41 24.31 3.36
C MET D 51 2.95 24.17 2.91
N LEU D 52 2.53 23.05 2.35
CA LEU D 52 1.17 22.80 1.93
C LEU D 52 0.18 22.39 3.00
N TYR D 53 0.53 21.59 3.98
CA TYR D 53 -0.37 21.09 5.00
C TYR D 53 -0.25 21.80 6.33
N GLY D 54 0.71 22.66 6.58
CA GLY D 54 0.84 23.32 7.86
C GLY D 54 1.42 22.55 9.02
N LYS D 55 2.06 21.40 8.80
CA LYS D 55 2.70 20.66 9.88
C LYS D 55 3.66 19.56 9.40
N LEU D 56 4.59 19.20 10.28
CA LEU D 56 5.56 18.13 10.07
C LEU D 56 4.77 16.86 9.85
N PRO D 57 5.07 16.15 8.76
CA PRO D 57 4.37 14.91 8.46
C PRO D 57 4.81 13.76 9.37
N THR D 58 3.96 12.75 9.46
CA THR D 58 4.30 11.52 10.16
C THR D 58 4.94 10.69 9.04
N LYS D 59 5.44 9.50 9.33
CA LYS D 59 6.02 8.68 8.26
C LYS D 59 4.99 8.21 7.26
N LYS D 60 3.75 7.96 7.66
CA LYS D 60 2.69 7.52 6.76
C LYS D 60 2.43 8.66 5.76
N GLU D 61 2.27 9.87 6.34
CA GLU D 61 2.06 11.06 5.53
C GLU D 61 3.24 11.27 4.61
N LEU D 62 4.50 11.23 5.07
CA LEU D 62 5.64 11.44 4.19
C LEU D 62 5.77 10.42 3.07
N ASN D 63 5.61 9.13 3.37
CA ASN D 63 5.65 8.12 2.31
C ASN D 63 4.47 8.27 1.33
N ASP D 64 3.34 8.69 1.83
CA ASP D 64 2.20 8.92 0.95
C ASP D 64 2.49 10.10 0.02
N LEU D 65 3.10 11.18 0.50
CA LEU D 65 3.47 12.30 -0.35
C LEU D 65 4.50 11.84 -1.38
N LYS D 66 5.53 11.10 -0.96
CA LYS D 66 6.53 10.59 -1.89
C LYS D 66 5.86 9.77 -3.00
N ALA D 67 4.85 8.99 -2.64
CA ALA D 67 4.06 8.14 -3.53
C ALA D 67 3.29 9.00 -4.51
N LYS D 68 2.63 10.06 -4.02
CA LYS D 68 1.90 10.94 -4.94
C LYS D 68 2.90 11.58 -5.87
N LEU D 69 4.05 12.04 -5.40
CA LEU D 69 5.07 12.60 -6.26
C LEU D 69 5.51 11.65 -7.36
N ASN D 70 5.90 10.41 -7.08
CA ASN D 70 6.39 9.51 -8.12
C ASN D 70 5.40 9.12 -9.21
N GLU D 71 4.09 9.30 -9.02
CA GLU D 71 3.08 9.00 -10.01
C GLU D 71 2.80 10.20 -10.93
N GLU D 72 3.40 11.36 -10.68
CA GLU D 72 3.08 12.57 -11.41
C GLU D 72 4.17 13.15 -12.27
N TYR D 73 5.34 12.55 -12.50
CA TYR D 73 6.37 13.18 -13.30
C TYR D 73 6.02 13.20 -14.78
N GLU D 74 5.14 12.32 -15.24
CA GLU D 74 4.75 12.35 -16.65
C GLU D 74 3.96 13.62 -16.96
N VAL D 75 4.24 14.22 -18.09
CA VAL D 75 3.57 15.39 -18.62
C VAL D 75 3.18 14.91 -20.03
N PRO D 76 2.13 15.50 -20.57
CA PRO D 76 1.66 15.11 -21.89
C PRO D 76 2.76 15.38 -22.88
N GLN D 77 2.86 14.62 -23.95
CA GLN D 77 3.88 14.78 -24.97
C GLN D 77 3.79 16.07 -25.76
N GLU D 78 2.62 16.71 -25.82
CA GLU D 78 2.48 17.98 -26.54
C GLU D 78 3.24 19.09 -25.80
N VAL D 79 3.30 18.97 -24.46
CA VAL D 79 4.13 19.95 -23.76
C VAL D 79 5.59 19.84 -24.13
N LEU D 80 6.19 18.63 -24.08
CA LEU D 80 7.57 18.48 -24.54
C LEU D 80 7.68 18.80 -26.02
N ASP D 81 6.66 18.45 -26.83
CA ASP D 81 6.68 18.80 -28.25
C ASP D 81 6.78 20.30 -28.41
N THR D 82 6.02 21.04 -27.61
CA THR D 82 6.06 22.49 -27.60
C THR D 82 7.41 23.05 -27.19
N ILE D 83 8.03 22.53 -26.12
CA ILE D 83 9.34 23.03 -25.70
C ILE D 83 10.36 22.74 -26.80
N TYR D 84 10.25 21.57 -27.43
CA TYR D 84 11.25 21.26 -28.49
C TYR D 84 10.99 22.21 -29.63
N LEU D 85 9.76 22.46 -30.08
CA LEU D 85 9.46 23.48 -31.04
C LEU D 85 10.04 24.86 -30.76
N MET D 86 10.23 25.32 -29.53
CA MET D 86 10.83 26.64 -29.32
C MET D 86 12.32 26.62 -29.61
N PRO D 87 12.92 27.78 -29.88
CA PRO D 87 14.33 27.88 -30.22
C PRO D 87 15.26 27.46 -29.11
N LYS D 88 16.32 26.77 -29.51
CA LYS D 88 17.37 26.25 -28.65
C LYS D 88 18.06 27.34 -27.85
N GLU D 89 18.02 28.57 -28.31
CA GLU D 89 18.64 29.70 -27.65
C GLU D 89 17.68 30.46 -26.73
N ALA D 90 16.41 30.04 -26.71
CA ALA D 90 15.48 30.72 -25.84
C ALA D 90 16.08 30.72 -24.44
N ASP D 91 15.81 31.77 -23.72
CA ASP D 91 15.96 32.01 -22.32
C ASP D 91 15.24 30.85 -21.61
N ALA D 92 15.84 30.20 -20.62
CA ALA D 92 15.20 29.06 -19.98
C ALA D 92 13.85 29.34 -19.34
N ILE D 93 13.68 30.45 -18.63
CA ILE D 93 12.44 30.84 -17.98
C ILE D 93 11.36 30.99 -19.06
N GLY D 94 11.85 31.53 -20.17
CA GLY D 94 11.08 31.67 -21.40
C GLY D 94 10.45 30.34 -21.78
N LEU D 95 11.20 29.23 -21.81
CA LEU D 95 10.59 27.95 -22.17
C LEU D 95 9.72 27.41 -21.07
N LEU D 96 10.04 27.81 -19.85
CA LEU D 96 9.34 27.37 -18.65
C LEU D 96 7.92 27.89 -18.71
N GLU D 97 7.73 29.17 -18.92
CA GLU D 97 6.51 29.88 -19.23
C GLU D 97 5.64 29.14 -20.26
N VAL D 98 6.28 28.82 -21.39
CA VAL D 98 5.59 28.06 -22.42
C VAL D 98 5.08 26.70 -21.94
N GLY D 99 5.89 25.98 -21.17
CA GLY D 99 5.49 24.69 -20.60
C GLY D 99 4.30 24.85 -19.67
N THR D 100 4.40 25.75 -18.70
CA THR D 100 3.31 26.00 -17.77
C THR D 100 2.07 26.52 -18.51
N ALA D 101 2.27 27.49 -19.42
CA ALA D 101 1.18 27.96 -20.25
C ALA D 101 0.51 26.77 -20.94
N ALA D 102 1.28 25.94 -21.64
CA ALA D 102 0.70 24.77 -22.31
C ALA D 102 0.00 23.85 -21.32
N LEU D 103 0.64 23.62 -20.16
CA LEU D 103 0.04 22.73 -19.18
C LEU D 103 -1.30 23.34 -18.80
N ALA D 104 -1.41 24.65 -18.59
CA ALA D 104 -2.68 25.31 -18.29
C ALA D 104 -3.80 24.98 -19.27
N SER D 105 -3.56 25.02 -20.58
CA SER D 105 -4.57 24.70 -21.55
C SER D 105 -4.95 23.24 -21.60
N ILE D 106 -4.06 22.30 -21.30
CA ILE D 106 -4.45 20.88 -21.40
C ILE D 106 -5.27 20.47 -20.19
N ASP D 107 -5.11 21.18 -19.10
CA ASP D 107 -5.74 20.90 -17.82
C ASP D 107 -7.15 21.40 -17.67
N LYS D 108 -8.08 20.65 -18.24
CA LYS D 108 -9.49 20.91 -18.26
C LYS D 108 -10.19 20.75 -16.92
N ASN D 109 -9.75 19.84 -16.07
CA ASN D 109 -10.48 19.62 -14.83
C ASN D 109 -9.91 20.26 -13.57
N PHE D 110 -10.10 21.58 -13.42
CA PHE D 110 -9.61 22.22 -12.21
C PHE D 110 -10.65 23.12 -11.56
N LYS D 111 -10.66 23.04 -10.23
CA LYS D 111 -11.62 23.82 -9.46
C LYS D 111 -11.01 24.11 -8.11
N TRP D 112 -10.68 25.38 -7.87
CA TRP D 112 -10.18 25.82 -6.58
C TRP D 112 -11.04 25.18 -5.50
N LYS D 113 -10.43 24.88 -4.38
CA LYS D 113 -11.03 24.28 -3.21
C LYS D 113 -11.51 22.85 -3.32
N GLU D 114 -11.35 22.09 -4.40
CA GLU D 114 -11.73 20.69 -4.38
C GLU D 114 -10.56 19.95 -3.70
N ASN D 115 -9.37 19.96 -4.30
CA ASN D 115 -8.22 19.33 -3.65
C ASN D 115 -6.92 20.00 -4.08
N ASP D 116 -6.67 21.18 -3.59
CA ASP D 116 -5.53 22.02 -3.85
C ASP D 116 -4.17 21.45 -3.56
N LYS D 117 -4.02 20.83 -2.39
CA LYS D 117 -2.74 20.26 -1.98
C LYS D 117 -2.33 19.16 -2.96
N GLU D 118 -3.29 18.25 -3.18
CA GLU D 118 -3.08 17.16 -4.13
C GLU D 118 -2.70 17.79 -5.47
N LYS D 119 -3.48 18.75 -5.96
CA LYS D 119 -3.13 19.42 -7.19
C LYS D 119 -1.74 20.04 -7.12
N ALA D 120 -1.45 20.76 -6.04
CA ALA D 120 -0.12 21.37 -5.90
C ALA D 120 0.97 20.30 -5.98
N ILE D 121 0.84 19.12 -5.37
CA ILE D 121 1.84 18.07 -5.44
C ILE D 121 2.17 17.63 -6.85
N SER D 122 1.23 17.32 -7.72
CA SER D 122 1.64 16.96 -9.08
C SER D 122 2.34 18.10 -9.81
N ILE D 123 1.99 19.35 -9.50
CA ILE D 123 2.65 20.46 -10.20
C ILE D 123 4.11 20.45 -9.75
N ILE D 124 4.41 20.27 -8.47
CA ILE D 124 5.82 20.19 -8.09
C ILE D 124 6.55 19.12 -8.90
N ALA D 125 5.94 17.95 -9.09
CA ALA D 125 6.41 16.83 -9.87
C ALA D 125 6.63 17.25 -11.31
N LYS D 126 5.56 17.76 -11.93
CA LYS D 126 5.65 18.18 -13.33
C LYS D 126 6.68 19.28 -13.57
N MET D 127 6.90 20.11 -12.56
CA MET D 127 7.87 21.19 -12.63
C MET D 127 9.27 20.63 -12.74
N ALA D 128 9.59 19.57 -11.99
CA ALA D 128 10.89 18.92 -12.14
C ALA D 128 11.10 18.46 -13.60
N THR D 129 10.11 17.75 -14.14
CA THR D 129 10.13 17.26 -15.52
C THR D 129 10.36 18.40 -16.50
N LEU D 130 9.63 19.51 -16.32
CA LEU D 130 9.80 20.66 -17.21
C LEU D 130 11.19 21.23 -17.10
N VAL D 131 11.68 21.46 -15.89
CA VAL D 131 13.01 22.05 -15.68
C VAL D 131 14.08 21.15 -16.25
N ALA D 132 13.95 19.84 -16.14
CA ALA D 132 14.92 18.89 -16.70
C ALA D 132 14.96 18.95 -18.22
N ASN D 133 13.81 18.86 -18.88
CA ASN D 133 13.73 18.90 -20.34
C ASN D 133 13.95 20.26 -20.96
N VAL D 134 13.78 21.34 -20.21
CA VAL D 134 14.13 22.69 -20.69
C VAL D 134 15.66 22.69 -20.81
N TYR D 135 16.32 22.10 -19.83
CA TYR D 135 17.76 21.97 -19.85
C TYR D 135 18.19 21.07 -20.99
N ARG D 136 17.64 19.85 -21.03
CA ARG D 136 17.99 18.91 -22.08
C ARG D 136 17.77 19.53 -23.46
N ARG D 137 16.60 20.17 -23.62
CA ARG D 137 16.29 20.88 -24.82
C ARG D 137 17.37 21.91 -25.13
N LYS D 138 17.87 22.71 -24.21
CA LYS D 138 18.87 23.71 -24.56
C LYS D 138 20.25 23.15 -24.90
N GLU D 139 20.44 21.84 -24.72
CA GLU D 139 21.71 21.18 -25.02
C GLU D 139 21.57 20.38 -26.30
N GLY D 140 20.34 20.07 -26.68
CA GLY D 140 20.07 19.31 -27.86
C GLY D 140 19.71 17.86 -27.57
N ASN D 141 19.72 17.47 -26.30
CA ASN D 141 19.45 16.09 -25.93
C ASN D 141 17.97 15.79 -26.10
N LYS D 142 17.66 14.51 -26.20
CA LYS D 142 16.30 14.04 -26.34
C LYS D 142 15.66 14.20 -24.98
N PRO D 143 14.35 14.37 -24.92
CA PRO D 143 13.66 14.52 -23.67
C PRO D 143 13.82 13.34 -22.73
N ARG D 144 13.85 13.62 -21.43
CA ARG D 144 13.81 12.52 -20.48
C ARG D 144 12.93 12.82 -19.28
N ILE D 145 12.01 11.90 -19.02
CA ILE D 145 11.07 11.96 -17.91
C ILE D 145 11.59 11.31 -16.63
N PRO D 146 11.66 12.10 -15.56
CA PRO D 146 12.08 11.59 -14.26
C PRO D 146 11.29 10.34 -13.87
N GLU D 147 11.93 9.47 -13.06
CA GLU D 147 11.31 8.26 -12.56
C GLU D 147 11.20 8.14 -11.06
N PRO D 148 10.39 7.22 -10.61
CA PRO D 148 10.25 6.94 -9.20
C PRO D 148 11.65 6.63 -8.64
N SER D 149 11.89 7.20 -7.46
CA SER D 149 13.20 7.09 -6.82
C SER D 149 12.99 7.33 -5.34
N ASP D 150 13.98 7.28 -4.45
CA ASP D 150 13.71 7.47 -3.05
C ASP D 150 13.60 8.97 -2.72
N SER D 151 14.04 9.83 -3.62
CA SER D 151 13.91 11.24 -3.37
C SER D 151 13.56 11.97 -4.67
N PHE D 152 13.16 13.20 -4.46
CA PHE D 152 12.90 14.13 -5.55
C PHE D 152 14.21 14.62 -6.12
N ALA D 153 15.21 14.94 -5.27
CA ALA D 153 16.47 15.42 -5.84
C ALA D 153 17.00 14.36 -6.81
N LYS D 154 17.17 13.09 -6.38
CA LYS D 154 17.65 12.05 -7.26
C LYS D 154 16.85 11.98 -8.56
N SER D 155 15.53 11.79 -8.48
CA SER D 155 14.72 11.77 -9.69
C SER D 155 14.95 13.02 -10.52
N PHE D 156 15.08 14.20 -9.96
CA PHE D 156 15.45 15.34 -10.80
C PHE D 156 16.84 15.19 -11.35
N LEU D 157 17.83 14.65 -10.65
CA LEU D 157 19.22 14.56 -11.15
C LEU D 157 19.44 13.54 -12.26
N LEU D 158 18.78 12.40 -12.12
CA LEU D 158 18.80 11.34 -13.10
C LEU D 158 18.28 11.79 -14.46
N ALA D 159 17.19 12.54 -14.40
CA ALA D 159 16.53 13.03 -15.61
C ALA D 159 17.40 14.03 -16.35
N SER D 160 18.09 14.87 -15.54
CA SER D 160 18.89 15.90 -16.13
C SER D 160 20.20 15.46 -16.75
N PHE D 161 20.95 14.65 -16.01
CA PHE D 161 22.27 14.25 -16.50
C PHE D 161 22.25 12.81 -16.98
N ALA D 162 21.22 12.02 -16.66
CA ALA D 162 21.24 10.62 -17.12
C ALA D 162 22.48 9.89 -16.60
N ARG D 163 22.88 10.13 -15.37
CA ARG D 163 24.03 9.54 -14.71
C ARG D 163 23.66 9.41 -13.23
N GLU D 164 24.26 8.44 -12.57
CA GLU D 164 23.94 8.28 -11.15
C GLU D 164 24.59 9.39 -10.33
N PRO D 165 23.76 10.06 -9.56
CA PRO D 165 24.24 11.15 -8.72
C PRO D 165 24.85 10.54 -7.48
N THR D 166 25.90 11.19 -6.99
CA THR D 166 26.49 10.74 -5.73
C THR D 166 25.49 11.19 -4.67
N THR D 167 25.62 10.71 -3.46
CA THR D 167 24.82 11.05 -2.30
C THR D 167 25.04 12.51 -1.92
N ASP D 168 26.24 13.05 -2.18
CA ASP D 168 26.56 14.41 -1.85
C ASP D 168 25.79 15.34 -2.79
N GLU D 169 25.74 14.88 -4.04
CA GLU D 169 25.03 15.58 -5.09
C GLU D 169 23.54 15.52 -4.82
N ILE D 170 22.99 14.37 -4.47
CA ILE D 170 21.59 14.28 -4.15
C ILE D 170 21.27 15.22 -2.98
N ASN D 171 22.13 15.37 -1.99
CA ASN D 171 21.88 16.18 -0.81
C ASN D 171 22.03 17.68 -1.03
N ALA D 172 22.87 18.12 -1.94
CA ALA D 172 23.01 19.55 -2.18
C ALA D 172 21.77 20.03 -2.95
N MET D 173 21.23 19.16 -3.80
CA MET D 173 20.05 19.49 -4.58
C MET D 173 18.86 19.59 -3.59
N ASP D 174 18.70 18.55 -2.80
CA ASP D 174 17.67 18.49 -1.78
C ASP D 174 17.66 19.72 -0.89
N LYS D 175 18.75 20.13 -0.27
CA LYS D 175 18.81 21.29 0.58
C LYS D 175 18.70 22.58 -0.25
N ALA D 176 19.17 22.55 -1.50
CA ALA D 176 19.02 23.72 -2.38
C ALA D 176 17.53 23.96 -2.60
N LEU D 177 16.73 22.90 -2.74
CA LEU D 177 15.29 23.04 -2.85
C LEU D 177 14.66 23.64 -1.59
N ILE D 178 15.01 23.14 -0.40
CA ILE D 178 14.54 23.66 0.85
C ILE D 178 14.96 25.13 1.00
N LEU D 179 16.21 25.54 0.79
CA LEU D 179 16.63 26.90 0.98
C LEU D 179 15.94 27.97 0.14
N TYR D 180 15.61 27.66 -1.11
CA TYR D 180 15.03 28.68 -1.97
C TYR D 180 13.51 28.56 -1.97
N THR D 181 12.86 27.80 -1.10
CA THR D 181 11.42 27.60 -1.16
C THR D 181 10.57 28.86 -1.09
N ASP D 182 10.93 29.73 -0.15
CA ASP D 182 10.18 30.95 0.04
C ASP D 182 10.94 32.04 0.77
N HIS D 183 10.85 33.26 0.26
CA HIS D 183 11.44 34.41 0.91
C HIS D 183 10.73 35.67 0.45
N GLU D 184 10.14 36.44 1.36
CA GLU D 184 9.46 37.69 1.04
C GLU D 184 8.36 37.57 0.01
N VAL D 185 7.86 38.65 -0.60
CA VAL D 185 6.90 38.57 -1.70
C VAL D 185 7.42 39.37 -2.90
N PRO D 186 8.32 38.79 -3.69
CA PRO D 186 8.88 39.46 -4.86
C PRO D 186 7.88 39.62 -6.00
N ALA D 187 8.32 40.09 -7.17
CA ALA D 187 7.38 40.29 -8.27
C ALA D 187 6.67 39.02 -8.66
N SER D 188 7.43 37.92 -8.75
CA SER D 188 6.86 36.64 -9.19
C SER D 188 5.78 36.11 -8.27
N THR D 189 5.94 36.24 -6.97
CA THR D 189 4.85 35.76 -6.08
C THR D 189 3.64 36.70 -6.13
N THR D 190 3.88 37.99 -6.39
CA THR D 190 2.85 38.99 -6.57
C THR D 190 2.07 38.69 -7.83
N ALA D 191 2.71 38.43 -8.95
CA ALA D 191 2.04 38.08 -10.20
C ALA D 191 1.19 36.83 -10.04
N ALA D 192 1.67 35.87 -9.27
CA ALA D 192 0.96 34.63 -9.02
C ALA D 192 -0.32 34.93 -8.23
N LEU D 193 -0.18 35.72 -7.18
CA LEU D 193 -1.29 36.10 -6.30
C LEU D 193 -2.34 36.92 -7.05
N VAL D 194 -1.88 37.81 -7.93
CA VAL D 194 -2.81 38.62 -8.70
C VAL D 194 -3.67 37.70 -9.56
N ALA D 195 -3.07 36.70 -10.16
CA ALA D 195 -3.75 35.76 -11.06
C ALA D 195 -4.58 34.73 -10.34
N ALA D 196 -4.25 34.25 -9.15
CA ALA D 196 -5.12 33.36 -8.38
C ALA D 196 -6.29 34.17 -7.78
N SER D 197 -6.10 35.50 -7.64
CA SER D 197 -7.15 36.36 -7.17
C SER D 197 -8.35 36.29 -8.10
N THR D 198 -8.19 36.05 -9.40
CA THR D 198 -9.34 35.95 -10.28
C THR D 198 -9.91 34.54 -10.38
N LEU D 199 -9.38 33.58 -9.64
CA LEU D 199 -9.58 32.18 -9.61
C LEU D 199 -9.10 31.43 -10.86
N SER D 200 -8.03 31.94 -11.45
CA SER D 200 -7.37 31.31 -12.57
C SER D 200 -6.75 30.00 -12.05
N ASP D 201 -6.47 29.05 -12.94
CA ASP D 201 -5.89 27.77 -12.50
C ASP D 201 -4.45 27.89 -12.04
N MET D 202 -3.95 26.93 -11.28
CA MET D 202 -2.59 27.01 -10.72
C MET D 202 -1.47 27.11 -11.71
N TYR D 203 -1.49 26.49 -12.88
CA TYR D 203 -0.48 26.59 -13.90
C TYR D 203 -0.38 28.00 -14.50
N SER D 204 -1.52 28.69 -14.62
CA SER D 204 -1.62 30.05 -15.12
C SER D 204 -0.99 31.01 -14.11
N SER D 205 -1.26 30.81 -12.82
CA SER D 205 -0.60 31.64 -11.82
C SER D 205 0.92 31.40 -11.86
N LEU D 206 1.34 30.15 -12.07
CA LEU D 206 2.78 29.91 -12.16
C LEU D 206 3.29 30.62 -13.42
N THR D 207 2.57 30.51 -14.54
CA THR D 207 2.97 31.23 -15.76
C THR D 207 3.20 32.71 -15.52
N ALA D 208 2.37 33.38 -14.76
CA ALA D 208 2.50 34.79 -14.41
C ALA D 208 3.72 35.01 -13.53
N ALA D 209 3.93 34.15 -12.55
CA ALA D 209 5.07 34.20 -11.64
C ALA D 209 6.36 34.16 -12.47
N LEU D 210 6.43 33.16 -13.34
CA LEU D 210 7.50 32.93 -14.27
C LEU D 210 7.68 34.11 -15.20
N ALA D 211 6.62 34.75 -15.68
CA ALA D 211 6.68 35.94 -16.53
C ALA D 211 7.37 37.10 -15.81
N ALA D 212 7.03 37.27 -14.52
CA ALA D 212 7.72 38.35 -13.80
C ALA D 212 9.16 37.93 -13.55
N LEU D 213 9.38 36.62 -13.27
CA LEU D 213 10.72 36.14 -12.98
C LEU D 213 11.74 36.38 -14.08
N LYS D 214 11.34 36.26 -15.32
CA LYS D 214 12.10 36.49 -16.52
C LYS D 214 12.73 37.87 -16.62
N GLY D 215 12.17 38.89 -16.02
CA GLY D 215 12.75 40.22 -16.12
C GLY D 215 14.03 40.29 -15.30
N PRO D 216 15.07 40.90 -15.84
CA PRO D 216 16.35 41.03 -15.19
C PRO D 216 16.39 41.82 -13.92
N LEU D 217 15.35 42.23 -13.23
CA LEU D 217 15.40 42.97 -11.97
C LEU D 217 14.81 42.01 -10.92
N HIS D 218 14.37 40.87 -11.46
CA HIS D 218 13.84 39.82 -10.62
C HIS D 218 14.86 38.67 -10.70
N GLY D 219 14.93 37.99 -11.83
CA GLY D 219 15.76 36.85 -12.10
C GLY D 219 17.20 37.23 -12.43
N GLY D 220 18.03 36.22 -12.61
CA GLY D 220 19.43 36.44 -12.87
C GLY D 220 20.26 36.88 -11.68
N ALA D 221 19.88 36.81 -10.43
CA ALA D 221 20.78 37.26 -9.37
C ALA D 221 22.01 36.37 -9.21
N ALA D 222 21.81 35.04 -9.27
CA ALA D 222 22.81 34.02 -9.10
C ALA D 222 23.83 34.12 -10.23
N GLU D 223 23.33 34.34 -11.45
CA GLU D 223 24.19 34.46 -12.62
C GLU D 223 25.13 35.64 -12.46
N GLU D 224 24.54 36.79 -12.14
CA GLU D 224 25.30 38.01 -11.89
C GLU D 224 26.38 37.81 -10.83
N ALA D 225 26.09 37.12 -9.75
CA ALA D 225 27.13 36.90 -8.74
C ALA D 225 28.22 35.99 -9.28
N PHE D 226 27.83 34.91 -9.96
CA PHE D 226 28.75 33.93 -10.49
C PHE D 226 29.71 34.51 -11.52
N LYS D 227 29.20 35.47 -12.28
CA LYS D 227 29.97 36.14 -13.33
C LYS D 227 31.12 36.96 -12.79
N GLN D 228 31.10 37.51 -11.58
CA GLN D 228 32.28 38.25 -11.13
C GLN D 228 33.44 37.24 -11.02
N PHE D 229 33.16 36.11 -10.36
CA PHE D 229 34.17 35.07 -10.20
C PHE D 229 34.83 34.78 -11.53
N ILE D 230 34.02 34.39 -12.51
CA ILE D 230 34.49 34.08 -13.84
C ILE D 230 35.40 35.21 -14.32
N GLU D 231 34.93 36.44 -14.22
CA GLU D 231 35.68 37.61 -14.64
C GLU D 231 37.02 37.60 -13.96
N ILE D 232 37.07 37.52 -12.64
CA ILE D 232 38.31 37.50 -11.87
C ILE D 232 39.21 36.35 -12.30
N GLY D 233 38.63 35.24 -12.70
CA GLY D 233 39.19 34.05 -13.21
C GLY D 233 40.25 33.27 -12.49
N ASP D 234 41.06 33.89 -11.63
CA ASP D 234 42.12 33.20 -10.94
C ASP D 234 42.13 33.67 -9.50
N PRO D 235 42.23 32.73 -8.56
CA PRO D 235 42.25 33.07 -7.15
C PRO D 235 43.23 34.20 -6.88
N ASN D 236 44.37 34.19 -7.56
CA ASN D 236 45.43 35.16 -7.44
C ASN D 236 45.12 36.57 -7.92
N ARG D 237 44.10 36.78 -8.74
CA ARG D 237 43.77 38.14 -9.16
C ARG D 237 42.88 38.87 -8.17
N VAL D 238 42.04 38.18 -7.41
CA VAL D 238 41.12 38.69 -6.41
C VAL D 238 41.49 39.97 -5.71
N GLN D 239 42.58 40.07 -4.97
CA GLN D 239 42.94 41.30 -4.25
C GLN D 239 43.26 42.45 -5.22
N ASN D 240 43.77 42.15 -6.41
CA ASN D 240 43.99 43.24 -7.37
C ASN D 240 42.59 43.80 -7.68
N TRP D 241 41.82 42.93 -8.32
CA TRP D 241 40.45 43.23 -8.70
C TRP D 241 39.68 43.94 -7.60
N PHE D 242 39.61 43.34 -6.41
CA PHE D 242 38.88 43.91 -5.30
C PHE D 242 39.27 45.37 -5.09
N ASN D 243 40.55 45.64 -4.89
CA ASN D 243 41.04 47.01 -4.67
C ASN D 243 40.65 47.92 -5.83
N ASP D 244 40.84 47.49 -7.07
CA ASP D 244 40.46 48.27 -8.23
C ASP D 244 38.94 48.46 -8.25
N LYS D 245 38.25 47.42 -8.69
CA LYS D 245 36.81 47.43 -8.81
C LYS D 245 36.08 47.73 -7.51
N VAL D 246 36.30 47.00 -6.43
CA VAL D 246 35.50 47.36 -5.26
C VAL D 246 36.00 48.63 -4.60
N VAL D 247 37.06 48.54 -3.82
CA VAL D 247 37.61 49.62 -3.03
C VAL D 247 37.95 50.94 -3.69
N ASN D 248 38.29 51.05 -4.97
CA ASN D 248 38.60 52.39 -5.46
C ASN D 248 37.49 52.90 -6.37
N GLN D 249 36.86 52.04 -7.17
CA GLN D 249 35.73 52.45 -8.01
C GLN D 249 34.41 52.49 -7.26
N LYS D 250 34.45 52.08 -5.99
CA LYS D 250 33.34 52.02 -5.07
C LYS D 250 32.10 51.37 -5.67
N ASN D 251 32.28 50.32 -6.49
CA ASN D 251 31.15 49.63 -7.06
C ASN D 251 30.67 48.73 -5.89
N ARG D 252 29.45 48.22 -6.01
CA ARG D 252 28.97 47.32 -4.96
C ARG D 252 29.29 45.90 -5.42
N LEU D 253 29.30 44.96 -4.48
CA LEU D 253 29.62 43.57 -4.71
C LEU D 253 28.42 42.68 -4.96
N MET D 254 28.31 42.08 -6.14
CA MET D 254 27.24 41.16 -6.46
C MET D 254 27.39 39.93 -5.56
N GLY D 255 26.31 39.51 -4.95
CA GLY D 255 26.28 38.42 -3.99
C GLY D 255 26.28 39.02 -2.59
N PHE D 256 26.51 40.32 -2.41
CA PHE D 256 26.51 40.94 -1.09
C PHE D 256 25.34 41.87 -0.86
N GLY D 257 25.02 42.17 0.40
CA GLY D 257 23.94 43.08 0.77
C GLY D 257 22.58 42.45 0.65
N HIS D 258 21.58 42.97 1.36
CA HIS D 258 20.23 42.47 1.38
C HIS D 258 19.32 43.59 1.91
N ARG D 259 18.09 43.65 1.43
CA ARG D 259 17.07 44.61 1.77
C ARG D 259 16.61 44.53 3.22
N VAL D 260 16.58 43.32 3.76
CA VAL D 260 16.15 42.95 5.08
C VAL D 260 17.28 42.47 6.00
N TYR D 261 18.09 41.48 5.56
CA TYR D 261 19.15 40.96 6.40
C TYR D 261 20.24 41.97 6.71
N LYS D 262 20.56 42.05 7.98
CA LYS D 262 21.57 43.03 8.45
C LYS D 262 22.81 42.29 8.95
N THR D 263 22.82 41.01 8.57
CA THR D 263 23.87 40.11 9.01
C THR D 263 24.00 39.01 7.97
N TYR D 264 24.82 38.02 8.23
CA TYR D 264 24.96 36.92 7.26
C TYR D 264 23.59 36.35 6.97
N ASP D 265 23.29 35.93 5.76
CA ASP D 265 22.02 35.32 5.38
C ASP D 265 22.10 33.84 5.77
N PRO D 266 21.10 33.40 6.52
CA PRO D 266 21.05 32.06 7.07
C PRO D 266 21.28 31.01 6.01
N ARG D 267 20.67 31.19 4.86
CA ARG D 267 20.76 30.24 3.77
C ARG D 267 22.04 30.37 2.98
N ALA D 268 22.84 31.41 3.23
CA ALA D 268 24.11 31.61 2.54
C ALA D 268 25.14 30.66 3.19
N LYS D 269 25.12 30.63 4.52
CA LYS D 269 25.95 29.77 5.32
C LYS D 269 25.80 28.32 4.83
N ILE D 270 24.57 27.86 4.66
CA ILE D 270 24.30 26.51 4.20
C ILE D 270 24.70 26.29 2.76
N PHE D 271 24.56 27.25 1.83
CA PHE D 271 24.97 27.05 0.45
C PHE D 271 26.48 26.87 0.45
N LYS D 272 27.17 27.62 1.33
CA LYS D 272 28.60 27.51 1.41
C LYS D 272 29.05 26.09 1.83
N LYS D 273 28.43 25.53 2.85
CA LYS D 273 28.82 24.20 3.31
C LYS D 273 28.56 23.19 2.22
N LEU D 274 27.42 23.18 1.55
CA LEU D 274 27.15 22.26 0.46
C LEU D 274 28.15 22.38 -0.69
N ALA D 275 28.62 23.57 -1.03
CA ALA D 275 29.55 23.79 -2.13
C ALA D 275 30.90 23.13 -1.81
N LEU D 276 31.28 23.25 -0.53
CA LEU D 276 32.49 22.64 0.01
C LEU D 276 32.47 21.12 -0.14
N THR D 277 31.32 20.49 -0.18
CA THR D 277 31.06 19.09 -0.36
C THR D 277 31.20 18.64 -1.81
N LEU D 278 30.99 19.52 -2.78
CA LEU D 278 30.98 19.10 -4.17
C LEU D 278 32.13 19.58 -5.02
N ILE D 279 32.91 20.53 -4.54
CA ILE D 279 34.02 21.06 -5.31
C ILE D 279 35.21 20.12 -5.35
N GLU D 280 35.23 19.03 -4.59
CA GLU D 280 36.22 17.98 -4.65
C GLU D 280 36.24 17.28 -6.01
N ARG D 281 35.16 17.26 -6.77
CA ARG D 281 35.10 16.60 -8.06
C ARG D 281 34.93 17.53 -9.26
N ASN D 282 34.48 18.76 -9.07
CA ASN D 282 34.37 19.68 -10.22
C ASN D 282 35.54 20.64 -10.04
N ALA D 283 36.53 20.46 -10.91
CA ALA D 283 37.76 21.24 -10.87
C ALA D 283 37.57 22.72 -11.17
N ASP D 284 36.64 23.01 -12.08
CA ASP D 284 36.29 24.38 -12.40
C ASP D 284 35.59 25.05 -11.22
N ALA D 285 34.69 24.28 -10.62
CA ALA D 285 33.93 24.74 -9.47
C ALA D 285 34.88 25.09 -8.34
N ARG D 286 35.95 24.32 -8.17
CA ARG D 286 36.90 24.53 -7.08
C ARG D 286 37.65 25.85 -7.25
N ARG D 287 37.98 26.17 -8.50
CA ARG D 287 38.65 27.41 -8.87
C ARG D 287 37.75 28.60 -8.52
N TYR D 288 36.49 28.52 -8.93
CA TYR D 288 35.50 29.54 -8.64
C TYR D 288 35.19 29.63 -7.15
N PHE D 289 35.21 28.46 -6.48
CA PHE D 289 35.00 28.44 -5.06
C PHE D 289 36.13 29.16 -4.32
N GLU D 290 37.38 28.92 -4.74
CA GLU D 290 38.52 29.57 -4.10
C GLU D 290 38.48 31.07 -4.31
N ILE D 291 38.12 31.55 -5.49
CA ILE D 291 37.93 32.97 -5.75
C ILE D 291 36.77 33.57 -4.96
N ALA D 292 35.67 32.85 -4.84
CA ALA D 292 34.53 33.34 -4.08
C ALA D 292 34.86 33.40 -2.60
N GLN D 293 35.66 32.46 -2.10
CA GLN D 293 36.03 32.50 -0.68
C GLN D 293 37.02 33.62 -0.38
N LYS D 294 37.94 33.96 -1.29
CA LYS D 294 38.86 35.06 -1.03
C LYS D 294 38.06 36.37 -0.96
N LEU D 295 37.30 36.53 -2.03
CA LEU D 295 36.37 37.64 -2.23
C LEU D 295 35.49 37.88 -1.00
N GLU D 296 34.88 36.78 -0.54
CA GLU D 296 34.03 36.82 0.62
C GLU D 296 34.70 37.52 1.79
N GLU D 297 35.89 37.08 2.15
CA GLU D 297 36.63 37.65 3.28
C GLU D 297 37.06 39.10 3.09
N LEU D 298 37.48 39.42 1.86
CA LEU D 298 37.78 40.81 1.54
C LEU D 298 36.51 41.62 1.84
N GLY D 299 35.42 41.26 1.17
CA GLY D 299 34.13 41.89 1.34
C GLY D 299 33.69 42.07 2.78
N ILE D 300 33.81 41.00 3.56
CA ILE D 300 33.38 41.04 4.95
C ILE D 300 34.15 42.08 5.72
N LYS D 301 35.45 42.16 5.48
CA LYS D 301 36.33 43.13 6.13
C LYS D 301 35.78 44.52 5.97
N GLN D 302 35.71 44.96 4.72
CA GLN D 302 35.16 46.21 4.30
C GLN D 302 33.71 46.54 4.63
N PHE D 303 32.75 45.65 4.38
CA PHE D 303 31.34 45.97 4.59
C PHE D 303 30.66 45.43 5.82
N SER D 304 31.28 44.68 6.72
CA SER D 304 30.56 44.14 7.88
C SER D 304 30.06 45.28 8.76
N SER D 305 30.92 46.26 9.00
CA SER D 305 30.58 47.44 9.78
C SER D 305 29.21 47.98 9.36
N LYS D 306 29.04 48.26 8.07
CA LYS D 306 27.84 48.78 7.46
C LYS D 306 26.62 47.90 7.31
N GLY D 307 26.57 46.72 7.90
CA GLY D 307 25.43 45.83 7.83
C GLY D 307 25.32 45.13 6.48
N ILE D 308 26.42 45.05 5.72
CA ILE D 308 26.42 44.43 4.42
C ILE D 308 27.18 43.11 4.37
N TYR D 309 26.45 42.00 4.45
CA TYR D 309 27.04 40.67 4.42
C TYR D 309 26.67 39.88 3.19
N PRO D 310 27.19 38.65 3.10
CA PRO D 310 26.98 37.76 1.97
C PRO D 310 25.54 37.27 2.00
N ASN D 311 24.92 37.22 0.83
CA ASN D 311 23.54 36.78 0.81
C ASN D 311 23.57 35.48 0.05
N THR D 312 22.43 34.82 0.01
CA THR D 312 22.20 33.54 -0.64
C THR D 312 22.63 33.45 -2.08
N ASP D 313 22.70 34.54 -2.84
CA ASP D 313 23.11 34.50 -4.24
C ASP D 313 24.60 34.44 -4.44
N PHE D 314 25.39 34.60 -3.39
CA PHE D 314 26.84 34.54 -3.49
C PHE D 314 27.36 33.15 -3.78
N TYR D 315 26.85 32.16 -3.05
CA TYR D 315 27.31 30.79 -3.21
C TYR D 315 26.42 29.78 -3.89
N SER D 316 25.16 30.16 -4.17
CA SER D 316 24.26 29.16 -4.76
C SER D 316 24.62 28.80 -6.19
N GLY D 317 25.20 29.72 -6.92
CA GLY D 317 25.61 29.43 -8.29
C GLY D 317 26.71 28.38 -8.30
N ILE D 318 27.69 28.49 -7.41
CA ILE D 318 28.78 27.51 -7.32
C ILE D 318 28.19 26.12 -7.14
N VAL D 319 27.30 26.00 -6.17
CA VAL D 319 26.61 24.75 -5.90
C VAL D 319 25.96 24.22 -7.16
N PHE D 320 25.14 25.04 -7.82
CA PHE D 320 24.47 24.61 -9.04
C PHE D 320 25.47 24.28 -10.12
N TYR D 321 26.57 24.99 -10.20
CA TYR D 321 27.59 24.74 -11.23
C TYR D 321 28.33 23.45 -10.87
N ALA D 322 28.68 23.32 -9.60
CA ALA D 322 29.31 22.11 -9.08
C ALA D 322 28.43 20.91 -9.35
N LEU D 323 27.10 21.00 -9.33
CA LEU D 323 26.30 19.83 -9.71
C LEU D 323 26.41 19.61 -11.22
N GLY D 324 26.82 20.56 -12.04
CA GLY D 324 26.90 20.35 -13.46
C GLY D 324 25.88 21.16 -14.26
N PHE D 325 25.20 22.14 -13.65
CA PHE D 325 24.27 22.92 -14.48
C PHE D 325 25.05 24.14 -14.96
N PRO D 326 24.84 24.50 -16.21
CA PRO D 326 25.47 25.69 -16.74
C PRO D 326 24.82 26.95 -16.15
N VAL D 327 25.57 28.04 -16.17
CA VAL D 327 25.21 29.36 -15.71
C VAL D 327 23.81 29.74 -16.19
N TYR D 328 23.44 29.43 -17.41
CA TYR D 328 22.13 29.71 -17.98
C TYR D 328 20.96 29.03 -17.26
N MET D 329 21.15 28.06 -16.38
CA MET D 329 20.02 27.37 -15.78
C MET D 329 19.70 27.84 -14.36
N PHE D 330 20.55 28.70 -13.80
CA PHE D 330 20.41 29.18 -12.45
C PHE D 330 19.05 29.73 -12.06
N THR D 331 18.42 30.59 -12.84
CA THR D 331 17.09 31.08 -12.46
C THR D 331 16.08 29.97 -12.54
N ALA D 332 16.15 29.10 -13.52
CA ALA D 332 15.24 27.96 -13.65
C ALA D 332 15.38 27.04 -12.44
N LEU D 333 16.61 26.86 -11.94
CA LEU D 333 16.84 26.08 -10.72
C LEU D 333 16.15 26.72 -9.55
N PHE D 334 16.22 28.04 -9.42
CA PHE D 334 15.52 28.81 -8.41
C PHE D 334 14.02 28.70 -8.60
N ALA D 335 13.50 28.74 -9.82
CA ALA D 335 12.07 28.60 -10.09
C ALA D 335 11.54 27.24 -9.65
N LEU D 336 12.34 26.19 -9.89
CA LEU D 336 11.94 24.84 -9.52
C LEU D 336 11.63 24.73 -8.03
N SER D 337 12.50 25.35 -7.26
CA SER D 337 12.47 25.41 -5.82
C SER D 337 11.44 26.39 -5.26
N ARG D 338 11.31 27.56 -5.92
CA ARG D 338 10.37 28.59 -5.46
C ARG D 338 8.96 28.19 -5.84
N THR D 339 8.75 27.30 -6.79
CA THR D 339 7.43 26.79 -7.15
C THR D 339 6.65 26.35 -5.94
N LEU D 340 7.26 25.77 -4.93
CA LEU D 340 6.58 25.34 -3.72
C LEU D 340 6.07 26.53 -2.90
N GLY D 341 6.84 27.62 -2.85
CA GLY D 341 6.46 28.84 -2.14
C GLY D 341 5.29 29.50 -2.89
N TRP D 342 5.43 29.56 -4.21
CA TRP D 342 4.43 30.15 -5.11
C TRP D 342 3.11 29.41 -4.89
N LEU D 343 3.12 28.08 -4.98
CA LEU D 343 1.89 27.32 -4.77
C LEU D 343 1.41 27.48 -3.34
N ALA D 344 2.27 27.58 -2.35
CA ALA D 344 1.81 27.69 -0.97
C ALA D 344 1.18 29.06 -0.74
N HIS D 345 1.74 30.13 -1.28
CA HIS D 345 1.10 31.42 -1.20
C HIS D 345 -0.27 31.41 -1.88
N ILE D 346 -0.48 31.03 -3.13
CA ILE D 346 -1.81 31.09 -3.73
C ILE D 346 -2.78 30.20 -2.98
N ILE D 347 -2.38 29.00 -2.56
CA ILE D 347 -3.28 28.16 -1.76
C ILE D 347 -3.67 29.00 -0.54
N GLU D 348 -2.71 29.45 0.26
CA GLU D 348 -2.96 30.25 1.44
C GLU D 348 -3.82 31.48 1.13
N TYR D 349 -3.63 32.15 0.00
CA TYR D 349 -4.44 33.31 -0.34
C TYR D 349 -5.86 32.88 -0.67
N VAL D 350 -6.03 31.94 -1.59
CA VAL D 350 -7.33 31.45 -2.02
C VAL D 350 -8.13 30.69 -0.98
N GLU D 351 -7.51 29.92 -0.11
CA GLU D 351 -8.31 29.15 0.83
C GLU D 351 -8.73 29.92 2.06
N GLU D 352 -8.01 30.96 2.47
CA GLU D 352 -8.40 31.66 3.68
C GLU D 352 -8.71 33.14 3.56
N GLN D 353 -8.17 33.87 2.61
CA GLN D 353 -8.34 35.31 2.55
C GLN D 353 -8.67 35.84 1.17
N HIS D 354 -9.49 35.11 0.40
CA HIS D 354 -9.75 35.48 -0.96
C HIS D 354 -10.22 36.91 -1.15
N ARG D 355 -9.68 37.59 -2.14
CA ARG D 355 -10.10 38.94 -2.43
C ARG D 355 -9.62 39.17 -3.86
N LEU D 356 -10.53 39.54 -4.75
CA LEU D 356 -10.04 39.77 -6.12
C LEU D 356 -9.12 40.98 -6.06
N ILE D 357 -7.99 41.03 -6.71
CA ILE D 357 -7.15 42.23 -6.62
C ILE D 357 -7.48 43.26 -7.68
N ARG D 358 -7.84 44.47 -7.30
CA ARG D 358 -8.14 45.61 -8.12
C ARG D 358 -7.58 46.93 -7.59
N PRO D 359 -6.37 47.31 -7.99
CA PRO D 359 -5.76 48.57 -7.59
C PRO D 359 -6.34 49.74 -8.37
N ARG D 360 -5.89 50.95 -8.01
CA ARG D 360 -6.34 52.19 -8.59
C ARG D 360 -5.23 52.90 -9.33
N ALA D 361 -5.59 53.61 -10.39
CA ALA D 361 -4.66 54.42 -11.16
C ALA D 361 -5.11 55.85 -10.88
N LEU D 362 -4.26 56.83 -10.85
CA LEU D 362 -4.73 58.20 -10.61
C LEU D 362 -4.56 59.02 -11.87
N TYR D 363 -5.70 59.42 -12.42
CA TYR D 363 -5.64 60.15 -13.68
C TYR D 363 -5.11 61.57 -13.53
N VAL D 364 -3.88 61.75 -13.98
CA VAL D 364 -3.25 63.06 -14.01
C VAL D 364 -3.48 63.44 -15.48
N GLY D 365 -2.99 64.44 -16.15
CA GLY D 365 -3.43 64.56 -17.55
C GLY D 365 -4.57 65.54 -17.75
N PRO D 366 -4.89 65.77 -19.03
CA PRO D 366 -5.88 66.72 -19.45
C PRO D 366 -7.31 66.43 -19.04
N GLU D 367 -7.94 67.44 -18.44
CA GLU D 367 -9.32 67.33 -18.00
C GLU D 367 -9.88 68.76 -17.95
#